data_1BOY
# 
_entry.id   1BOY 
# 
_audit_conform.dict_name       mmcif_pdbx.dic 
_audit_conform.dict_version    5.398 
_audit_conform.dict_location   http://mmcif.pdb.org/dictionaries/ascii/mmcif_pdbx.dic 
# 
loop_
_database_2.database_id 
_database_2.database_code 
_database_2.pdbx_database_accession 
_database_2.pdbx_DOI 
PDB   1BOY         pdb_00001boy 10.2210/pdb1boy/pdb 
WWPDB D_1000171973 ?            ?                   
# 
loop_
_pdbx_audit_revision_history.ordinal 
_pdbx_audit_revision_history.data_content_type 
_pdbx_audit_revision_history.major_revision 
_pdbx_audit_revision_history.minor_revision 
_pdbx_audit_revision_history.revision_date 
1 'Structure model' 1 0 1996-06-10 
2 'Structure model' 1 1 2008-03-03 
3 'Structure model' 1 2 2011-07-13 
4 'Structure model' 1 3 2024-10-30 
# 
_pdbx_audit_revision_details.ordinal             1 
_pdbx_audit_revision_details.revision_ordinal    1 
_pdbx_audit_revision_details.data_content_type   'Structure model' 
_pdbx_audit_revision_details.provider            repository 
_pdbx_audit_revision_details.type                'Initial release' 
_pdbx_audit_revision_details.description         ? 
_pdbx_audit_revision_details.details             ? 
# 
loop_
_pdbx_audit_revision_group.ordinal 
_pdbx_audit_revision_group.revision_ordinal 
_pdbx_audit_revision_group.data_content_type 
_pdbx_audit_revision_group.group 
1 2 'Structure model' 'Version format compliance' 
2 3 'Structure model' 'Version format compliance' 
3 4 'Structure model' 'Data collection'           
4 4 'Structure model' 'Database references'       
5 4 'Structure model' 'Structure summary'         
# 
loop_
_pdbx_audit_revision_category.ordinal 
_pdbx_audit_revision_category.revision_ordinal 
_pdbx_audit_revision_category.data_content_type 
_pdbx_audit_revision_category.category 
1 4 'Structure model' chem_comp_atom            
2 4 'Structure model' chem_comp_bond            
3 4 'Structure model' database_2                
4 4 'Structure model' pdbx_entry_details        
5 4 'Structure model' pdbx_modification_feature 
# 
loop_
_pdbx_audit_revision_item.ordinal 
_pdbx_audit_revision_item.revision_ordinal 
_pdbx_audit_revision_item.data_content_type 
_pdbx_audit_revision_item.item 
1 4 'Structure model' '_database_2.pdbx_DOI'                
2 4 'Structure model' '_database_2.pdbx_database_accession' 
# 
_pdbx_database_status.status_code                     REL 
_pdbx_database_status.entry_id                        1BOY 
_pdbx_database_status.recvd_initial_deposition_date   1996-01-11 
_pdbx_database_status.deposit_site                    ? 
_pdbx_database_status.process_site                    BNL 
_pdbx_database_status.SG_entry                        . 
_pdbx_database_status.pdb_format_compatible           Y 
_pdbx_database_status.status_code_mr                  ? 
_pdbx_database_status.status_code_sf                  ? 
_pdbx_database_status.status_code_cs                  ? 
_pdbx_database_status.status_code_nmr_data            ? 
_pdbx_database_status.methods_development_category    ? 
# 
loop_
_audit_author.name 
_audit_author.pdbx_ordinal 
'Boys, C.W.G.'      1 
'Tuddenham, E.G.D.' 2 
'Harlos, K.'        3 
# 
loop_
_citation.id 
_citation.title 
_citation.journal_abbrev 
_citation.journal_volume 
_citation.page_first 
_citation.page_last 
_citation.year 
_citation.journal_id_ASTM 
_citation.country 
_citation.journal_id_ISSN 
_citation.journal_id_CSD 
_citation.book_publisher 
_citation.pdbx_database_id_PubMed 
_citation.pdbx_database_id_DOI 
primary 'Crystal structure of the extracellular region of human tissue factor.'                      Nature      370 662  666 1994 
NATUAS UK 0028-0836 0006 ? 8065454 10.1038/370662a0 
1       'Crystallization and Preliminary X-Ray Analysis of Human Tissue Factor Extracellular Domain' J.Mol.Biol. 234 1263 ?   1993 
JMOBAK UK 0022-2836 0070 ? ?       ?                
# 
loop_
_citation_author.citation_id 
_citation_author.name 
_citation_author.ordinal 
_citation_author.identifier_ORCID 
primary 'Harlos, K.'      1  ? 
primary 'Martin, D.M.'    2  ? 
primary 
;O'Brien, D.P.
;
3  ? 
primary 'Jones, E.Y.'     4  ? 
primary 'Stuart, D.I.'    5  ? 
primary 'Polikarpov, I.'  6  ? 
primary 'Miller, A.'      7  ? 
primary 'Tuddenham, E.G.' 8  ? 
primary 'Boys, C.W.'      9  ? 
1       'Boys, C.W.'      10 ? 
1       'Miller, A.'      11 ? 
1       'Harlos, K.'      12 ? 
1       'Martin, D.M.'    13 ? 
1       'Tuddenham, E.G.' 14 ? 
1       
;O'Brien, D.P.
;
15 ? 
# 
loop_
_entity.id 
_entity.type 
_entity.src_method 
_entity.pdbx_description 
_entity.formula_weight 
_entity.pdbx_number_of_molecules 
_entity.pdbx_ec 
_entity.pdbx_mutation 
_entity.pdbx_fragment 
_entity.details 
1 polymer man 'HUMAN TISSUE FACTOR' 24826.512 1   ? ? 'EXTRACELLULAR DOMAIN, RESIDUES 1 - 219' 'TYPE B CRYSTALS' 
2 water   nat water                 18.015    110 ? ? ?                                        ?                 
# 
_entity_name_com.entity_id   1 
_entity_name_com.name        TF 
# 
_entity_poly.entity_id                      1 
_entity_poly.type                           'polypeptide(L)' 
_entity_poly.nstd_linkage                   no 
_entity_poly.nstd_monomer                   no 
_entity_poly.pdbx_seq_one_letter_code       
;SGTTNTVAAYNLTWKSTNFKTILEWEPKPVNQVYTVQISTKSGDWKSKCFYTTDTECDLTDEIVKDVKQTYLARVFSYPA
GNVESTGSAGEPLYENSPEFTPYLETNLGQPTIQSFEQVGTKVNVTVEDERTLVRRNNTFLSLRDVFGKDLIYTLYYWKS
SSSGKKTAKTNTNEFLIDVDKGENYCFSVQAVIPSRTVNRKSTDSPVECMGQEKGEFRE
;
_entity_poly.pdbx_seq_one_letter_code_can   
;SGTTNTVAAYNLTWKSTNFKTILEWEPKPVNQVYTVQISTKSGDWKSKCFYTTDTECDLTDEIVKDVKQTYLARVFSYPA
GNVESTGSAGEPLYENSPEFTPYLETNLGQPTIQSFEQVGTKVNVTVEDERTLVRRNNTFLSLRDVFGKDLIYTLYYWKS
SSSGKKTAKTNTNEFLIDVDKGENYCFSVQAVIPSRTVNRKSTDSPVECMGQEKGEFRE
;
_entity_poly.pdbx_strand_id                 A 
_entity_poly.pdbx_target_identifier         ? 
# 
_pdbx_entity_nonpoly.entity_id   2 
_pdbx_entity_nonpoly.name        water 
_pdbx_entity_nonpoly.comp_id     HOH 
# 
loop_
_entity_poly_seq.entity_id 
_entity_poly_seq.num 
_entity_poly_seq.mon_id 
_entity_poly_seq.hetero 
1 1   SER n 
1 2   GLY n 
1 3   THR n 
1 4   THR n 
1 5   ASN n 
1 6   THR n 
1 7   VAL n 
1 8   ALA n 
1 9   ALA n 
1 10  TYR n 
1 11  ASN n 
1 12  LEU n 
1 13  THR n 
1 14  TRP n 
1 15  LYS n 
1 16  SER n 
1 17  THR n 
1 18  ASN n 
1 19  PHE n 
1 20  LYS n 
1 21  THR n 
1 22  ILE n 
1 23  LEU n 
1 24  GLU n 
1 25  TRP n 
1 26  GLU n 
1 27  PRO n 
1 28  LYS n 
1 29  PRO n 
1 30  VAL n 
1 31  ASN n 
1 32  GLN n 
1 33  VAL n 
1 34  TYR n 
1 35  THR n 
1 36  VAL n 
1 37  GLN n 
1 38  ILE n 
1 39  SER n 
1 40  THR n 
1 41  LYS n 
1 42  SER n 
1 43  GLY n 
1 44  ASP n 
1 45  TRP n 
1 46  LYS n 
1 47  SER n 
1 48  LYS n 
1 49  CYS n 
1 50  PHE n 
1 51  TYR n 
1 52  THR n 
1 53  THR n 
1 54  ASP n 
1 55  THR n 
1 56  GLU n 
1 57  CYS n 
1 58  ASP n 
1 59  LEU n 
1 60  THR n 
1 61  ASP n 
1 62  GLU n 
1 63  ILE n 
1 64  VAL n 
1 65  LYS n 
1 66  ASP n 
1 67  VAL n 
1 68  LYS n 
1 69  GLN n 
1 70  THR n 
1 71  TYR n 
1 72  LEU n 
1 73  ALA n 
1 74  ARG n 
1 75  VAL n 
1 76  PHE n 
1 77  SER n 
1 78  TYR n 
1 79  PRO n 
1 80  ALA n 
1 81  GLY n 
1 82  ASN n 
1 83  VAL n 
1 84  GLU n 
1 85  SER n 
1 86  THR n 
1 87  GLY n 
1 88  SER n 
1 89  ALA n 
1 90  GLY n 
1 91  GLU n 
1 92  PRO n 
1 93  LEU n 
1 94  TYR n 
1 95  GLU n 
1 96  ASN n 
1 97  SER n 
1 98  PRO n 
1 99  GLU n 
1 100 PHE n 
1 101 THR n 
1 102 PRO n 
1 103 TYR n 
1 104 LEU n 
1 105 GLU n 
1 106 THR n 
1 107 ASN n 
1 108 LEU n 
1 109 GLY n 
1 110 GLN n 
1 111 PRO n 
1 112 THR n 
1 113 ILE n 
1 114 GLN n 
1 115 SER n 
1 116 PHE n 
1 117 GLU n 
1 118 GLN n 
1 119 VAL n 
1 120 GLY n 
1 121 THR n 
1 122 LYS n 
1 123 VAL n 
1 124 ASN n 
1 125 VAL n 
1 126 THR n 
1 127 VAL n 
1 128 GLU n 
1 129 ASP n 
1 130 GLU n 
1 131 ARG n 
1 132 THR n 
1 133 LEU n 
1 134 VAL n 
1 135 ARG n 
1 136 ARG n 
1 137 ASN n 
1 138 ASN n 
1 139 THR n 
1 140 PHE n 
1 141 LEU n 
1 142 SER n 
1 143 LEU n 
1 144 ARG n 
1 145 ASP n 
1 146 VAL n 
1 147 PHE n 
1 148 GLY n 
1 149 LYS n 
1 150 ASP n 
1 151 LEU n 
1 152 ILE n 
1 153 TYR n 
1 154 THR n 
1 155 LEU n 
1 156 TYR n 
1 157 TYR n 
1 158 TRP n 
1 159 LYS n 
1 160 SER n 
1 161 SER n 
1 162 SER n 
1 163 SER n 
1 164 GLY n 
1 165 LYS n 
1 166 LYS n 
1 167 THR n 
1 168 ALA n 
1 169 LYS n 
1 170 THR n 
1 171 ASN n 
1 172 THR n 
1 173 ASN n 
1 174 GLU n 
1 175 PHE n 
1 176 LEU n 
1 177 ILE n 
1 178 ASP n 
1 179 VAL n 
1 180 ASP n 
1 181 LYS n 
1 182 GLY n 
1 183 GLU n 
1 184 ASN n 
1 185 TYR n 
1 186 CYS n 
1 187 PHE n 
1 188 SER n 
1 189 VAL n 
1 190 GLN n 
1 191 ALA n 
1 192 VAL n 
1 193 ILE n 
1 194 PRO n 
1 195 SER n 
1 196 ARG n 
1 197 THR n 
1 198 VAL n 
1 199 ASN n 
1 200 ARG n 
1 201 LYS n 
1 202 SER n 
1 203 THR n 
1 204 ASP n 
1 205 SER n 
1 206 PRO n 
1 207 VAL n 
1 208 GLU n 
1 209 CYS n 
1 210 MET n 
1 211 GLY n 
1 212 GLN n 
1 213 GLU n 
1 214 LYS n 
1 215 GLY n 
1 216 GLU n 
1 217 PHE n 
1 218 ARG n 
1 219 GLU n 
# 
_entity_src_gen.entity_id                          1 
_entity_src_gen.pdbx_src_id                        1 
_entity_src_gen.pdbx_alt_source_flag               sample 
_entity_src_gen.pdbx_seq_type                      ? 
_entity_src_gen.pdbx_beg_seq_num                   ? 
_entity_src_gen.pdbx_end_seq_num                   ? 
_entity_src_gen.gene_src_common_name               human 
_entity_src_gen.gene_src_genus                     Homo 
_entity_src_gen.pdbx_gene_src_gene                 'HUMAN TISSUE FACTOR CDNA CODON' 
_entity_src_gen.gene_src_species                   ? 
_entity_src_gen.gene_src_strain                    W3110 
_entity_src_gen.gene_src_tissue                    ? 
_entity_src_gen.gene_src_tissue_fraction           ? 
_entity_src_gen.gene_src_details                   ? 
_entity_src_gen.pdbx_gene_src_fragment             ? 
_entity_src_gen.pdbx_gene_src_scientific_name      'Homo sapiens' 
_entity_src_gen.pdbx_gene_src_ncbi_taxonomy_id     9606 
_entity_src_gen.pdbx_gene_src_variant              TONA 
_entity_src_gen.pdbx_gene_src_cell_line            ? 
_entity_src_gen.pdbx_gene_src_atcc                 27325 
_entity_src_gen.pdbx_gene_src_organ                BLOOD 
_entity_src_gen.pdbx_gene_src_organelle            ? 
_entity_src_gen.pdbx_gene_src_cell                 ? 
_entity_src_gen.pdbx_gene_src_cellular_location    ? 
_entity_src_gen.host_org_common_name               ? 
_entity_src_gen.pdbx_host_org_scientific_name      'PERIPLASMIC SECRETION (U.S PAT 4963,495)' 
_entity_src_gen.pdbx_host_org_ncbi_taxonomy_id     ? 
_entity_src_gen.host_org_genus                     ? 
_entity_src_gen.pdbx_host_org_gene                 'HUMAN TISSUE FACTOR CDNA CODONS 1-119' 
_entity_src_gen.pdbx_host_org_organ                ? 
_entity_src_gen.host_org_species                   ? 
_entity_src_gen.pdbx_host_org_tissue               ? 
_entity_src_gen.pdbx_host_org_tissue_fraction      ? 
_entity_src_gen.pdbx_host_org_strain               ? 
_entity_src_gen.pdbx_host_org_variant              ? 
_entity_src_gen.pdbx_host_org_cell_line            ? 
_entity_src_gen.pdbx_host_org_atcc                 ? 
_entity_src_gen.pdbx_host_org_culture_collection   ? 
_entity_src_gen.pdbx_host_org_cell                 ? 
_entity_src_gen.pdbx_host_org_organelle            ? 
_entity_src_gen.pdbx_host_org_cellular_location    ? 
_entity_src_gen.pdbx_host_org_vector_type          ? 
_entity_src_gen.pdbx_host_org_vector               ? 
_entity_src_gen.host_org_details                   ? 
_entity_src_gen.expression_system_id               ? 
_entity_src_gen.plasmid_name                       'PHGH4L (GENE 55:189-196, 1987)' 
_entity_src_gen.plasmid_details                    ? 
_entity_src_gen.pdbx_description                   
'PURIFIED BY MONOCLONAL ANTIBODY AFFINITY, REVERSED PHASE HPLC AND ISO-ELECTRIC FOCUSSING' 
# 
loop_
_chem_comp.id 
_chem_comp.type 
_chem_comp.mon_nstd_flag 
_chem_comp.name 
_chem_comp.pdbx_synonyms 
_chem_comp.formula 
_chem_comp.formula_weight 
ALA 'L-peptide linking' y ALANINE         ? 'C3 H7 N O2'     89.093  
ARG 'L-peptide linking' y ARGININE        ? 'C6 H15 N4 O2 1' 175.209 
ASN 'L-peptide linking' y ASPARAGINE      ? 'C4 H8 N2 O3'    132.118 
ASP 'L-peptide linking' y 'ASPARTIC ACID' ? 'C4 H7 N O4'     133.103 
CYS 'L-peptide linking' y CYSTEINE        ? 'C3 H7 N O2 S'   121.158 
GLN 'L-peptide linking' y GLUTAMINE       ? 'C5 H10 N2 O3'   146.144 
GLU 'L-peptide linking' y 'GLUTAMIC ACID' ? 'C5 H9 N O4'     147.129 
GLY 'peptide linking'   y GLYCINE         ? 'C2 H5 N O2'     75.067  
HOH non-polymer         . WATER           ? 'H2 O'           18.015  
ILE 'L-peptide linking' y ISOLEUCINE      ? 'C6 H13 N O2'    131.173 
LEU 'L-peptide linking' y LEUCINE         ? 'C6 H13 N O2'    131.173 
LYS 'L-peptide linking' y LYSINE          ? 'C6 H15 N2 O2 1' 147.195 
MET 'L-peptide linking' y METHIONINE      ? 'C5 H11 N O2 S'  149.211 
PHE 'L-peptide linking' y PHENYLALANINE   ? 'C9 H11 N O2'    165.189 
PRO 'L-peptide linking' y PROLINE         ? 'C5 H9 N O2'     115.130 
SER 'L-peptide linking' y SERINE          ? 'C3 H7 N O3'     105.093 
THR 'L-peptide linking' y THREONINE       ? 'C4 H9 N O3'     119.119 
TRP 'L-peptide linking' y TRYPTOPHAN      ? 'C11 H12 N2 O2'  204.225 
TYR 'L-peptide linking' y TYROSINE        ? 'C9 H11 N O3'    181.189 
VAL 'L-peptide linking' y VALINE          ? 'C5 H11 N O2'    117.146 
# 
loop_
_pdbx_poly_seq_scheme.asym_id 
_pdbx_poly_seq_scheme.entity_id 
_pdbx_poly_seq_scheme.seq_id 
_pdbx_poly_seq_scheme.mon_id 
_pdbx_poly_seq_scheme.ndb_seq_num 
_pdbx_poly_seq_scheme.pdb_seq_num 
_pdbx_poly_seq_scheme.auth_seq_num 
_pdbx_poly_seq_scheme.pdb_mon_id 
_pdbx_poly_seq_scheme.auth_mon_id 
_pdbx_poly_seq_scheme.pdb_strand_id 
_pdbx_poly_seq_scheme.pdb_ins_code 
_pdbx_poly_seq_scheme.hetero 
A 1 1   SER 1   1   ?   ?   ?   A . n 
A 1 2   GLY 2   2   ?   ?   ?   A . n 
A 1 3   THR 3   3   3   THR THR A . n 
A 1 4   THR 4   4   4   THR THR A . n 
A 1 5   ASN 5   5   5   ASN ASN A . n 
A 1 6   THR 6   6   6   THR THR A . n 
A 1 7   VAL 7   7   7   VAL VAL A . n 
A 1 8   ALA 8   8   8   ALA ALA A . n 
A 1 9   ALA 9   9   9   ALA ALA A . n 
A 1 10  TYR 10  10  10  TYR TYR A . n 
A 1 11  ASN 11  11  11  ASN ASN A . n 
A 1 12  LEU 12  12  12  LEU LEU A . n 
A 1 13  THR 13  13  13  THR THR A . n 
A 1 14  TRP 14  14  14  TRP TRP A . n 
A 1 15  LYS 15  15  15  LYS LYS A . n 
A 1 16  SER 16  16  16  SER SER A . n 
A 1 17  THR 17  17  17  THR THR A . n 
A 1 18  ASN 18  18  18  ASN ASN A . n 
A 1 19  PHE 19  19  19  PHE PHE A . n 
A 1 20  LYS 20  20  20  LYS LYS A . n 
A 1 21  THR 21  21  21  THR THR A . n 
A 1 22  ILE 22  22  22  ILE ILE A . n 
A 1 23  LEU 23  23  23  LEU LEU A . n 
A 1 24  GLU 24  24  24  GLU GLU A . n 
A 1 25  TRP 25  25  25  TRP TRP A . n 
A 1 26  GLU 26  26  26  GLU GLU A . n 
A 1 27  PRO 27  27  27  PRO PRO A . n 
A 1 28  LYS 28  28  28  LYS LYS A . n 
A 1 29  PRO 29  29  29  PRO PRO A . n 
A 1 30  VAL 30  30  30  VAL VAL A . n 
A 1 31  ASN 31  31  31  ASN ASN A . n 
A 1 32  GLN 32  32  32  GLN GLN A . n 
A 1 33  VAL 33  33  33  VAL VAL A . n 
A 1 34  TYR 34  34  34  TYR TYR A . n 
A 1 35  THR 35  35  35  THR THR A . n 
A 1 36  VAL 36  36  36  VAL VAL A . n 
A 1 37  GLN 37  37  37  GLN GLN A . n 
A 1 38  ILE 38  38  38  ILE ILE A . n 
A 1 39  SER 39  39  39  SER SER A . n 
A 1 40  THR 40  40  40  THR THR A . n 
A 1 41  LYS 41  41  41  LYS LYS A . n 
A 1 42  SER 42  42  42  SER SER A . n 
A 1 43  GLY 43  43  43  GLY GLY A . n 
A 1 44  ASP 44  44  44  ASP ASP A . n 
A 1 45  TRP 45  45  45  TRP TRP A . n 
A 1 46  LYS 46  46  46  LYS LYS A . n 
A 1 47  SER 47  47  47  SER SER A . n 
A 1 48  LYS 48  48  48  LYS LYS A . n 
A 1 49  CYS 49  49  49  CYS CYS A . n 
A 1 50  PHE 50  50  50  PHE PHE A . n 
A 1 51  TYR 51  51  51  TYR TYR A . n 
A 1 52  THR 52  52  52  THR THR A . n 
A 1 53  THR 53  53  53  THR THR A . n 
A 1 54  ASP 54  54  54  ASP ASP A . n 
A 1 55  THR 55  55  55  THR THR A . n 
A 1 56  GLU 56  56  56  GLU GLU A . n 
A 1 57  CYS 57  57  57  CYS CYS A . n 
A 1 58  ASP 58  58  58  ASP ASP A . n 
A 1 59  LEU 59  59  59  LEU LEU A . n 
A 1 60  THR 60  60  60  THR THR A . n 
A 1 61  ASP 61  61  61  ASP ASP A . n 
A 1 62  GLU 62  62  62  GLU GLU A . n 
A 1 63  ILE 63  63  63  ILE ILE A . n 
A 1 64  VAL 64  64  64  VAL VAL A . n 
A 1 65  LYS 65  65  65  LYS LYS A . n 
A 1 66  ASP 66  66  66  ASP ASP A . n 
A 1 67  VAL 67  67  67  VAL VAL A . n 
A 1 68  LYS 68  68  68  LYS LYS A . n 
A 1 69  GLN 69  69  69  GLN GLN A . n 
A 1 70  THR 70  70  70  THR THR A . n 
A 1 71  TYR 71  71  71  TYR TYR A . n 
A 1 72  LEU 72  72  72  LEU LEU A . n 
A 1 73  ALA 73  73  73  ALA ALA A . n 
A 1 74  ARG 74  74  74  ARG ARG A . n 
A 1 75  VAL 75  75  75  VAL VAL A . n 
A 1 76  PHE 76  76  76  PHE PHE A . n 
A 1 77  SER 77  77  77  SER SER A . n 
A 1 78  TYR 78  78  78  TYR TYR A . n 
A 1 79  PRO 79  79  79  PRO PRO A . n 
A 1 80  ALA 80  80  80  ALA ALA A . n 
A 1 81  GLY 81  81  81  GLY GLY A . n 
A 1 82  ASN 82  82  82  ASN ASN A . n 
A 1 83  VAL 83  83  83  VAL VAL A . n 
A 1 84  GLU 84  84  84  GLU GLU A . n 
A 1 85  SER 85  85  85  SER SER A . n 
A 1 86  THR 86  86  86  THR THR A . n 
A 1 87  GLY 87  87  87  GLY GLY A . n 
A 1 88  SER 88  88  88  SER SER A . n 
A 1 89  ALA 89  89  89  ALA ALA A . n 
A 1 90  GLY 90  90  90  GLY GLY A . n 
A 1 91  GLU 91  91  91  GLU GLU A . n 
A 1 92  PRO 92  92  92  PRO PRO A . n 
A 1 93  LEU 93  93  93  LEU LEU A . n 
A 1 94  TYR 94  94  94  TYR TYR A . n 
A 1 95  GLU 95  95  95  GLU GLU A . n 
A 1 96  ASN 96  96  96  ASN ASN A . n 
A 1 97  SER 97  97  97  SER SER A . n 
A 1 98  PRO 98  98  98  PRO PRO A . n 
A 1 99  GLU 99  99  99  GLU GLU A . n 
A 1 100 PHE 100 100 100 PHE PHE A . n 
A 1 101 THR 101 101 101 THR THR A . n 
A 1 102 PRO 102 102 102 PRO PRO A . n 
A 1 103 TYR 103 103 103 TYR TYR A . n 
A 1 104 LEU 104 104 104 LEU LEU A . n 
A 1 105 GLU 105 105 105 GLU GLU A . n 
A 1 106 THR 106 106 106 THR THR A . n 
A 1 107 ASN 107 107 107 ASN ASN A . n 
A 1 108 LEU 108 108 108 LEU LEU A . n 
A 1 109 GLY 109 109 109 GLY GLY A . n 
A 1 110 GLN 110 110 110 GLN GLN A . n 
A 1 111 PRO 111 111 111 PRO PRO A . n 
A 1 112 THR 112 112 112 THR THR A . n 
A 1 113 ILE 113 113 113 ILE ILE A . n 
A 1 114 GLN 114 114 114 GLN GLN A . n 
A 1 115 SER 115 115 115 SER SER A . n 
A 1 116 PHE 116 116 116 PHE PHE A . n 
A 1 117 GLU 117 117 117 GLU GLU A . n 
A 1 118 GLN 118 118 118 GLN GLN A . n 
A 1 119 VAL 119 119 119 VAL VAL A . n 
A 1 120 GLY 120 120 120 GLY GLY A . n 
A 1 121 THR 121 121 121 THR THR A . n 
A 1 122 LYS 122 122 122 LYS LYS A . n 
A 1 123 VAL 123 123 123 VAL VAL A . n 
A 1 124 ASN 124 124 124 ASN ASN A . n 
A 1 125 VAL 125 125 125 VAL VAL A . n 
A 1 126 THR 126 126 126 THR THR A . n 
A 1 127 VAL 127 127 127 VAL VAL A . n 
A 1 128 GLU 128 128 128 GLU GLU A . n 
A 1 129 ASP 129 129 129 ASP ASP A . n 
A 1 130 GLU 130 130 130 GLU GLU A . n 
A 1 131 ARG 131 131 131 ARG ARG A . n 
A 1 132 THR 132 132 132 THR THR A . n 
A 1 133 LEU 133 133 133 LEU LEU A . n 
A 1 134 VAL 134 134 134 VAL VAL A . n 
A 1 135 ARG 135 135 135 ARG ARG A . n 
A 1 136 ARG 136 136 136 ARG ARG A . n 
A 1 137 ASN 137 137 137 ASN ASN A . n 
A 1 138 ASN 138 138 138 ASN ASN A . n 
A 1 139 THR 139 139 139 THR THR A . n 
A 1 140 PHE 140 140 140 PHE PHE A . n 
A 1 141 LEU 141 141 141 LEU LEU A . n 
A 1 142 SER 142 142 142 SER SER A . n 
A 1 143 LEU 143 143 143 LEU LEU A . n 
A 1 144 ARG 144 144 144 ARG ARG A . n 
A 1 145 ASP 145 145 145 ASP ASP A . n 
A 1 146 VAL 146 146 146 VAL VAL A . n 
A 1 147 PHE 147 147 147 PHE PHE A . n 
A 1 148 GLY 148 148 148 GLY GLY A . n 
A 1 149 LYS 149 149 149 LYS LYS A . n 
A 1 150 ASP 150 150 150 ASP ASP A . n 
A 1 151 LEU 151 151 151 LEU LEU A . n 
A 1 152 ILE 152 152 152 ILE ILE A . n 
A 1 153 TYR 153 153 153 TYR TYR A . n 
A 1 154 THR 154 154 154 THR THR A . n 
A 1 155 LEU 155 155 155 LEU LEU A . n 
A 1 156 TYR 156 156 156 TYR TYR A . n 
A 1 157 TYR 157 157 157 TYR TYR A . n 
A 1 158 TRP 158 158 158 TRP TRP A . n 
A 1 159 LYS 159 159 159 LYS LYS A . n 
A 1 160 SER 160 160 160 SER SER A . n 
A 1 161 SER 161 161 161 SER SER A . n 
A 1 162 SER 162 162 162 SER SER A . n 
A 1 163 SER 163 163 163 SER SER A . n 
A 1 164 GLY 164 164 164 GLY GLY A . n 
A 1 165 LYS 165 165 165 LYS LYS A . n 
A 1 166 LYS 166 166 166 LYS LYS A . n 
A 1 167 THR 167 167 167 THR THR A . n 
A 1 168 ALA 168 168 168 ALA ALA A . n 
A 1 169 LYS 169 169 169 LYS LYS A . n 
A 1 170 THR 170 170 170 THR THR A . n 
A 1 171 ASN 171 171 171 ASN ASN A . n 
A 1 172 THR 172 172 172 THR THR A . n 
A 1 173 ASN 173 173 173 ASN ASN A . n 
A 1 174 GLU 174 174 174 GLU GLU A . n 
A 1 175 PHE 175 175 175 PHE PHE A . n 
A 1 176 LEU 176 176 176 LEU LEU A . n 
A 1 177 ILE 177 177 177 ILE ILE A . n 
A 1 178 ASP 178 178 178 ASP ASP A . n 
A 1 179 VAL 179 179 179 VAL VAL A . n 
A 1 180 ASP 180 180 180 ASP ASP A . n 
A 1 181 LYS 181 181 181 LYS LYS A . n 
A 1 182 GLY 182 182 182 GLY GLY A . n 
A 1 183 GLU 183 183 183 GLU GLU A . n 
A 1 184 ASN 184 184 184 ASN ASN A . n 
A 1 185 TYR 185 185 185 TYR TYR A . n 
A 1 186 CYS 186 186 186 CYS CYS A . n 
A 1 187 PHE 187 187 187 PHE PHE A . n 
A 1 188 SER 188 188 188 SER SER A . n 
A 1 189 VAL 189 189 189 VAL VAL A . n 
A 1 190 GLN 190 190 190 GLN GLN A . n 
A 1 191 ALA 191 191 191 ALA ALA A . n 
A 1 192 VAL 192 192 192 VAL VAL A . n 
A 1 193 ILE 193 193 193 ILE ILE A . n 
A 1 194 PRO 194 194 194 PRO PRO A . n 
A 1 195 SER 195 195 195 SER SER A . n 
A 1 196 ARG 196 196 196 ARG ARG A . n 
A 1 197 THR 197 197 197 THR THR A . n 
A 1 198 VAL 198 198 198 VAL VAL A . n 
A 1 199 ASN 199 199 199 ASN ASN A . n 
A 1 200 ARG 200 200 200 ARG ARG A . n 
A 1 201 LYS 201 201 201 LYS LYS A . n 
A 1 202 SER 202 202 202 SER SER A . n 
A 1 203 THR 203 203 203 THR THR A . n 
A 1 204 ASP 204 204 204 ASP ASP A . n 
A 1 205 SER 205 205 205 SER SER A . n 
A 1 206 PRO 206 206 206 PRO PRO A . n 
A 1 207 VAL 207 207 207 VAL VAL A . n 
A 1 208 GLU 208 208 208 GLU GLU A . n 
A 1 209 CYS 209 209 209 CYS CYS A . n 
A 1 210 MET 210 210 210 MET MET A . n 
A 1 211 GLY 211 211 211 GLY GLY A . n 
A 1 212 GLN 212 212 212 GLN GLN A . n 
A 1 213 GLU 213 213 213 GLU GLU A . n 
A 1 214 LYS 214 214 ?   ?   ?   A . n 
A 1 215 GLY 215 215 ?   ?   ?   A . n 
A 1 216 GLU 216 216 ?   ?   ?   A . n 
A 1 217 PHE 217 217 ?   ?   ?   A . n 
A 1 218 ARG 218 218 ?   ?   ?   A . n 
A 1 219 GLU 219 219 ?   ?   ?   A . n 
# 
loop_
_pdbx_nonpoly_scheme.asym_id 
_pdbx_nonpoly_scheme.entity_id 
_pdbx_nonpoly_scheme.mon_id 
_pdbx_nonpoly_scheme.ndb_seq_num 
_pdbx_nonpoly_scheme.pdb_seq_num 
_pdbx_nonpoly_scheme.auth_seq_num 
_pdbx_nonpoly_scheme.pdb_mon_id 
_pdbx_nonpoly_scheme.auth_mon_id 
_pdbx_nonpoly_scheme.pdb_strand_id 
_pdbx_nonpoly_scheme.pdb_ins_code 
B 2 HOH 1   220 1   HOH HOH A . 
B 2 HOH 2   221 2   HOH HOH A . 
B 2 HOH 3   222 3   HOH HOH A . 
B 2 HOH 4   223 4   HOH HOH A . 
B 2 HOH 5   224 5   HOH HOH A . 
B 2 HOH 6   225 6   HOH HOH A . 
B 2 HOH 7   226 7   HOH HOH A . 
B 2 HOH 8   227 8   HOH HOH A . 
B 2 HOH 9   228 9   HOH HOH A . 
B 2 HOH 10  229 10  HOH HOH A . 
B 2 HOH 11  230 11  HOH HOH A . 
B 2 HOH 12  231 12  HOH HOH A . 
B 2 HOH 13  232 13  HOH HOH A . 
B 2 HOH 14  233 14  HOH HOH A . 
B 2 HOH 15  234 15  HOH HOH A . 
B 2 HOH 16  235 16  HOH HOH A . 
B 2 HOH 17  236 17  HOH HOH A . 
B 2 HOH 18  237 18  HOH HOH A . 
B 2 HOH 19  238 19  HOH HOH A . 
B 2 HOH 20  239 20  HOH HOH A . 
B 2 HOH 21  240 21  HOH HOH A . 
B 2 HOH 22  241 22  HOH HOH A . 
B 2 HOH 23  242 23  HOH HOH A . 
B 2 HOH 24  243 24  HOH HOH A . 
B 2 HOH 25  244 25  HOH HOH A . 
B 2 HOH 26  245 26  HOH HOH A . 
B 2 HOH 27  246 27  HOH HOH A . 
B 2 HOH 28  247 28  HOH HOH A . 
B 2 HOH 29  248 29  HOH HOH A . 
B 2 HOH 30  249 30  HOH HOH A . 
B 2 HOH 31  250 31  HOH HOH A . 
B 2 HOH 32  251 32  HOH HOH A . 
B 2 HOH 33  252 33  HOH HOH A . 
B 2 HOH 34  253 34  HOH HOH A . 
B 2 HOH 35  254 35  HOH HOH A . 
B 2 HOH 36  255 36  HOH HOH A . 
B 2 HOH 37  256 37  HOH HOH A . 
B 2 HOH 38  257 38  HOH HOH A . 
B 2 HOH 39  258 39  HOH HOH A . 
B 2 HOH 40  259 40  HOH HOH A . 
B 2 HOH 41  260 41  HOH HOH A . 
B 2 HOH 42  261 42  HOH HOH A . 
B 2 HOH 43  262 43  HOH HOH A . 
B 2 HOH 44  263 44  HOH HOH A . 
B 2 HOH 45  264 45  HOH HOH A . 
B 2 HOH 46  265 46  HOH HOH A . 
B 2 HOH 47  266 47  HOH HOH A . 
B 2 HOH 48  267 48  HOH HOH A . 
B 2 HOH 49  268 49  HOH HOH A . 
B 2 HOH 50  269 50  HOH HOH A . 
B 2 HOH 51  270 51  HOH HOH A . 
B 2 HOH 52  271 52  HOH HOH A . 
B 2 HOH 53  272 53  HOH HOH A . 
B 2 HOH 54  273 54  HOH HOH A . 
B 2 HOH 55  274 55  HOH HOH A . 
B 2 HOH 56  275 56  HOH HOH A . 
B 2 HOH 57  276 57  HOH HOH A . 
B 2 HOH 58  277 58  HOH HOH A . 
B 2 HOH 59  278 59  HOH HOH A . 
B 2 HOH 60  279 60  HOH HOH A . 
B 2 HOH 61  280 61  HOH HOH A . 
B 2 HOH 62  281 62  HOH HOH A . 
B 2 HOH 63  282 63  HOH HOH A . 
B 2 HOH 64  283 64  HOH HOH A . 
B 2 HOH 65  284 65  HOH HOH A . 
B 2 HOH 66  285 66  HOH HOH A . 
B 2 HOH 67  286 67  HOH HOH A . 
B 2 HOH 68  287 68  HOH HOH A . 
B 2 HOH 69  288 69  HOH HOH A . 
B 2 HOH 70  289 70  HOH HOH A . 
B 2 HOH 71  290 71  HOH HOH A . 
B 2 HOH 72  291 72  HOH HOH A . 
B 2 HOH 73  292 73  HOH HOH A . 
B 2 HOH 74  293 74  HOH HOH A . 
B 2 HOH 75  294 75  HOH HOH A . 
B 2 HOH 76  295 76  HOH HOH A . 
B 2 HOH 77  296 77  HOH HOH A . 
B 2 HOH 78  297 78  HOH HOH A . 
B 2 HOH 79  298 79  HOH HOH A . 
B 2 HOH 80  299 80  HOH HOH A . 
B 2 HOH 81  300 81  HOH HOH A . 
B 2 HOH 82  301 82  HOH HOH A . 
B 2 HOH 83  302 83  HOH HOH A . 
B 2 HOH 84  303 84  HOH HOH A . 
B 2 HOH 85  304 85  HOH HOH A . 
B 2 HOH 86  305 86  HOH HOH A . 
B 2 HOH 87  306 87  HOH HOH A . 
B 2 HOH 88  307 88  HOH HOH A . 
B 2 HOH 89  308 89  HOH HOH A . 
B 2 HOH 90  309 90  HOH HOH A . 
B 2 HOH 91  310 91  HOH HOH A . 
B 2 HOH 92  311 92  HOH HOH A . 
B 2 HOH 93  312 93  HOH HOH A . 
B 2 HOH 94  313 94  HOH HOH A . 
B 2 HOH 95  314 95  HOH HOH A . 
B 2 HOH 96  315 96  HOH HOH A . 
B 2 HOH 97  316 97  HOH HOH A . 
B 2 HOH 98  317 98  HOH HOH A . 
B 2 HOH 99  318 99  HOH HOH A . 
B 2 HOH 100 319 100 HOH HOH A . 
B 2 HOH 101 320 101 HOH HOH A . 
B 2 HOH 102 321 102 HOH HOH A . 
B 2 HOH 103 322 103 HOH HOH A . 
B 2 HOH 104 323 104 HOH HOH A . 
B 2 HOH 105 324 105 HOH HOH A . 
B 2 HOH 106 325 106 HOH HOH A . 
B 2 HOH 107 326 107 HOH HOH A . 
B 2 HOH 108 327 108 HOH HOH A . 
B 2 HOH 109 328 109 HOH HOH A . 
B 2 HOH 110 329 110 HOH HOH A . 
# 
loop_
_software.name 
_software.classification 
_software.version 
_software.citation_id 
_software.pdbx_ordinal 
DENZO     'data reduction' '/ SCALEPACK' ? 1 
X-PLOR    refinement       .             ? 2 
SCALEPACK 'data scaling'   .             ? 3 
# 
_cell.entry_id           1BOY 
_cell.length_a           45.400 
_cell.length_b           45.400 
_cell.length_c           230.800 
_cell.angle_alpha        90.00 
_cell.angle_beta         90.00 
_cell.angle_gamma        90.00 
_cell.Z_PDB              8 
_cell.pdbx_unique_axis   ? 
# 
_symmetry.entry_id                         1BOY 
_symmetry.space_group_name_H-M             'P 41 21 2' 
_symmetry.pdbx_full_space_group_name_H-M   ? 
_symmetry.cell_setting                     ? 
_symmetry.Int_Tables_number                92 
# 
_exptl.entry_id          1BOY 
_exptl.method            'X-RAY DIFFRACTION' 
_exptl.crystals_number   ? 
# 
_exptl_crystal.id                    1 
_exptl_crystal.density_meas          ? 
_exptl_crystal.density_Matthews      2.39 
_exptl_crystal.density_percent_sol   48. 
_exptl_crystal.description           'THE REDUNDANCY GIVEN ABOVE IS TO 2.2 ANGSTROMS RESOLUTION.' 
# 
_diffrn.id                     1 
_diffrn.ambient_temp           ? 
_diffrn.ambient_temp_details   ? 
_diffrn.crystal_id             1 
# 
_diffrn_detector.diffrn_id              1 
_diffrn_detector.detector               'IMAGE PLATE' 
_diffrn_detector.type                   FUJI 
_diffrn_detector.pdbx_collection_date   1994-03 
_diffrn_detector.details                ? 
# 
_diffrn_radiation.diffrn_id                        1 
_diffrn_radiation.wavelength_id                    1 
_diffrn_radiation.pdbx_monochromatic_or_laue_m_l   M 
_diffrn_radiation.monochromator                    ? 
_diffrn_radiation.pdbx_diffrn_protocol             ? 
_diffrn_radiation.pdbx_scattering_type             x-ray 
# 
_diffrn_radiation_wavelength.id           1 
_diffrn_radiation_wavelength.wavelength   0.97 
_diffrn_radiation_wavelength.wt           1.0 
# 
_diffrn_source.diffrn_id                   1 
_diffrn_source.source                      SYNCHROTRON 
_diffrn_source.type                        'PHOTON FACTORY BEAMLINE BL-6A' 
_diffrn_source.pdbx_synchrotron_site       'Photon Factory' 
_diffrn_source.pdbx_synchrotron_beamline   BL-6A 
_diffrn_source.pdbx_wavelength             0.97 
_diffrn_source.pdbx_wavelength_list        ? 
# 
_reflns.entry_id                     1BOY 
_reflns.observed_criterion_sigma_I   3.0 
_reflns.observed_criterion_sigma_F   ? 
_reflns.d_resolution_low             ? 
_reflns.d_resolution_high            ? 
_reflns.number_obs                   12666 
_reflns.number_all                   ? 
_reflns.percent_possible_obs         96. 
_reflns.pdbx_Rmerge_I_obs            0.065 
_reflns.pdbx_Rsym_value              ? 
_reflns.pdbx_netI_over_sigmaI        ? 
_reflns.B_iso_Wilson_estimate        ? 
_reflns.pdbx_redundancy              6.4 
_reflns.pdbx_diffrn_id               1 
_reflns.pdbx_ordinal                 1 
# 
_refine.entry_id                                 1BOY 
_refine.ls_number_reflns_obs                     12623 
_refine.ls_number_reflns_all                     ? 
_refine.pdbx_ls_sigma_I                          ? 
_refine.pdbx_ls_sigma_F                          ? 
_refine.pdbx_data_cutoff_high_absF               ? 
_refine.pdbx_data_cutoff_low_absF                ? 
_refine.pdbx_data_cutoff_high_rms_absF           ? 
_refine.ls_d_res_low                             15. 
_refine.ls_d_res_high                            2.2 
_refine.ls_percent_reflns_obs                    ? 
_refine.ls_R_factor_obs                          0.203 
_refine.ls_R_factor_all                          ? 
_refine.ls_R_factor_R_work                       0.203 
_refine.ls_R_factor_R_free                       ? 
_refine.ls_R_factor_R_free_error                 ? 
_refine.ls_R_factor_R_free_error_details         ? 
_refine.ls_percent_reflns_R_free                 ? 
_refine.ls_number_reflns_R_free                  ? 
_refine.ls_number_parameters                     ? 
_refine.ls_number_restraints                     ? 
_refine.occupancy_min                            ? 
_refine.occupancy_max                            ? 
_refine.B_iso_mean                               ? 
_refine.aniso_B[1][1]                            ? 
_refine.aniso_B[2][2]                            ? 
_refine.aniso_B[3][3]                            ? 
_refine.aniso_B[1][2]                            ? 
_refine.aniso_B[1][3]                            ? 
_refine.aniso_B[2][3]                            ? 
_refine.solvent_model_details                    ? 
_refine.solvent_model_param_ksol                 ? 
_refine.solvent_model_param_bsol                 ? 
_refine.pdbx_ls_cross_valid_method               ? 
_refine.details                                  ? 
_refine.pdbx_starting_model                      ? 
_refine.pdbx_method_to_determine_struct          ? 
_refine.pdbx_isotropic_thermal_model             ? 
_refine.pdbx_stereochemistry_target_values       ? 
_refine.pdbx_stereochem_target_val_spec_case     ? 
_refine.pdbx_R_Free_selection_details            ? 
_refine.pdbx_overall_ESU_R                       ? 
_refine.pdbx_overall_ESU_R_Free                  ? 
_refine.overall_SU_ML                            ? 
_refine.overall_SU_B                             ? 
_refine.pdbx_refine_id                           'X-RAY DIFFRACTION' 
_refine.pdbx_diffrn_id                           1 
_refine.pdbx_TLS_residual_ADP_flag               ? 
_refine.correlation_coeff_Fo_to_Fc               ? 
_refine.correlation_coeff_Fo_to_Fc_free          ? 
_refine.pdbx_solvent_vdw_probe_radii             ? 
_refine.pdbx_solvent_ion_probe_radii             ? 
_refine.pdbx_solvent_shrinkage_radii             ? 
_refine.pdbx_overall_phase_error                 ? 
_refine.overall_SU_R_Cruickshank_DPI             ? 
_refine.pdbx_overall_SU_R_free_Cruickshank_DPI   ? 
_refine.pdbx_overall_SU_R_Blow_DPI               ? 
_refine.pdbx_overall_SU_R_free_Blow_DPI          ? 
# 
_refine_hist.pdbx_refine_id                   'X-RAY DIFFRACTION' 
_refine_hist.cycle_id                         LAST 
_refine_hist.pdbx_number_atoms_protein        1685 
_refine_hist.pdbx_number_atoms_nucleic_acid   0 
_refine_hist.pdbx_number_atoms_ligand         0 
_refine_hist.number_atoms_solvent             110 
_refine_hist.number_atoms_total               1795 
_refine_hist.d_res_high                       2.2 
_refine_hist.d_res_low                        15. 
# 
loop_
_refine_ls_restr.type 
_refine_ls_restr.dev_ideal 
_refine_ls_restr.dev_ideal_target 
_refine_ls_restr.weight 
_refine_ls_restr.number 
_refine_ls_restr.pdbx_refine_id 
_refine_ls_restr.pdbx_restraint_function 
x_bond_d                0.014 ? ? ? 'X-RAY DIFFRACTION' ? 
x_bond_d_na             ?     ? ? ? 'X-RAY DIFFRACTION' ? 
x_bond_d_prot           ?     ? ? ? 'X-RAY DIFFRACTION' ? 
x_angle_d               ?     ? ? ? 'X-RAY DIFFRACTION' ? 
x_angle_d_na            ?     ? ? ? 'X-RAY DIFFRACTION' ? 
x_angle_d_prot          ?     ? ? ? 'X-RAY DIFFRACTION' ? 
x_angle_deg             1.98  ? ? ? 'X-RAY DIFFRACTION' ? 
x_angle_deg_na          ?     ? ? ? 'X-RAY DIFFRACTION' ? 
x_angle_deg_prot        ?     ? ? ? 'X-RAY DIFFRACTION' ? 
x_dihedral_angle_d      ?     ? ? ? 'X-RAY DIFFRACTION' ? 
x_dihedral_angle_d_na   ?     ? ? ? 'X-RAY DIFFRACTION' ? 
x_dihedral_angle_d_prot ?     ? ? ? 'X-RAY DIFFRACTION' ? 
x_improper_angle_d      ?     ? ? ? 'X-RAY DIFFRACTION' ? 
x_improper_angle_d_na   ?     ? ? ? 'X-RAY DIFFRACTION' ? 
x_improper_angle_d_prot ?     ? ? ? 'X-RAY DIFFRACTION' ? 
x_mcbond_it             ?     ? ? ? 'X-RAY DIFFRACTION' ? 
x_mcangle_it            ?     ? ? ? 'X-RAY DIFFRACTION' ? 
x_scbond_it             ?     ? ? ? 'X-RAY DIFFRACTION' ? 
x_scangle_it            ?     ? ? ? 'X-RAY DIFFRACTION' ? 
# 
_struct.entry_id                  1BOY 
_struct.title                     'EXTRACELLULAR REGION OF HUMAN TISSUE FACTOR' 
_struct.pdbx_model_details        ? 
_struct.pdbx_CASP_flag            ? 
_struct.pdbx_model_type_details   ? 
# 
_struct_keywords.entry_id        1BOY 
_struct_keywords.pdbx_keywords   'CLASS 2 CYTOKINE RECEPTOR' 
_struct_keywords.text            
'INITIATOR OF BLOOD COAGULATION IN VERTEBRATES, COFACTOR FOR FACTOR VIIA, CLASS 2 CYTOKINE RECEPTOR, GLYCOPROTEIN, BLOOD COAGULATION' 
# 
loop_
_struct_asym.id 
_struct_asym.pdbx_blank_PDB_chainid_flag 
_struct_asym.pdbx_modified 
_struct_asym.entity_id 
_struct_asym.details 
A N N 1 ? 
B N N 2 ? 
# 
_struct_ref.id                         1 
_struct_ref.db_name                    UNP 
_struct_ref.db_code                    TF_HUMAN 
_struct_ref.entity_id                  1 
_struct_ref.pdbx_db_accession          P13726 
_struct_ref.pdbx_align_begin           1 
_struct_ref.pdbx_seq_one_letter_code   
;METPAWPRVPRPETAVARTLLLGWVFAQVAGASGTTNTVAAYNLTWKSTNFKTILEWEPKPVNQVYTVQISTKSGDWKSK
CFYTTDTECDLTDEIVKDVKQTYLARVFSYPAGNVESTGSAGEPLYENSPEFTPYLETNLGQPTIQSFEQVGTKVNVTVE
DERTLVRRNNTFLSLRDVFGKDLIYTLYYWKSSSSGKKTAKTNTNEFLIDVDKGENYCFSVQAVIPSRTVNRKSTDSPVE
CMGQEKGEFREIFYIIGAVVFVVIILVIILAISLHKCRKAGVGQSWKENSPLNVS
;
_struct_ref.pdbx_db_isoform            ? 
# 
_struct_ref_seq.align_id                      1 
_struct_ref_seq.ref_id                        1 
_struct_ref_seq.pdbx_PDB_id_code              1BOY 
_struct_ref_seq.pdbx_strand_id                A 
_struct_ref_seq.seq_align_beg                 1 
_struct_ref_seq.pdbx_seq_align_beg_ins_code   ? 
_struct_ref_seq.seq_align_end                 219 
_struct_ref_seq.pdbx_seq_align_end_ins_code   ? 
_struct_ref_seq.pdbx_db_accession             P13726 
_struct_ref_seq.db_align_beg                  33 
_struct_ref_seq.pdbx_db_align_beg_ins_code    ? 
_struct_ref_seq.db_align_end                  251 
_struct_ref_seq.pdbx_db_align_end_ins_code    ? 
_struct_ref_seq.pdbx_auth_seq_align_beg       1 
_struct_ref_seq.pdbx_auth_seq_align_end       219 
# 
_pdbx_struct_assembly.id                   1 
_pdbx_struct_assembly.details              author_defined_assembly 
_pdbx_struct_assembly.method_details       ? 
_pdbx_struct_assembly.oligomeric_details   dimeric 
_pdbx_struct_assembly.oligomeric_count     2 
# 
_pdbx_struct_assembly_gen.assembly_id       1 
_pdbx_struct_assembly_gen.oper_expression   1,2 
_pdbx_struct_assembly_gen.asym_id_list      A,B 
# 
loop_
_pdbx_struct_oper_list.id 
_pdbx_struct_oper_list.type 
_pdbx_struct_oper_list.name 
_pdbx_struct_oper_list.symmetry_operation 
_pdbx_struct_oper_list.matrix[1][1] 
_pdbx_struct_oper_list.matrix[1][2] 
_pdbx_struct_oper_list.matrix[1][3] 
_pdbx_struct_oper_list.vector[1] 
_pdbx_struct_oper_list.matrix[2][1] 
_pdbx_struct_oper_list.matrix[2][2] 
_pdbx_struct_oper_list.matrix[2][3] 
_pdbx_struct_oper_list.vector[2] 
_pdbx_struct_oper_list.matrix[3][1] 
_pdbx_struct_oper_list.matrix[3][2] 
_pdbx_struct_oper_list.matrix[3][3] 
_pdbx_struct_oper_list.vector[3] 
1 'identity operation'         1_555 x,y,z  1.0000000000 0.0000000000 0.0000000000 0.0000000000  0.0000000000 1.0000000000  0.0000000000 0.0000000000   0.0000000000 0.0000000000 1.0000000000  0.0000000000   
2 'crystal symmetry operation' 7_555 y,x,-z 0.0557970012 0.9392223551 0.3387448337 30.1964001010 0.9392223551 -0.1644808318 0.3013427014 -17.3872279732 0.3387448337 0.3013427014 -0.8913161695 -45.9071074182 
# 
_struct_biol.id   1 
# 
loop_
_struct_conf.conf_type_id 
_struct_conf.id 
_struct_conf.pdbx_PDB_helix_id 
_struct_conf.beg_label_comp_id 
_struct_conf.beg_label_asym_id 
_struct_conf.beg_label_seq_id 
_struct_conf.pdbx_beg_PDB_ins_code 
_struct_conf.end_label_comp_id 
_struct_conf.end_label_asym_id 
_struct_conf.end_label_seq_id 
_struct_conf.pdbx_end_PDB_ins_code 
_struct_conf.beg_auth_comp_id 
_struct_conf.beg_auth_asym_id 
_struct_conf.beg_auth_seq_id 
_struct_conf.end_auth_comp_id 
_struct_conf.end_auth_asym_id 
_struct_conf.end_auth_seq_id 
_struct_conf.pdbx_PDB_helix_class 
_struct_conf.details 
_struct_conf.pdbx_PDB_helix_length 
HELX_P HELX_P1 1 THR A 60  ? LYS A 65  ? THR A 60  LYS A 65  1 ? 6 
HELX_P HELX_P2 2 PRO A 102 ? GLU A 105 ? PRO A 102 GLU A 105 1 ? 4 
HELX_P HELX_P3 3 LEU A 143 ? ASP A 150 ? LEU A 143 ASP A 150 1 ? 8 
# 
_struct_conf_type.id          HELX_P 
_struct_conf_type.criteria    ? 
_struct_conf_type.reference   ? 
# 
loop_
_struct_conn.id 
_struct_conn.conn_type_id 
_struct_conn.pdbx_leaving_atom_flag 
_struct_conn.pdbx_PDB_id 
_struct_conn.ptnr1_label_asym_id 
_struct_conn.ptnr1_label_comp_id 
_struct_conn.ptnr1_label_seq_id 
_struct_conn.ptnr1_label_atom_id 
_struct_conn.pdbx_ptnr1_label_alt_id 
_struct_conn.pdbx_ptnr1_PDB_ins_code 
_struct_conn.pdbx_ptnr1_standard_comp_id 
_struct_conn.ptnr1_symmetry 
_struct_conn.ptnr2_label_asym_id 
_struct_conn.ptnr2_label_comp_id 
_struct_conn.ptnr2_label_seq_id 
_struct_conn.ptnr2_label_atom_id 
_struct_conn.pdbx_ptnr2_label_alt_id 
_struct_conn.pdbx_ptnr2_PDB_ins_code 
_struct_conn.ptnr1_auth_asym_id 
_struct_conn.ptnr1_auth_comp_id 
_struct_conn.ptnr1_auth_seq_id 
_struct_conn.ptnr2_auth_asym_id 
_struct_conn.ptnr2_auth_comp_id 
_struct_conn.ptnr2_auth_seq_id 
_struct_conn.ptnr2_symmetry 
_struct_conn.pdbx_ptnr3_label_atom_id 
_struct_conn.pdbx_ptnr3_label_seq_id 
_struct_conn.pdbx_ptnr3_label_comp_id 
_struct_conn.pdbx_ptnr3_label_asym_id 
_struct_conn.pdbx_ptnr3_label_alt_id 
_struct_conn.pdbx_ptnr3_PDB_ins_code 
_struct_conn.details 
_struct_conn.pdbx_dist_value 
_struct_conn.pdbx_value_order 
_struct_conn.pdbx_role 
disulf1 disulf ? ? A CYS 49  SG ? ? ? 1_555 A CYS 57  SG ? ? A CYS 49  A CYS 57  1_555 ? ? ? ? ? ? ? 2.012 ? ? 
disulf2 disulf ? ? A CYS 186 SG ? ? ? 1_555 A CYS 209 SG ? ? A CYS 186 A CYS 209 1_555 ? ? ? ? ? ? ? 2.027 ? ? 
# 
_struct_conn_type.id          disulf 
_struct_conn_type.criteria    ? 
_struct_conn_type.reference   ? 
# 
loop_
_pdbx_modification_feature.ordinal 
_pdbx_modification_feature.label_comp_id 
_pdbx_modification_feature.label_asym_id 
_pdbx_modification_feature.label_seq_id 
_pdbx_modification_feature.label_alt_id 
_pdbx_modification_feature.modified_residue_label_comp_id 
_pdbx_modification_feature.modified_residue_label_asym_id 
_pdbx_modification_feature.modified_residue_label_seq_id 
_pdbx_modification_feature.modified_residue_label_alt_id 
_pdbx_modification_feature.auth_comp_id 
_pdbx_modification_feature.auth_asym_id 
_pdbx_modification_feature.auth_seq_id 
_pdbx_modification_feature.PDB_ins_code 
_pdbx_modification_feature.symmetry 
_pdbx_modification_feature.modified_residue_auth_comp_id 
_pdbx_modification_feature.modified_residue_auth_asym_id 
_pdbx_modification_feature.modified_residue_auth_seq_id 
_pdbx_modification_feature.modified_residue_PDB_ins_code 
_pdbx_modification_feature.modified_residue_symmetry 
_pdbx_modification_feature.comp_id_linking_atom 
_pdbx_modification_feature.modified_residue_id_linking_atom 
_pdbx_modification_feature.modified_residue_id 
_pdbx_modification_feature.ref_pcm_id 
_pdbx_modification_feature.ref_comp_id 
_pdbx_modification_feature.type 
_pdbx_modification_feature.category 
1 CYS A 49  ? CYS A 57  ? CYS A 49  ? 1_555 CYS A 57  ? 1_555 SG SG . . . None 'Disulfide bridge' 
2 CYS A 186 ? CYS A 209 ? CYS A 186 ? 1_555 CYS A 209 ? 1_555 SG SG . . . None 'Disulfide bridge' 
# 
_struct_mon_prot_cis.pdbx_id                1 
_struct_mon_prot_cis.label_comp_id          GLU 
_struct_mon_prot_cis.label_seq_id           26 
_struct_mon_prot_cis.label_asym_id          A 
_struct_mon_prot_cis.label_alt_id           . 
_struct_mon_prot_cis.pdbx_PDB_ins_code      ? 
_struct_mon_prot_cis.auth_comp_id           GLU 
_struct_mon_prot_cis.auth_seq_id            26 
_struct_mon_prot_cis.auth_asym_id           A 
_struct_mon_prot_cis.pdbx_label_comp_id_2   PRO 
_struct_mon_prot_cis.pdbx_label_seq_id_2    27 
_struct_mon_prot_cis.pdbx_label_asym_id_2   A 
_struct_mon_prot_cis.pdbx_PDB_ins_code_2    ? 
_struct_mon_prot_cis.pdbx_auth_comp_id_2    PRO 
_struct_mon_prot_cis.pdbx_auth_seq_id_2     27 
_struct_mon_prot_cis.pdbx_auth_asym_id_2    A 
_struct_mon_prot_cis.pdbx_PDB_model_num     1 
_struct_mon_prot_cis.pdbx_omega_angle       0.12 
# 
loop_
_struct_sheet.id 
_struct_sheet.type 
_struct_sheet.number_strands 
_struct_sheet.details 
A ? 3 ? 
B ? 4 ? 
C ? 3 ? 
D ? 3 ? 
# 
loop_
_struct_sheet_order.sheet_id 
_struct_sheet_order.range_id_1 
_struct_sheet_order.range_id_2 
_struct_sheet_order.offset 
_struct_sheet_order.sense 
A 1 2 ? anti-parallel 
A 2 3 ? anti-parallel 
B 1 2 ? anti-parallel 
B 2 3 ? anti-parallel 
B 3 4 ? anti-parallel 
C 1 2 ? anti-parallel 
C 2 3 ? anti-parallel 
D 1 2 ? anti-parallel 
D 2 3 ? anti-parallel 
# 
loop_
_struct_sheet_range.sheet_id 
_struct_sheet_range.id 
_struct_sheet_range.beg_label_comp_id 
_struct_sheet_range.beg_label_asym_id 
_struct_sheet_range.beg_label_seq_id 
_struct_sheet_range.pdbx_beg_PDB_ins_code 
_struct_sheet_range.end_label_comp_id 
_struct_sheet_range.end_label_asym_id 
_struct_sheet_range.end_label_seq_id 
_struct_sheet_range.pdbx_end_PDB_ins_code 
_struct_sheet_range.beg_auth_comp_id 
_struct_sheet_range.beg_auth_asym_id 
_struct_sheet_range.beg_auth_seq_id 
_struct_sheet_range.end_auth_comp_id 
_struct_sheet_range.end_auth_asym_id 
_struct_sheet_range.end_auth_seq_id 
A 1 THR A 13  ? THR A 17  ? THR A 13  THR A 17  
A 2 LYS A 20  ? GLU A 24  ? LYS A 20  GLU A 24  
A 3 GLU A 56  ? ASP A 58  ? GLU A 56  ASP A 58  
B 1 LEU A 93  ? ASN A 96  ? LEU A 93  ASN A 96  
B 2 TYR A 71  ? PRO A 79  ? TYR A 71  PRO A 79  
B 3 GLN A 32  ? THR A 40  ? GLN A 32  THR A 40  
B 4 LYS A 46  ? CYS A 49  ? LYS A 46  CYS A 49  
C 1 GLU A 174 ? ASP A 178 ? GLU A 174 ASP A 178 
C 2 LYS A 122 ? VAL A 127 ? LYS A 122 VAL A 127 
C 3 ILE A 113 ? GLN A 118 ? ILE A 113 GLN A 118 
D 1 TYR A 185 ? VAL A 192 ? TYR A 185 VAL A 192 
D 2 ILE A 152 ? LYS A 159 ? ILE A 152 LYS A 159 
D 3 LYS A 166 ? THR A 170 ? LYS A 166 THR A 170 
# 
loop_
_pdbx_struct_sheet_hbond.sheet_id 
_pdbx_struct_sheet_hbond.range_id_1 
_pdbx_struct_sheet_hbond.range_id_2 
_pdbx_struct_sheet_hbond.range_1_label_atom_id 
_pdbx_struct_sheet_hbond.range_1_label_comp_id 
_pdbx_struct_sheet_hbond.range_1_label_asym_id 
_pdbx_struct_sheet_hbond.range_1_label_seq_id 
_pdbx_struct_sheet_hbond.range_1_PDB_ins_code 
_pdbx_struct_sheet_hbond.range_1_auth_atom_id 
_pdbx_struct_sheet_hbond.range_1_auth_comp_id 
_pdbx_struct_sheet_hbond.range_1_auth_asym_id 
_pdbx_struct_sheet_hbond.range_1_auth_seq_id 
_pdbx_struct_sheet_hbond.range_2_label_atom_id 
_pdbx_struct_sheet_hbond.range_2_label_comp_id 
_pdbx_struct_sheet_hbond.range_2_label_asym_id 
_pdbx_struct_sheet_hbond.range_2_label_seq_id 
_pdbx_struct_sheet_hbond.range_2_PDB_ins_code 
_pdbx_struct_sheet_hbond.range_2_auth_atom_id 
_pdbx_struct_sheet_hbond.range_2_auth_comp_id 
_pdbx_struct_sheet_hbond.range_2_auth_asym_id 
_pdbx_struct_sheet_hbond.range_2_auth_seq_id 
A 1 2 O THR A 13  ? O THR A 13  N GLU A 24  ? N GLU A 24  
A 2 3 O LEU A 23  ? O LEU A 23  N CYS A 57  ? N CYS A 57  
B 1 2 O LEU A 93  ? O LEU A 93  N SER A 77  ? N SER A 77  
B 2 3 O LEU A 72  ? O LEU A 72  N SER A 39  ? N SER A 39  
B 3 4 O VAL A 36  ? O VAL A 36  N CYS A 49  ? N CYS A 49  
C 1 2 O PHE A 175 ? O PHE A 175 N VAL A 125 ? N VAL A 125 
C 2 3 O ASN A 124 ? O ASN A 124 N GLU A 117 ? N GLU A 117 
D 1 2 O CYS A 186 ? O CYS A 186 N TRP A 158 ? N TRP A 158 
D 2 3 O TYR A 153 ? O TYR A 153 N THR A 170 ? N THR A 170 
# 
loop_
_struct_site.id 
_struct_site.pdbx_evidence_code 
_struct_site.pdbx_auth_asym_id 
_struct_site.pdbx_auth_comp_id 
_struct_site.pdbx_auth_seq_id 
_struct_site.pdbx_auth_ins_code 
_struct_site.pdbx_num_residues 
_struct_site.details 
7A1 Author ? ? ? ? 10 
;CORE BINDING SITE FOR FACTOR VIIA FORMING CONCAVITY BETWEEN 'FINGER' AND DOMAIN 1.
;
7A2 Author ? ? ? ? 6  
'DISTAL PART OF BINDING SITE FOR FACTOR VIIA ON CONVEX SURFACE DOMAIN 1 (EXTENDS TO TYR 78 IN HYDROPHOBIC PATCH).' 
XA1 Author ? ? ? ? 2  'SITE OF INTERACTION WITH MACROMOLECULAR SUBSTRATE XA WHICH MAY EXTEND OVER 20 RESIDUES (154 - 174).' 
# 
loop_
_struct_site_gen.id 
_struct_site_gen.site_id 
_struct_site_gen.pdbx_num_res 
_struct_site_gen.label_comp_id 
_struct_site_gen.label_asym_id 
_struct_site_gen.label_seq_id 
_struct_site_gen.pdbx_auth_ins_code 
_struct_site_gen.auth_comp_id 
_struct_site_gen.auth_asym_id 
_struct_site_gen.auth_seq_id 
_struct_site_gen.label_atom_id 
_struct_site_gen.label_alt_id 
_struct_site_gen.symmetry 
_struct_site_gen.details 
1  7A1 10 ARG A 135 ? ARG A 135 . ? 1_555 ? 
2  7A1 10 PHE A 140 ? PHE A 140 . ? 1_555 ? 
3  7A1 10 LEU A 133 ? LEU A 133 . ? 1_555 ? 
4  7A1 10 LYS A 20  ? LYS A 20  . ? 1_555 ? 
5  7A1 10 THR A 60  ? THR A 60  . ? 1_555 ? 
6  7A1 10 ASP A 58  ? ASP A 58  . ? 1_555 ? 
7  7A1 10 ILE A 22  ? ILE A 22  . ? 1_555 ? 
8  7A1 10 GLU A 24  ? GLU A 24  . ? 1_555 ? 
9  7A1 10 GLN A 110 ? GLN A 110 . ? 1_555 ? 
10 7A1 10 VAL A 207 ? VAL A 207 . ? 1_555 ? 
11 7A2 6  LYS A 48  ? LYS A 48  . ? 1_555 ? 
12 7A2 6  LYS A 46  ? LYS A 46  . ? 1_555 ? 
13 7A2 6  GLN A 37  ? GLN A 37  . ? 1_555 ? 
14 7A2 6  ASP A 44  ? ASP A 44  . ? 1_555 ? 
15 7A2 6  TRP A 45  ? TRP A 45  . ? 1_555 ? 
16 7A2 6  TYR A 78  ? TYR A 78  . ? 1_555 ? 
17 XA1 2  LYS A 165 ? LYS A 165 . ? 1_555 ? 
18 XA1 2  LYS A 166 ? LYS A 166 . ? 1_555 ? 
# 
_pdbx_entry_details.entry_id                   1BOY 
_pdbx_entry_details.compound_details           ? 
_pdbx_entry_details.source_details             ? 
_pdbx_entry_details.nonpolymer_details         ? 
_pdbx_entry_details.sequence_details           ? 
_pdbx_entry_details.has_ligand_of_interest     ? 
_pdbx_entry_details.has_protein_modification   Y 
# 
loop_
_pdbx_validate_rmsd_angle.id 
_pdbx_validate_rmsd_angle.PDB_model_num 
_pdbx_validate_rmsd_angle.auth_atom_id_1 
_pdbx_validate_rmsd_angle.auth_asym_id_1 
_pdbx_validate_rmsd_angle.auth_comp_id_1 
_pdbx_validate_rmsd_angle.auth_seq_id_1 
_pdbx_validate_rmsd_angle.PDB_ins_code_1 
_pdbx_validate_rmsd_angle.label_alt_id_1 
_pdbx_validate_rmsd_angle.auth_atom_id_2 
_pdbx_validate_rmsd_angle.auth_asym_id_2 
_pdbx_validate_rmsd_angle.auth_comp_id_2 
_pdbx_validate_rmsd_angle.auth_seq_id_2 
_pdbx_validate_rmsd_angle.PDB_ins_code_2 
_pdbx_validate_rmsd_angle.label_alt_id_2 
_pdbx_validate_rmsd_angle.auth_atom_id_3 
_pdbx_validate_rmsd_angle.auth_asym_id_3 
_pdbx_validate_rmsd_angle.auth_comp_id_3 
_pdbx_validate_rmsd_angle.auth_seq_id_3 
_pdbx_validate_rmsd_angle.PDB_ins_code_3 
_pdbx_validate_rmsd_angle.label_alt_id_3 
_pdbx_validate_rmsd_angle.angle_value 
_pdbx_validate_rmsd_angle.angle_target_value 
_pdbx_validate_rmsd_angle.angle_deviation 
_pdbx_validate_rmsd_angle.angle_standard_deviation 
_pdbx_validate_rmsd_angle.linker_flag 
1 1 C A GLU 91  ? ? N  A PRO 92  ? ? CA A PRO 92  ? ? 129.17 119.30 9.87  1.50 Y 
2 1 N A PRO 92  ? ? CA A PRO 92  ? ? C  A PRO 92  ? ? 128.42 112.10 16.32 2.60 N 
3 1 N A SER 162 ? ? CA A SER 162 ? ? C  A SER 162 ? ? 127.21 111.00 16.21 2.70 N 
4 1 C A ILE 193 ? ? N  A PRO 194 ? ? CA A PRO 194 ? ? 129.06 119.30 9.76  1.50 Y 
# 
loop_
_pdbx_validate_torsion.id 
_pdbx_validate_torsion.PDB_model_num 
_pdbx_validate_torsion.auth_comp_id 
_pdbx_validate_torsion.auth_asym_id 
_pdbx_validate_torsion.auth_seq_id 
_pdbx_validate_torsion.PDB_ins_code 
_pdbx_validate_torsion.label_alt_id 
_pdbx_validate_torsion.phi 
_pdbx_validate_torsion.psi 
1  1 ASN A 5   ? ? -163.36 7.59    
2  1 PHE A 19  ? ? 77.09   -8.67   
3  1 TYR A 51  ? ? 35.54   65.28   
4  1 ASP A 66  ? ? -164.43 96.20   
5  1 SER A 85  ? ? 64.78   -98.62  
6  1 THR A 86  ? ? 35.14   -78.85  
7  1 SER A 88  ? ? 176.64  132.65  
8  1 GLU A 91  ? ? 75.22   156.16  
9  1 PRO A 92  ? ? 30.78   74.56   
10 1 VAL A 119 ? ? -115.69 67.77   
11 1 ASN A 137 ? ? 62.56   -113.47 
12 1 SER A 161 ? ? -78.05  -74.38  
13 1 SER A 162 ? ? -158.04 -154.12 
14 1 SER A 163 ? ? 53.85   -102.91 
# 
loop_
_pdbx_unobs_or_zero_occ_residues.id 
_pdbx_unobs_or_zero_occ_residues.PDB_model_num 
_pdbx_unobs_or_zero_occ_residues.polymer_flag 
_pdbx_unobs_or_zero_occ_residues.occupancy_flag 
_pdbx_unobs_or_zero_occ_residues.auth_asym_id 
_pdbx_unobs_or_zero_occ_residues.auth_comp_id 
_pdbx_unobs_or_zero_occ_residues.auth_seq_id 
_pdbx_unobs_or_zero_occ_residues.PDB_ins_code 
_pdbx_unobs_or_zero_occ_residues.label_asym_id 
_pdbx_unobs_or_zero_occ_residues.label_comp_id 
_pdbx_unobs_or_zero_occ_residues.label_seq_id 
1 1 Y 1 A SER 1   ? A SER 1   
2 1 Y 1 A GLY 2   ? A GLY 2   
3 1 Y 1 A LYS 214 ? A LYS 214 
4 1 Y 1 A GLY 215 ? A GLY 215 
5 1 Y 1 A GLU 216 ? A GLU 216 
6 1 Y 1 A PHE 217 ? A PHE 217 
7 1 Y 1 A ARG 218 ? A ARG 218 
8 1 Y 1 A GLU 219 ? A GLU 219 
# 
loop_
_chem_comp_atom.comp_id 
_chem_comp_atom.atom_id 
_chem_comp_atom.type_symbol 
_chem_comp_atom.pdbx_aromatic_flag 
_chem_comp_atom.pdbx_stereo_config 
_chem_comp_atom.pdbx_ordinal 
ALA N    N N N 1   
ALA CA   C N S 2   
ALA C    C N N 3   
ALA O    O N N 4   
ALA CB   C N N 5   
ALA OXT  O N N 6   
ALA H    H N N 7   
ALA H2   H N N 8   
ALA HA   H N N 9   
ALA HB1  H N N 10  
ALA HB2  H N N 11  
ALA HB3  H N N 12  
ALA HXT  H N N 13  
ARG N    N N N 14  
ARG CA   C N S 15  
ARG C    C N N 16  
ARG O    O N N 17  
ARG CB   C N N 18  
ARG CG   C N N 19  
ARG CD   C N N 20  
ARG NE   N N N 21  
ARG CZ   C N N 22  
ARG NH1  N N N 23  
ARG NH2  N N N 24  
ARG OXT  O N N 25  
ARG H    H N N 26  
ARG H2   H N N 27  
ARG HA   H N N 28  
ARG HB2  H N N 29  
ARG HB3  H N N 30  
ARG HG2  H N N 31  
ARG HG3  H N N 32  
ARG HD2  H N N 33  
ARG HD3  H N N 34  
ARG HE   H N N 35  
ARG HH11 H N N 36  
ARG HH12 H N N 37  
ARG HH21 H N N 38  
ARG HH22 H N N 39  
ARG HXT  H N N 40  
ASN N    N N N 41  
ASN CA   C N S 42  
ASN C    C N N 43  
ASN O    O N N 44  
ASN CB   C N N 45  
ASN CG   C N N 46  
ASN OD1  O N N 47  
ASN ND2  N N N 48  
ASN OXT  O N N 49  
ASN H    H N N 50  
ASN H2   H N N 51  
ASN HA   H N N 52  
ASN HB2  H N N 53  
ASN HB3  H N N 54  
ASN HD21 H N N 55  
ASN HD22 H N N 56  
ASN HXT  H N N 57  
ASP N    N N N 58  
ASP CA   C N S 59  
ASP C    C N N 60  
ASP O    O N N 61  
ASP CB   C N N 62  
ASP CG   C N N 63  
ASP OD1  O N N 64  
ASP OD2  O N N 65  
ASP OXT  O N N 66  
ASP H    H N N 67  
ASP H2   H N N 68  
ASP HA   H N N 69  
ASP HB2  H N N 70  
ASP HB3  H N N 71  
ASP HD2  H N N 72  
ASP HXT  H N N 73  
CYS N    N N N 74  
CYS CA   C N R 75  
CYS C    C N N 76  
CYS O    O N N 77  
CYS CB   C N N 78  
CYS SG   S N N 79  
CYS OXT  O N N 80  
CYS H    H N N 81  
CYS H2   H N N 82  
CYS HA   H N N 83  
CYS HB2  H N N 84  
CYS HB3  H N N 85  
CYS HG   H N N 86  
CYS HXT  H N N 87  
GLN N    N N N 88  
GLN CA   C N S 89  
GLN C    C N N 90  
GLN O    O N N 91  
GLN CB   C N N 92  
GLN CG   C N N 93  
GLN CD   C N N 94  
GLN OE1  O N N 95  
GLN NE2  N N N 96  
GLN OXT  O N N 97  
GLN H    H N N 98  
GLN H2   H N N 99  
GLN HA   H N N 100 
GLN HB2  H N N 101 
GLN HB3  H N N 102 
GLN HG2  H N N 103 
GLN HG3  H N N 104 
GLN HE21 H N N 105 
GLN HE22 H N N 106 
GLN HXT  H N N 107 
GLU N    N N N 108 
GLU CA   C N S 109 
GLU C    C N N 110 
GLU O    O N N 111 
GLU CB   C N N 112 
GLU CG   C N N 113 
GLU CD   C N N 114 
GLU OE1  O N N 115 
GLU OE2  O N N 116 
GLU OXT  O N N 117 
GLU H    H N N 118 
GLU H2   H N N 119 
GLU HA   H N N 120 
GLU HB2  H N N 121 
GLU HB3  H N N 122 
GLU HG2  H N N 123 
GLU HG3  H N N 124 
GLU HE2  H N N 125 
GLU HXT  H N N 126 
GLY N    N N N 127 
GLY CA   C N N 128 
GLY C    C N N 129 
GLY O    O N N 130 
GLY OXT  O N N 131 
GLY H    H N N 132 
GLY H2   H N N 133 
GLY HA2  H N N 134 
GLY HA3  H N N 135 
GLY HXT  H N N 136 
HOH O    O N N 137 
HOH H1   H N N 138 
HOH H2   H N N 139 
ILE N    N N N 140 
ILE CA   C N S 141 
ILE C    C N N 142 
ILE O    O N N 143 
ILE CB   C N S 144 
ILE CG1  C N N 145 
ILE CG2  C N N 146 
ILE CD1  C N N 147 
ILE OXT  O N N 148 
ILE H    H N N 149 
ILE H2   H N N 150 
ILE HA   H N N 151 
ILE HB   H N N 152 
ILE HG12 H N N 153 
ILE HG13 H N N 154 
ILE HG21 H N N 155 
ILE HG22 H N N 156 
ILE HG23 H N N 157 
ILE HD11 H N N 158 
ILE HD12 H N N 159 
ILE HD13 H N N 160 
ILE HXT  H N N 161 
LEU N    N N N 162 
LEU CA   C N S 163 
LEU C    C N N 164 
LEU O    O N N 165 
LEU CB   C N N 166 
LEU CG   C N N 167 
LEU CD1  C N N 168 
LEU CD2  C N N 169 
LEU OXT  O N N 170 
LEU H    H N N 171 
LEU H2   H N N 172 
LEU HA   H N N 173 
LEU HB2  H N N 174 
LEU HB3  H N N 175 
LEU HG   H N N 176 
LEU HD11 H N N 177 
LEU HD12 H N N 178 
LEU HD13 H N N 179 
LEU HD21 H N N 180 
LEU HD22 H N N 181 
LEU HD23 H N N 182 
LEU HXT  H N N 183 
LYS N    N N N 184 
LYS CA   C N S 185 
LYS C    C N N 186 
LYS O    O N N 187 
LYS CB   C N N 188 
LYS CG   C N N 189 
LYS CD   C N N 190 
LYS CE   C N N 191 
LYS NZ   N N N 192 
LYS OXT  O N N 193 
LYS H    H N N 194 
LYS H2   H N N 195 
LYS HA   H N N 196 
LYS HB2  H N N 197 
LYS HB3  H N N 198 
LYS HG2  H N N 199 
LYS HG3  H N N 200 
LYS HD2  H N N 201 
LYS HD3  H N N 202 
LYS HE2  H N N 203 
LYS HE3  H N N 204 
LYS HZ1  H N N 205 
LYS HZ2  H N N 206 
LYS HZ3  H N N 207 
LYS HXT  H N N 208 
MET N    N N N 209 
MET CA   C N S 210 
MET C    C N N 211 
MET O    O N N 212 
MET CB   C N N 213 
MET CG   C N N 214 
MET SD   S N N 215 
MET CE   C N N 216 
MET OXT  O N N 217 
MET H    H N N 218 
MET H2   H N N 219 
MET HA   H N N 220 
MET HB2  H N N 221 
MET HB3  H N N 222 
MET HG2  H N N 223 
MET HG3  H N N 224 
MET HE1  H N N 225 
MET HE2  H N N 226 
MET HE3  H N N 227 
MET HXT  H N N 228 
PHE N    N N N 229 
PHE CA   C N S 230 
PHE C    C N N 231 
PHE O    O N N 232 
PHE CB   C N N 233 
PHE CG   C Y N 234 
PHE CD1  C Y N 235 
PHE CD2  C Y N 236 
PHE CE1  C Y N 237 
PHE CE2  C Y N 238 
PHE CZ   C Y N 239 
PHE OXT  O N N 240 
PHE H    H N N 241 
PHE H2   H N N 242 
PHE HA   H N N 243 
PHE HB2  H N N 244 
PHE HB3  H N N 245 
PHE HD1  H N N 246 
PHE HD2  H N N 247 
PHE HE1  H N N 248 
PHE HE2  H N N 249 
PHE HZ   H N N 250 
PHE HXT  H N N 251 
PRO N    N N N 252 
PRO CA   C N S 253 
PRO C    C N N 254 
PRO O    O N N 255 
PRO CB   C N N 256 
PRO CG   C N N 257 
PRO CD   C N N 258 
PRO OXT  O N N 259 
PRO H    H N N 260 
PRO HA   H N N 261 
PRO HB2  H N N 262 
PRO HB3  H N N 263 
PRO HG2  H N N 264 
PRO HG3  H N N 265 
PRO HD2  H N N 266 
PRO HD3  H N N 267 
PRO HXT  H N N 268 
SER N    N N N 269 
SER CA   C N S 270 
SER C    C N N 271 
SER O    O N N 272 
SER CB   C N N 273 
SER OG   O N N 274 
SER OXT  O N N 275 
SER H    H N N 276 
SER H2   H N N 277 
SER HA   H N N 278 
SER HB2  H N N 279 
SER HB3  H N N 280 
SER HG   H N N 281 
SER HXT  H N N 282 
THR N    N N N 283 
THR CA   C N S 284 
THR C    C N N 285 
THR O    O N N 286 
THR CB   C N R 287 
THR OG1  O N N 288 
THR CG2  C N N 289 
THR OXT  O N N 290 
THR H    H N N 291 
THR H2   H N N 292 
THR HA   H N N 293 
THR HB   H N N 294 
THR HG1  H N N 295 
THR HG21 H N N 296 
THR HG22 H N N 297 
THR HG23 H N N 298 
THR HXT  H N N 299 
TRP N    N N N 300 
TRP CA   C N S 301 
TRP C    C N N 302 
TRP O    O N N 303 
TRP CB   C N N 304 
TRP CG   C Y N 305 
TRP CD1  C Y N 306 
TRP CD2  C Y N 307 
TRP NE1  N Y N 308 
TRP CE2  C Y N 309 
TRP CE3  C Y N 310 
TRP CZ2  C Y N 311 
TRP CZ3  C Y N 312 
TRP CH2  C Y N 313 
TRP OXT  O N N 314 
TRP H    H N N 315 
TRP H2   H N N 316 
TRP HA   H N N 317 
TRP HB2  H N N 318 
TRP HB3  H N N 319 
TRP HD1  H N N 320 
TRP HE1  H N N 321 
TRP HE3  H N N 322 
TRP HZ2  H N N 323 
TRP HZ3  H N N 324 
TRP HH2  H N N 325 
TRP HXT  H N N 326 
TYR N    N N N 327 
TYR CA   C N S 328 
TYR C    C N N 329 
TYR O    O N N 330 
TYR CB   C N N 331 
TYR CG   C Y N 332 
TYR CD1  C Y N 333 
TYR CD2  C Y N 334 
TYR CE1  C Y N 335 
TYR CE2  C Y N 336 
TYR CZ   C Y N 337 
TYR OH   O N N 338 
TYR OXT  O N N 339 
TYR H    H N N 340 
TYR H2   H N N 341 
TYR HA   H N N 342 
TYR HB2  H N N 343 
TYR HB3  H N N 344 
TYR HD1  H N N 345 
TYR HD2  H N N 346 
TYR HE1  H N N 347 
TYR HE2  H N N 348 
TYR HH   H N N 349 
TYR HXT  H N N 350 
VAL N    N N N 351 
VAL CA   C N S 352 
VAL C    C N N 353 
VAL O    O N N 354 
VAL CB   C N N 355 
VAL CG1  C N N 356 
VAL CG2  C N N 357 
VAL OXT  O N N 358 
VAL H    H N N 359 
VAL H2   H N N 360 
VAL HA   H N N 361 
VAL HB   H N N 362 
VAL HG11 H N N 363 
VAL HG12 H N N 364 
VAL HG13 H N N 365 
VAL HG21 H N N 366 
VAL HG22 H N N 367 
VAL HG23 H N N 368 
VAL HXT  H N N 369 
# 
loop_
_chem_comp_bond.comp_id 
_chem_comp_bond.atom_id_1 
_chem_comp_bond.atom_id_2 
_chem_comp_bond.value_order 
_chem_comp_bond.pdbx_aromatic_flag 
_chem_comp_bond.pdbx_stereo_config 
_chem_comp_bond.pdbx_ordinal 
ALA N   CA   sing N N 1   
ALA N   H    sing N N 2   
ALA N   H2   sing N N 3   
ALA CA  C    sing N N 4   
ALA CA  CB   sing N N 5   
ALA CA  HA   sing N N 6   
ALA C   O    doub N N 7   
ALA C   OXT  sing N N 8   
ALA CB  HB1  sing N N 9   
ALA CB  HB2  sing N N 10  
ALA CB  HB3  sing N N 11  
ALA OXT HXT  sing N N 12  
ARG N   CA   sing N N 13  
ARG N   H    sing N N 14  
ARG N   H2   sing N N 15  
ARG CA  C    sing N N 16  
ARG CA  CB   sing N N 17  
ARG CA  HA   sing N N 18  
ARG C   O    doub N N 19  
ARG C   OXT  sing N N 20  
ARG CB  CG   sing N N 21  
ARG CB  HB2  sing N N 22  
ARG CB  HB3  sing N N 23  
ARG CG  CD   sing N N 24  
ARG CG  HG2  sing N N 25  
ARG CG  HG3  sing N N 26  
ARG CD  NE   sing N N 27  
ARG CD  HD2  sing N N 28  
ARG CD  HD3  sing N N 29  
ARG NE  CZ   sing N N 30  
ARG NE  HE   sing N N 31  
ARG CZ  NH1  sing N N 32  
ARG CZ  NH2  doub N N 33  
ARG NH1 HH11 sing N N 34  
ARG NH1 HH12 sing N N 35  
ARG NH2 HH21 sing N N 36  
ARG NH2 HH22 sing N N 37  
ARG OXT HXT  sing N N 38  
ASN N   CA   sing N N 39  
ASN N   H    sing N N 40  
ASN N   H2   sing N N 41  
ASN CA  C    sing N N 42  
ASN CA  CB   sing N N 43  
ASN CA  HA   sing N N 44  
ASN C   O    doub N N 45  
ASN C   OXT  sing N N 46  
ASN CB  CG   sing N N 47  
ASN CB  HB2  sing N N 48  
ASN CB  HB3  sing N N 49  
ASN CG  OD1  doub N N 50  
ASN CG  ND2  sing N N 51  
ASN ND2 HD21 sing N N 52  
ASN ND2 HD22 sing N N 53  
ASN OXT HXT  sing N N 54  
ASP N   CA   sing N N 55  
ASP N   H    sing N N 56  
ASP N   H2   sing N N 57  
ASP CA  C    sing N N 58  
ASP CA  CB   sing N N 59  
ASP CA  HA   sing N N 60  
ASP C   O    doub N N 61  
ASP C   OXT  sing N N 62  
ASP CB  CG   sing N N 63  
ASP CB  HB2  sing N N 64  
ASP CB  HB3  sing N N 65  
ASP CG  OD1  doub N N 66  
ASP CG  OD2  sing N N 67  
ASP OD2 HD2  sing N N 68  
ASP OXT HXT  sing N N 69  
CYS N   CA   sing N N 70  
CYS N   H    sing N N 71  
CYS N   H2   sing N N 72  
CYS CA  C    sing N N 73  
CYS CA  CB   sing N N 74  
CYS CA  HA   sing N N 75  
CYS C   O    doub N N 76  
CYS C   OXT  sing N N 77  
CYS CB  SG   sing N N 78  
CYS CB  HB2  sing N N 79  
CYS CB  HB3  sing N N 80  
CYS SG  HG   sing N N 81  
CYS OXT HXT  sing N N 82  
GLN N   CA   sing N N 83  
GLN N   H    sing N N 84  
GLN N   H2   sing N N 85  
GLN CA  C    sing N N 86  
GLN CA  CB   sing N N 87  
GLN CA  HA   sing N N 88  
GLN C   O    doub N N 89  
GLN C   OXT  sing N N 90  
GLN CB  CG   sing N N 91  
GLN CB  HB2  sing N N 92  
GLN CB  HB3  sing N N 93  
GLN CG  CD   sing N N 94  
GLN CG  HG2  sing N N 95  
GLN CG  HG3  sing N N 96  
GLN CD  OE1  doub N N 97  
GLN CD  NE2  sing N N 98  
GLN NE2 HE21 sing N N 99  
GLN NE2 HE22 sing N N 100 
GLN OXT HXT  sing N N 101 
GLU N   CA   sing N N 102 
GLU N   H    sing N N 103 
GLU N   H2   sing N N 104 
GLU CA  C    sing N N 105 
GLU CA  CB   sing N N 106 
GLU CA  HA   sing N N 107 
GLU C   O    doub N N 108 
GLU C   OXT  sing N N 109 
GLU CB  CG   sing N N 110 
GLU CB  HB2  sing N N 111 
GLU CB  HB3  sing N N 112 
GLU CG  CD   sing N N 113 
GLU CG  HG2  sing N N 114 
GLU CG  HG3  sing N N 115 
GLU CD  OE1  doub N N 116 
GLU CD  OE2  sing N N 117 
GLU OE2 HE2  sing N N 118 
GLU OXT HXT  sing N N 119 
GLY N   CA   sing N N 120 
GLY N   H    sing N N 121 
GLY N   H2   sing N N 122 
GLY CA  C    sing N N 123 
GLY CA  HA2  sing N N 124 
GLY CA  HA3  sing N N 125 
GLY C   O    doub N N 126 
GLY C   OXT  sing N N 127 
GLY OXT HXT  sing N N 128 
HOH O   H1   sing N N 129 
HOH O   H2   sing N N 130 
ILE N   CA   sing N N 131 
ILE N   H    sing N N 132 
ILE N   H2   sing N N 133 
ILE CA  C    sing N N 134 
ILE CA  CB   sing N N 135 
ILE CA  HA   sing N N 136 
ILE C   O    doub N N 137 
ILE C   OXT  sing N N 138 
ILE CB  CG1  sing N N 139 
ILE CB  CG2  sing N N 140 
ILE CB  HB   sing N N 141 
ILE CG1 CD1  sing N N 142 
ILE CG1 HG12 sing N N 143 
ILE CG1 HG13 sing N N 144 
ILE CG2 HG21 sing N N 145 
ILE CG2 HG22 sing N N 146 
ILE CG2 HG23 sing N N 147 
ILE CD1 HD11 sing N N 148 
ILE CD1 HD12 sing N N 149 
ILE CD1 HD13 sing N N 150 
ILE OXT HXT  sing N N 151 
LEU N   CA   sing N N 152 
LEU N   H    sing N N 153 
LEU N   H2   sing N N 154 
LEU CA  C    sing N N 155 
LEU CA  CB   sing N N 156 
LEU CA  HA   sing N N 157 
LEU C   O    doub N N 158 
LEU C   OXT  sing N N 159 
LEU CB  CG   sing N N 160 
LEU CB  HB2  sing N N 161 
LEU CB  HB3  sing N N 162 
LEU CG  CD1  sing N N 163 
LEU CG  CD2  sing N N 164 
LEU CG  HG   sing N N 165 
LEU CD1 HD11 sing N N 166 
LEU CD1 HD12 sing N N 167 
LEU CD1 HD13 sing N N 168 
LEU CD2 HD21 sing N N 169 
LEU CD2 HD22 sing N N 170 
LEU CD2 HD23 sing N N 171 
LEU OXT HXT  sing N N 172 
LYS N   CA   sing N N 173 
LYS N   H    sing N N 174 
LYS N   H2   sing N N 175 
LYS CA  C    sing N N 176 
LYS CA  CB   sing N N 177 
LYS CA  HA   sing N N 178 
LYS C   O    doub N N 179 
LYS C   OXT  sing N N 180 
LYS CB  CG   sing N N 181 
LYS CB  HB2  sing N N 182 
LYS CB  HB3  sing N N 183 
LYS CG  CD   sing N N 184 
LYS CG  HG2  sing N N 185 
LYS CG  HG3  sing N N 186 
LYS CD  CE   sing N N 187 
LYS CD  HD2  sing N N 188 
LYS CD  HD3  sing N N 189 
LYS CE  NZ   sing N N 190 
LYS CE  HE2  sing N N 191 
LYS CE  HE3  sing N N 192 
LYS NZ  HZ1  sing N N 193 
LYS NZ  HZ2  sing N N 194 
LYS NZ  HZ3  sing N N 195 
LYS OXT HXT  sing N N 196 
MET N   CA   sing N N 197 
MET N   H    sing N N 198 
MET N   H2   sing N N 199 
MET CA  C    sing N N 200 
MET CA  CB   sing N N 201 
MET CA  HA   sing N N 202 
MET C   O    doub N N 203 
MET C   OXT  sing N N 204 
MET CB  CG   sing N N 205 
MET CB  HB2  sing N N 206 
MET CB  HB3  sing N N 207 
MET CG  SD   sing N N 208 
MET CG  HG2  sing N N 209 
MET CG  HG3  sing N N 210 
MET SD  CE   sing N N 211 
MET CE  HE1  sing N N 212 
MET CE  HE2  sing N N 213 
MET CE  HE3  sing N N 214 
MET OXT HXT  sing N N 215 
PHE N   CA   sing N N 216 
PHE N   H    sing N N 217 
PHE N   H2   sing N N 218 
PHE CA  C    sing N N 219 
PHE CA  CB   sing N N 220 
PHE CA  HA   sing N N 221 
PHE C   O    doub N N 222 
PHE C   OXT  sing N N 223 
PHE CB  CG   sing N N 224 
PHE CB  HB2  sing N N 225 
PHE CB  HB3  sing N N 226 
PHE CG  CD1  doub Y N 227 
PHE CG  CD2  sing Y N 228 
PHE CD1 CE1  sing Y N 229 
PHE CD1 HD1  sing N N 230 
PHE CD2 CE2  doub Y N 231 
PHE CD2 HD2  sing N N 232 
PHE CE1 CZ   doub Y N 233 
PHE CE1 HE1  sing N N 234 
PHE CE2 CZ   sing Y N 235 
PHE CE2 HE2  sing N N 236 
PHE CZ  HZ   sing N N 237 
PHE OXT HXT  sing N N 238 
PRO N   CA   sing N N 239 
PRO N   CD   sing N N 240 
PRO N   H    sing N N 241 
PRO CA  C    sing N N 242 
PRO CA  CB   sing N N 243 
PRO CA  HA   sing N N 244 
PRO C   O    doub N N 245 
PRO C   OXT  sing N N 246 
PRO CB  CG   sing N N 247 
PRO CB  HB2  sing N N 248 
PRO CB  HB3  sing N N 249 
PRO CG  CD   sing N N 250 
PRO CG  HG2  sing N N 251 
PRO CG  HG3  sing N N 252 
PRO CD  HD2  sing N N 253 
PRO CD  HD3  sing N N 254 
PRO OXT HXT  sing N N 255 
SER N   CA   sing N N 256 
SER N   H    sing N N 257 
SER N   H2   sing N N 258 
SER CA  C    sing N N 259 
SER CA  CB   sing N N 260 
SER CA  HA   sing N N 261 
SER C   O    doub N N 262 
SER C   OXT  sing N N 263 
SER CB  OG   sing N N 264 
SER CB  HB2  sing N N 265 
SER CB  HB3  sing N N 266 
SER OG  HG   sing N N 267 
SER OXT HXT  sing N N 268 
THR N   CA   sing N N 269 
THR N   H    sing N N 270 
THR N   H2   sing N N 271 
THR CA  C    sing N N 272 
THR CA  CB   sing N N 273 
THR CA  HA   sing N N 274 
THR C   O    doub N N 275 
THR C   OXT  sing N N 276 
THR CB  OG1  sing N N 277 
THR CB  CG2  sing N N 278 
THR CB  HB   sing N N 279 
THR OG1 HG1  sing N N 280 
THR CG2 HG21 sing N N 281 
THR CG2 HG22 sing N N 282 
THR CG2 HG23 sing N N 283 
THR OXT HXT  sing N N 284 
TRP N   CA   sing N N 285 
TRP N   H    sing N N 286 
TRP N   H2   sing N N 287 
TRP CA  C    sing N N 288 
TRP CA  CB   sing N N 289 
TRP CA  HA   sing N N 290 
TRP C   O    doub N N 291 
TRP C   OXT  sing N N 292 
TRP CB  CG   sing N N 293 
TRP CB  HB2  sing N N 294 
TRP CB  HB3  sing N N 295 
TRP CG  CD1  doub Y N 296 
TRP CG  CD2  sing Y N 297 
TRP CD1 NE1  sing Y N 298 
TRP CD1 HD1  sing N N 299 
TRP CD2 CE2  doub Y N 300 
TRP CD2 CE3  sing Y N 301 
TRP NE1 CE2  sing Y N 302 
TRP NE1 HE1  sing N N 303 
TRP CE2 CZ2  sing Y N 304 
TRP CE3 CZ3  doub Y N 305 
TRP CE3 HE3  sing N N 306 
TRP CZ2 CH2  doub Y N 307 
TRP CZ2 HZ2  sing N N 308 
TRP CZ3 CH2  sing Y N 309 
TRP CZ3 HZ3  sing N N 310 
TRP CH2 HH2  sing N N 311 
TRP OXT HXT  sing N N 312 
TYR N   CA   sing N N 313 
TYR N   H    sing N N 314 
TYR N   H2   sing N N 315 
TYR CA  C    sing N N 316 
TYR CA  CB   sing N N 317 
TYR CA  HA   sing N N 318 
TYR C   O    doub N N 319 
TYR C   OXT  sing N N 320 
TYR CB  CG   sing N N 321 
TYR CB  HB2  sing N N 322 
TYR CB  HB3  sing N N 323 
TYR CG  CD1  doub Y N 324 
TYR CG  CD2  sing Y N 325 
TYR CD1 CE1  sing Y N 326 
TYR CD1 HD1  sing N N 327 
TYR CD2 CE2  doub Y N 328 
TYR CD2 HD2  sing N N 329 
TYR CE1 CZ   doub Y N 330 
TYR CE1 HE1  sing N N 331 
TYR CE2 CZ   sing Y N 332 
TYR CE2 HE2  sing N N 333 
TYR CZ  OH   sing N N 334 
TYR OH  HH   sing N N 335 
TYR OXT HXT  sing N N 336 
VAL N   CA   sing N N 337 
VAL N   H    sing N N 338 
VAL N   H2   sing N N 339 
VAL CA  C    sing N N 340 
VAL CA  CB   sing N N 341 
VAL CA  HA   sing N N 342 
VAL C   O    doub N N 343 
VAL C   OXT  sing N N 344 
VAL CB  CG1  sing N N 345 
VAL CB  CG2  sing N N 346 
VAL CB  HB   sing N N 347 
VAL CG1 HG11 sing N N 348 
VAL CG1 HG12 sing N N 349 
VAL CG1 HG13 sing N N 350 
VAL CG2 HG21 sing N N 351 
VAL CG2 HG22 sing N N 352 
VAL CG2 HG23 sing N N 353 
VAL OXT HXT  sing N N 354 
# 
_atom_sites.entry_id                    1BOY 
_atom_sites.fract_transf_matrix[1][1]   -0.02165836 
_atom_sites.fract_transf_matrix[1][2]   0.00157841 
_atom_sites.fract_transf_matrix[1][3]   -0.00368360 
_atom_sites.fract_transf_matrix[2][1]   -0.00097380 
_atom_sites.fract_transf_matrix[2][2]   -0.02171166 
_atom_sites.fract_transf_matrix[2][3]   -0.00357776 
_atom_sites.fract_transf_matrix[3][1]   -0.00076474 
_atom_sites.fract_transf_matrix[3][2]   -0.00066004 
_atom_sites.fract_transf_matrix[3][3]   0.00421360 
_atom_sites.fract_transf_vector[1]      0.451998 
_atom_sites.fract_transf_vector[2]      -0.060347 
_atom_sites.fract_transf_vector[3]      0.102525 
# 
loop_
_atom_type.symbol 
C 
N 
O 
S 
# 
loop_
_atom_site.group_PDB 
_atom_site.id 
_atom_site.type_symbol 
_atom_site.label_atom_id 
_atom_site.label_alt_id 
_atom_site.label_comp_id 
_atom_site.label_asym_id 
_atom_site.label_entity_id 
_atom_site.label_seq_id 
_atom_site.pdbx_PDB_ins_code 
_atom_site.Cartn_x 
_atom_site.Cartn_y 
_atom_site.Cartn_z 
_atom_site.occupancy 
_atom_site.B_iso_or_equiv 
_atom_site.pdbx_formal_charge 
_atom_site.auth_seq_id 
_atom_site.auth_comp_id 
_atom_site.auth_asym_id 
_atom_site.auth_atom_id 
_atom_site.pdbx_PDB_model_num 
ATOM   1    N N   . THR A 1 3   ? 15.899  9.445   -29.140 1.00 89.01  ? 3   THR A N   1 
ATOM   2    C CA  . THR A 1 3   ? 16.913  9.122   -30.181 1.00 90.92  ? 3   THR A CA  1 
ATOM   3    C C   . THR A 1 3   ? 16.205  8.432   -31.347 1.00 90.35  ? 3   THR A C   1 
ATOM   4    O O   . THR A 1 3   ? 14.974  8.320   -31.344 1.00 91.94  ? 3   THR A O   1 
ATOM   5    C CB  . THR A 1 3   ? 18.027  8.193   -29.626 1.00 93.07  ? 3   THR A CB  1 
ATOM   6    O OG1 . THR A 1 3   ? 17.439  6.998   -29.089 1.00 96.94  ? 3   THR A OG1 1 
ATOM   7    C CG2 . THR A 1 3   ? 18.834  8.913   -28.537 1.00 89.63  ? 3   THR A CG2 1 
ATOM   8    N N   . THR A 1 4   ? 16.982  7.897   -32.284 1.00 87.54  ? 4   THR A N   1 
ATOM   9    C CA  . THR A 1 4   ? 16.445  7.242   -33.478 1.00 84.44  ? 4   THR A CA  1 
ATOM   10   C C   . THR A 1 4   ? 15.961  5.806   -33.311 1.00 81.52  ? 4   THR A C   1 
ATOM   11   O O   . THR A 1 4   ? 15.734  5.119   -34.308 1.00 82.70  ? 4   THR A O   1 
ATOM   12   C CB  . THR A 1 4   ? 17.516  7.225   -34.579 1.00 83.94  ? 4   THR A CB  1 
ATOM   13   O OG1 . THR A 1 4   ? 18.401  8.343   -34.394 1.00 87.43  ? 4   THR A OG1 1 
ATOM   14   C CG2 . THR A 1 4   ? 16.865  7.313   -35.949 1.00 85.25  ? 4   THR A CG2 1 
ATOM   15   N N   . ASN A 1 5   ? 15.733  5.375   -32.074 1.00 76.28  ? 5   ASN A N   1 
ATOM   16   C CA  . ASN A 1 5   ? 15.343  3.985   -31.818 1.00 73.55  ? 5   ASN A CA  1 
ATOM   17   C C   . ASN A 1 5   ? 14.737  3.763   -30.428 1.00 71.81  ? 5   ASN A C   1 
ATOM   18   O O   . ASN A 1 5   ? 14.379  2.630   -30.061 1.00 69.66  ? 5   ASN A O   1 
ATOM   19   C CB  . ASN A 1 5   ? 16.592  3.085   -31.967 1.00 70.52  ? 5   ASN A CB  1 
ATOM   20   C CG  . ASN A 1 5   ? 17.898  3.738   -31.400 1.00 74.81  ? 5   ASN A CG  1 
ATOM   21   O OD1 . ASN A 1 5   ? 17.884  4.792   -30.723 1.00 72.75  ? 5   ASN A OD1 1 
ATOM   22   N ND2 . ASN A 1 5   ? 19.029  3.111   -31.703 1.00 72.81  ? 5   ASN A ND2 1 
ATOM   23   N N   . THR A 1 6   ? 14.506  4.867   -29.720 1.00 70.00  ? 6   THR A N   1 
ATOM   24   C CA  . THR A 1 6   ? 14.029  4.823   -28.348 1.00 63.95  ? 6   THR A CA  1 
ATOM   25   C C   . THR A 1 6   ? 13.087  5.964   -27.971 1.00 61.24  ? 6   THR A C   1 
ATOM   26   O O   . THR A 1 6   ? 13.272  7.103   -28.418 1.00 60.68  ? 6   THR A O   1 
ATOM   27   C CB  . THR A 1 6   ? 15.277  4.865   -27.423 1.00 63.97  ? 6   THR A CB  1 
ATOM   28   O OG1 . THR A 1 6   ? 15.872  3.564   -27.358 1.00 64.90  ? 6   THR A OG1 1 
ATOM   29   C CG2 . THR A 1 6   ? 14.966  5.363   -26.054 1.00 64.75  ? 6   THR A CG2 1 
ATOM   30   N N   . VAL A 1 7   ? 12.071  5.649   -27.169 1.00 56.00  ? 7   VAL A N   1 
ATOM   31   C CA  . VAL A 1 7   ? 11.142  6.655   -26.675 1.00 54.26  ? 7   VAL A CA  1 
ATOM   32   C C   . VAL A 1 7   ? 11.191  6.621   -25.140 1.00 53.13  ? 7   VAL A C   1 
ATOM   33   O O   . VAL A 1 7   ? 11.396  5.561   -24.546 1.00 51.88  ? 7   VAL A O   1 
ATOM   34   C CB  . VAL A 1 7   ? 9.677   6.439   -27.161 1.00 55.49  ? 7   VAL A CB  1 
ATOM   35   C CG1 . VAL A 1 7   ? 9.151   5.078   -26.745 1.00 52.07  ? 7   VAL A CG1 1 
ATOM   36   C CG2 . VAL A 1 7   ? 8.772   7.529   -26.585 1.00 58.04  ? 7   VAL A CG2 1 
ATOM   37   N N   . ALA A 1 8   ? 11.064  7.793   -24.519 1.00 51.54  ? 8   ALA A N   1 
ATOM   38   C CA  . ALA A 1 8   ? 11.075  7.920   -23.071 1.00 50.11  ? 8   ALA A CA  1 
ATOM   39   C C   . ALA A 1 8   ? 9.759   7.359   -22.506 1.00 48.87  ? 8   ALA A C   1 
ATOM   40   O O   . ALA A 1 8   ? 8.709   7.483   -23.139 1.00 49.45  ? 8   ALA A O   1 
ATOM   41   C CB  . ALA A 1 8   ? 11.246  9.381   -22.679 1.00 42.89  ? 8   ALA A CB  1 
ATOM   42   N N   . ALA A 1 9   ? 9.839   6.701   -21.342 1.00 50.17  ? 9   ALA A N   1 
ATOM   43   C CA  . ALA A 1 9   ? 8.669   6.117   -20.654 1.00 44.81  ? 9   ALA A CA  1 
ATOM   44   C C   . ALA A 1 9   ? 7.816   7.230   -20.099 1.00 42.85  ? 9   ALA A C   1 
ATOM   45   O O   . ALA A 1 9   ? 8.318   8.305   -19.753 1.00 37.63  ? 9   ALA A O   1 
ATOM   46   C CB  . ALA A 1 9   ? 9.111   5.216   -19.520 1.00 50.21  ? 9   ALA A CB  1 
ATOM   47   N N   . TYR A 1 10  ? 6.525   6.997   -20.007 1.00 42.16  ? 10  TYR A N   1 
ATOM   48   C CA  . TYR A 1 10  ? 5.661   8.040   -19.487 1.00 44.36  ? 10  TYR A CA  1 
ATOM   49   C C   . TYR A 1 10  ? 4.568   7.396   -18.640 1.00 44.15  ? 10  TYR A C   1 
ATOM   50   O O   . TYR A 1 10  ? 4.378   6.171   -18.682 1.00 41.20  ? 10  TYR A O   1 
ATOM   51   C CB  . TYR A 1 10  ? 5.091   8.905   -20.635 1.00 45.82  ? 10  TYR A CB  1 
ATOM   52   C CG  . TYR A 1 10  ? 4.282   8.118   -21.643 1.00 46.67  ? 10  TYR A CG  1 
ATOM   53   C CD1 . TYR A 1 10  ? 4.912   7.385   -22.647 1.00 49.53  ? 10  TYR A CD1 1 
ATOM   54   C CD2 . TYR A 1 10  ? 2.884   8.070   -21.570 1.00 46.69  ? 10  TYR A CD2 1 
ATOM   55   C CE1 . TYR A 1 10  ? 4.175   6.622   -23.551 1.00 46.97  ? 10  TYR A CE1 1 
ATOM   56   C CE2 . TYR A 1 10  ? 2.142   7.311   -22.470 1.00 46.78  ? 10  TYR A CE2 1 
ATOM   57   C CZ  . TYR A 1 10  ? 2.801   6.591   -23.454 1.00 48.84  ? 10  TYR A CZ  1 
ATOM   58   O OH  . TYR A 1 10  ? 2.099   5.821   -24.344 1.00 56.72  ? 10  TYR A OH  1 
ATOM   59   N N   . ASN A 1 11  ? 3.851   8.232   -17.885 1.00 48.04  ? 11  ASN A N   1 
ATOM   60   C CA  . ASN A 1 11  ? 2.798   7.774   -16.968 1.00 50.93  ? 11  ASN A CA  1 
ATOM   61   C C   . ASN A 1 11  ? 3.433   6.942   -15.845 1.00 48.87  ? 11  ASN A C   1 
ATOM   62   O O   . ASN A 1 11  ? 3.033   5.794   -15.601 1.00 48.36  ? 11  ASN A O   1 
ATOM   63   C CB  . ASN A 1 11  ? 1.743   6.929   -17.692 1.00 55.77  ? 11  ASN A CB  1 
ATOM   64   C CG  . ASN A 1 11  ? 0.771   7.764   -18.472 1.00 60.76  ? 11  ASN A CG  1 
ATOM   65   O OD1 . ASN A 1 11  ? 0.978   8.973   -18.656 1.00 59.93  ? 11  ASN A OD1 1 
ATOM   66   N ND2 . ASN A 1 11  ? -0.303  7.130   -18.949 1.00 62.89  ? 11  ASN A ND2 1 
ATOM   67   N N   . LEU A 1 12  ? 4.478   7.486   -15.225 1.00 44.87  ? 12  LEU A N   1 
ATOM   68   C CA  . LEU A 1 12  ? 5.145   6.791   -14.141 1.00 44.50  ? 12  LEU A CA  1 
ATOM   69   C C   . LEU A 1 12  ? 4.255   6.906   -12.890 1.00 45.28  ? 12  LEU A C   1 
ATOM   70   O O   . LEU A 1 12  ? 4.138   7.983   -12.297 1.00 47.59  ? 12  LEU A O   1 
ATOM   71   C CB  . LEU A 1 12  ? 6.528   7.401   -13.908 1.00 39.41  ? 12  LEU A CB  1 
ATOM   72   C CG  . LEU A 1 12  ? 7.687   6.873   -14.754 1.00 40.92  ? 12  LEU A CG  1 
ATOM   73   C CD1 . LEU A 1 12  ? 7.488   7.250   -16.199 1.00 41.56  ? 12  LEU A CD1 1 
ATOM   74   C CD2 . LEU A 1 12  ? 8.989   7.456   -14.259 1.00 40.09  ? 12  LEU A CD2 1 
ATOM   75   N N   . THR A 1 13  ? 3.511   5.849   -12.586 1.00 42.77  ? 13  THR A N   1 
ATOM   76   C CA  . THR A 1 13  ? 2.657   5.865   -11.410 1.00 42.61  ? 13  THR A CA  1 
ATOM   77   C C   . THR A 1 13  ? 3.041   4.803   -10.374 1.00 40.96  ? 13  THR A C   1 
ATOM   78   O O   . THR A 1 13  ? 3.383   3.645   -10.701 1.00 36.82  ? 13  THR A O   1 
ATOM   79   C CB  . THR A 1 13  ? 1.164   5.716   -11.753 1.00 42.08  ? 13  THR A CB  1 
ATOM   80   O OG1 . THR A 1 13  ? 0.987   4.613   -12.644 1.00 49.95  ? 13  THR A OG1 1 
ATOM   81   C CG2 . THR A 1 13  ? 0.635   6.974   -12.372 1.00 42.96  ? 13  THR A CG2 1 
ATOM   82   N N   . TRP A 1 14  ? 2.987   5.234   -9.115  1.00 38.34  ? 14  TRP A N   1 
ATOM   83   C CA  . TRP A 1 14  ? 3.294   4.398   -7.946  1.00 35.69  ? 14  TRP A CA  1 
ATOM   84   C C   . TRP A 1 14  ? 2.041   3.653   -7.474  1.00 32.01  ? 14  TRP A C   1 
ATOM   85   O O   . TRP A 1 14  ? 0.993   4.277   -7.284  1.00 35.30  ? 14  TRP A O   1 
ATOM   86   C CB  . TRP A 1 14  ? 3.748   5.307   -6.816  1.00 29.19  ? 14  TRP A CB  1 
ATOM   87   C CG  . TRP A 1 14  ? 5.051   6.013   -7.025  1.00 19.52  ? 14  TRP A CG  1 
ATOM   88   C CD1 . TRP A 1 14  ? 5.243   7.336   -7.354  1.00 16.86  ? 14  TRP A CD1 1 
ATOM   89   C CD2 . TRP A 1 14  ? 6.339   5.476   -6.744  1.00 14.13  ? 14  TRP A CD2 1 
ATOM   90   N NE1 . TRP A 1 14  ? 6.581   7.648   -7.268  1.00 17.97  ? 14  TRP A NE1 1 
ATOM   91   C CE2 . TRP A 1 14  ? 7.273   6.524   -6.894  1.00 7.46   ? 14  TRP A CE2 1 
ATOM   92   C CE3 . TRP A 1 14  ? 6.794   4.217   -6.351  1.00 15.18  ? 14  TRP A CE3 1 
ATOM   93   C CZ2 . TRP A 1 14  ? 8.625   6.351   -6.666  1.00 13.61  ? 14  TRP A CZ2 1 
ATOM   94   C CZ3 . TRP A 1 14  ? 8.139   4.037   -6.120  1.00 21.41  ? 14  TRP A CZ3 1 
ATOM   95   C CH2 . TRP A 1 14  ? 9.049   5.104   -6.281  1.00 20.40  ? 14  TRP A CH2 1 
ATOM   96   N N   . LYS A 1 15  ? 2.130   2.332   -7.347  1.00 32.35  ? 15  LYS A N   1 
ATOM   97   C CA  . LYS A 1 15  ? 1.020   1.486   -6.865  1.00 33.98  ? 15  LYS A CA  1 
ATOM   98   C C   . LYS A 1 15  ? 1.481   0.928   -5.498  1.00 34.68  ? 15  LYS A C   1 
ATOM   99   O O   . LYS A 1 15  ? 2.307   0.013   -5.459  1.00 35.92  ? 15  LYS A O   1 
ATOM   100  C CB  . LYS A 1 15  ? 0.790   0.307   -7.829  1.00 37.71  ? 15  LYS A CB  1 
ATOM   101  C CG  . LYS A 1 15  ? -0.372  0.428   -8.811  1.00 45.24  ? 15  LYS A CG  1 
ATOM   102  C CD  . LYS A 1 15  ? -0.621  1.872   -9.276  1.00 52.67  ? 15  LYS A CD  1 
ATOM   103  C CE  . LYS A 1 15  ? -1.535  1.917   -10.509 1.00 53.13  ? 15  LYS A CE  1 
ATOM   104  N NZ  . LYS A 1 15  ? -2.804  1.137   -10.344 1.00 48.16  ? 15  LYS A NZ  1 
ATOM   105  N N   . SER A 1 16  ? 0.953   1.448   -4.390  1.00 33.77  ? 16  SER A N   1 
ATOM   106  C CA  . SER A 1 16  ? 1.384   0.985   -3.054  1.00 30.95  ? 16  SER A CA  1 
ATOM   107  C C   . SER A 1 16  ? 0.229   0.744   -2.108  1.00 25.25  ? 16  SER A C   1 
ATOM   108  O O   . SER A 1 16  ? -0.598  1.627   -1.912  1.00 22.69  ? 16  SER A O   1 
ATOM   109  C CB  . SER A 1 16  ? 2.259   2.043   -2.416  1.00 27.07  ? 16  SER A CB  1 
ATOM   110  O OG  . SER A 1 16  ? 3.136   1.449   -1.492  1.00 34.50  ? 16  SER A OG  1 
ATOM   111  N N   . THR A 1 17  ? 0.111   -0.469  -1.590  1.00 28.73  ? 17  THR A N   1 
ATOM   112  C CA  . THR A 1 17  ? -0.943  -0.788  -0.609  1.00 30.27  ? 17  THR A CA  1 
ATOM   113  C C   . THR A 1 17  ? -0.250  -1.508  0.512   1.00 29.07  ? 17  THR A C   1 
ATOM   114  O O   . THR A 1 17  ? 0.393   -2.531  0.272   1.00 28.24  ? 17  THR A O   1 
ATOM   115  C CB  . THR A 1 17  ? -2.036  -1.726  -1.137  1.00 30.84  ? 17  THR A CB  1 
ATOM   116  O OG1 . THR A 1 17  ? -2.921  -0.994  -1.996  1.00 38.89  ? 17  THR A OG1 1 
ATOM   117  C CG2 . THR A 1 17  ? -2.854  -2.272  0.030   1.00 26.88  ? 17  THR A CG2 1 
ATOM   118  N N   . ASN A 1 18  ? -0.323  -0.947  1.713   1.00 27.37  ? 18  ASN A N   1 
ATOM   119  C CA  . ASN A 1 18  ? 0.308   -1.548  2.892   1.00 29.91  ? 18  ASN A CA  1 
ATOM   120  C C   . ASN A 1 18  ? 1.804   -1.682  2.662   1.00 27.08  ? 18  ASN A C   1 
ATOM   121  O O   . ASN A 1 18  ? 2.407   -2.674  3.060   1.00 32.13  ? 18  ASN A O   1 
ATOM   122  C CB  . ASN A 1 18  ? -0.280  -2.941  3.231   1.00 25.06  ? 18  ASN A CB  1 
ATOM   123  C CG  . ASN A 1 18  ? -1.692  -2.876  3.853   1.00 32.80  ? 18  ASN A CG  1 
ATOM   124  O OD1 . ASN A 1 18  ? -2.145  -1.824  4.277   1.00 34.10  ? 18  ASN A OD1 1 
ATOM   125  N ND2 . ASN A 1 18  ? -2.393  -4.006  3.879   1.00 35.97  ? 18  ASN A ND2 1 
ATOM   126  N N   . PHE A 1 19  ? 2.383   -0.692  1.991   1.00 27.14  ? 19  PHE A N   1 
ATOM   127  C CA  . PHE A 1 19  ? 3.817   -0.654  1.680   1.00 26.16  ? 19  PHE A CA  1 
ATOM   128  C C   . PHE A 1 19  ? 4.336   -1.532  0.537   1.00 23.49  ? 19  PHE A C   1 
ATOM   129  O O   . PHE A 1 19  ? 5.518   -1.475  0.239   1.00 23.23  ? 19  PHE A O   1 
ATOM   130  C CB  . PHE A 1 19  ? 4.648   -0.900  2.927   1.00 24.34  ? 19  PHE A CB  1 
ATOM   131  C CG  . PHE A 1 19  ? 4.408   0.094   3.997   1.00 28.00  ? 19  PHE A CG  1 
ATOM   132  C CD1 . PHE A 1 19  ? 5.016   1.342   3.937   1.00 24.23  ? 19  PHE A CD1 1 
ATOM   133  C CD2 . PHE A 1 19  ? 3.516   -0.184  5.040   1.00 28.45  ? 19  PHE A CD2 1 
ATOM   134  C CE1 . PHE A 1 19  ? 4.753   2.317   4.890   1.00 32.08  ? 19  PHE A CE1 1 
ATOM   135  C CE2 . PHE A 1 19  ? 3.238   0.782   6.009   1.00 27.59  ? 19  PHE A CE2 1 
ATOM   136  C CZ  . PHE A 1 19  ? 3.853   2.034   5.930   1.00 28.86  ? 19  PHE A CZ  1 
ATOM   137  N N   . LYS A 1 20  ? 3.509   -2.420  -0.011  1.00 19.55  ? 20  LYS A N   1 
ATOM   138  C CA  . LYS A 1 20  ? 3.928   -3.223  -1.149  1.00 25.93  ? 20  LYS A CA  1 
ATOM   139  C C   . LYS A 1 20  ? 3.885   -2.180  -2.279  1.00 24.27  ? 20  LYS A C   1 
ATOM   140  O O   . LYS A 1 20  ? 2.818   -1.628  -2.609  1.00 20.48  ? 20  LYS A O   1 
ATOM   141  C CB  . LYS A 1 20  ? 2.959   -4.354  -1.437  1.00 27.30  ? 20  LYS A CB  1 
ATOM   142  C CG  . LYS A 1 20  ? 3.574   -5.374  -2.359  1.00 32.89  ? 20  LYS A CG  1 
ATOM   143  C CD  . LYS A 1 20  ? 2.727   -6.599  -2.478  1.00 41.50  ? 20  LYS A CD  1 
ATOM   144  C CE  . LYS A 1 20  ? 3.475   -7.677  -3.265  1.00 47.58  ? 20  LYS A CE  1 
ATOM   145  N NZ  . LYS A 1 20  ? 4.896   -7.884  -2.781  1.00 54.40  ? 20  LYS A NZ  1 
ATOM   146  N N   . THR A 1 21  ? 5.072   -1.836  -2.755  1.00 22.24  ? 21  THR A N   1 
ATOM   147  C CA  . THR A 1 21  ? 5.256   -0.795  -3.756  1.00 33.91  ? 21  THR A CA  1 
ATOM   148  C C   . THR A 1 21  ? 5.813   -1.171  -5.148  1.00 32.81  ? 21  THR A C   1 
ATOM   149  O O   . THR A 1 21  ? 6.964   -1.604  -5.280  1.00 31.54  ? 21  THR A O   1 
ATOM   150  C CB  . THR A 1 21  ? 6.143   0.253   -3.143  1.00 32.63  ? 21  THR A CB  1 
ATOM   151  O OG1 . THR A 1 21  ? 5.559   0.625   -1.892  1.00 27.79  ? 21  THR A OG1 1 
ATOM   152  C CG2 . THR A 1 21  ? 6.287   1.462   -4.067  1.00 22.54  ? 21  THR A CG2 1 
ATOM   153  N N   . ILE A 1 22  ? 4.992   -0.955  -6.171  1.00 36.86  ? 22  ILE A N   1 
ATOM   154  C CA  . ILE A 1 22  ? 5.355   -1.227  -7.570  1.00 37.64  ? 22  ILE A CA  1 
ATOM   155  C C   . ILE A 1 22  ? 5.338   0.069   -8.394  1.00 36.11  ? 22  ILE A C   1 
ATOM   156  O O   . ILE A 1 22  ? 4.423   0.891   -8.261  1.00 35.04  ? 22  ILE A O   1 
ATOM   157  C CB  . ILE A 1 22  ? 4.317   -2.130  -8.280  1.00 41.27  ? 22  ILE A CB  1 
ATOM   158  C CG1 . ILE A 1 22  ? 3.878   -3.315  -7.409  1.00 41.39  ? 22  ILE A CG1 1 
ATOM   159  C CG2 . ILE A 1 22  ? 4.897   -2.627  -9.583  1.00 45.19  ? 22  ILE A CG2 1 
ATOM   160  C CD1 . ILE A 1 22  ? 4.869   -4.447  -7.363  1.00 44.86  ? 22  ILE A CD1 1 
ATOM   161  N N   . LEU A 1 23  ? 6.351   0.280   -9.222  1.00 34.88  ? 23  LEU A N   1 
ATOM   162  C CA  . LEU A 1 23  ? 6.329   1.451   -10.100 1.00 35.90  ? 23  LEU A CA  1 
ATOM   163  C C   . LEU A 1 23  ? 5.814   0.926   -11.454 1.00 33.97  ? 23  LEU A C   1 
ATOM   164  O O   . LEU A 1 23  ? 6.207   -0.159  -11.905 1.00 30.54  ? 23  LEU A O   1 
ATOM   165  C CB  . LEU A 1 23  ? 7.710   2.062   -10.265 1.00 33.37  ? 23  LEU A CB  1 
ATOM   166  C CG  . LEU A 1 23  ? 7.729   3.303   -11.160 1.00 33.29  ? 23  LEU A CG  1 
ATOM   167  C CD1 . LEU A 1 23  ? 6.968   4.442   -10.507 1.00 31.75  ? 23  LEU A CD1 1 
ATOM   168  C CD2 . LEU A 1 23  ? 9.173   3.720   -11.386 1.00 34.15  ? 23  LEU A CD2 1 
ATOM   169  N N   . GLU A 1 24  ? 4.830   1.625   -12.000 1.00 37.81  ? 24  GLU A N   1 
ATOM   170  C CA  . GLU A 1 24  ? 4.205   1.291   -13.276 1.00 41.86  ? 24  GLU A CA  1 
ATOM   171  C C   . GLU A 1 24  ? 4.404   2.426   -14.258 1.00 45.25  ? 24  GLU A C   1 
ATOM   172  O O   . GLU A 1 24  ? 4.265   3.602   -13.888 1.00 42.66  ? 24  GLU A O   1 
ATOM   173  C CB  . GLU A 1 24  ? 2.712   1.097   -13.105 1.00 38.79  ? 24  GLU A CB  1 
ATOM   174  C CG  . GLU A 1 24  ? 2.359   -0.317  -12.734 1.00 48.18  ? 24  GLU A CG  1 
ATOM   175  C CD  . GLU A 1 24  ? 0.859   -0.570  -12.693 1.00 50.07  ? 24  GLU A CD  1 
ATOM   176  O OE1 . GLU A 1 24  ? 0.075   0.406   -12.775 1.00 49.65  ? 24  GLU A OE1 1 
ATOM   177  O OE2 . GLU A 1 24  ? 0.475   -1.757  -12.587 1.00 54.73  ? 24  GLU A OE2 1 
ATOM   178  N N   . TRP A 1 25  ? 4.692   2.085   -15.514 1.00 48.45  ? 25  TRP A N   1 
ATOM   179  C CA  . TRP A 1 25  ? 4.899   3.112   -16.540 1.00 46.52  ? 25  TRP A CA  1 
ATOM   180  C C   . TRP A 1 25  ? 4.474   2.649   -17.933 1.00 47.09  ? 25  TRP A C   1 
ATOM   181  O O   . TRP A 1 25  ? 4.017   1.522   -18.117 1.00 42.19  ? 25  TRP A O   1 
ATOM   182  C CB  . TRP A 1 25  ? 6.371   3.546   -16.546 1.00 44.13  ? 25  TRP A CB  1 
ATOM   183  C CG  . TRP A 1 25  ? 7.346   2.465   -16.964 1.00 42.60  ? 25  TRP A CG  1 
ATOM   184  C CD1 . TRP A 1 25  ? 7.815   2.236   -18.230 1.00 44.07  ? 25  TRP A CD1 1 
ATOM   185  C CD2 . TRP A 1 25  ? 7.958   1.465   -16.127 1.00 44.54  ? 25  TRP A CD2 1 
ATOM   186  N NE1 . TRP A 1 25  ? 8.668   1.163   -18.233 1.00 41.64  ? 25  TRP A NE1 1 
ATOM   187  C CE2 . TRP A 1 25  ? 8.777   0.667   -16.958 1.00 42.71  ? 25  TRP A CE2 1 
ATOM   188  C CE3 . TRP A 1 25  ? 7.897   1.162   -14.758 1.00 35.96  ? 25  TRP A CE3 1 
ATOM   189  C CZ2 . TRP A 1 25  ? 9.523   -0.419  -16.466 1.00 39.56  ? 25  TRP A CZ2 1 
ATOM   190  C CZ3 . TRP A 1 25  ? 8.640   0.090   -14.280 1.00 35.30  ? 25  TRP A CZ3 1 
ATOM   191  C CH2 . TRP A 1 25  ? 9.441   -0.686  -15.130 1.00 32.53  ? 25  TRP A CH2 1 
ATOM   192  N N   . GLU A 1 26  ? 4.557   3.558   -18.899 1.00 49.04  ? 26  GLU A N   1 
ATOM   193  C CA  . GLU A 1 26  ? 4.245   3.251   -20.292 1.00 46.86  ? 26  GLU A CA  1 
ATOM   194  C C   . GLU A 1 26  ? 5.445   3.646   -21.162 1.00 45.51  ? 26  GLU A C   1 
ATOM   195  O O   . GLU A 1 26  ? 6.283   4.479   -20.754 1.00 36.87  ? 26  GLU A O   1 
ATOM   196  C CB  . GLU A 1 26  ? 3.003   4.002   -20.746 1.00 50.55  ? 26  GLU A CB  1 
ATOM   197  C CG  . GLU A 1 26  ? 1.717   3.241   -20.523 1.00 55.76  ? 26  GLU A CG  1 
ATOM   198  C CD  . GLU A 1 26  ? 0.524   4.168   -20.522 1.00 63.83  ? 26  GLU A CD  1 
ATOM   199  O OE1 . GLU A 1 26  ? 0.594   5.241   -21.157 1.00 70.28  ? 26  GLU A OE1 1 
ATOM   200  O OE2 . GLU A 1 26  ? -0.486  3.848   -19.861 1.00 71.64  ? 26  GLU A OE2 1 
ATOM   201  N N   . PRO A 1 27  ? 5.531   3.078   -22.382 1.00 45.59  ? 27  PRO A N   1 
ATOM   202  C CA  . PRO A 1 27  ? 4.591   2.121   -22.966 1.00 42.94  ? 27  PRO A CA  1 
ATOM   203  C C   . PRO A 1 27  ? 5.192   0.741   -23.146 1.00 42.26  ? 27  PRO A C   1 
ATOM   204  O O   . PRO A 1 27  ? 6.373   0.537   -22.872 1.00 43.89  ? 27  PRO A O   1 
ATOM   205  C CB  . PRO A 1 27  ? 4.263   2.754   -24.321 1.00 44.14  ? 27  PRO A CB  1 
ATOM   206  C CG  . PRO A 1 27  ? 5.421   3.747   -24.597 1.00 43.06  ? 27  PRO A CG  1 
ATOM   207  C CD  . PRO A 1 27  ? 6.397   3.612   -23.445 1.00 50.05  ? 27  PRO A CD  1 
ATOM   208  N N   . LYS A 1 28  ? 4.380   -0.216  -23.593 1.00 43.68  ? 28  LYS A N   1 
ATOM   209  C CA  . LYS A 1 28  ? 4.855   -1.583  -23.815 1.00 49.42  ? 28  LYS A CA  1 
ATOM   210  C C   . LYS A 1 28  ? 5.942   -1.405  -24.868 1.00 51.60  ? 28  LYS A C   1 
ATOM   211  O O   . LYS A 1 28  ? 5.681   -0.858  -25.944 1.00 52.76  ? 28  LYS A O   1 
ATOM   212  C CB  . LYS A 1 28  ? 3.697   -2.464  -24.316 1.00 52.20  ? 28  LYS A CB  1 
ATOM   213  C CG  . LYS A 1 28  ? 3.969   -3.971  -24.277 1.00 62.58  ? 28  LYS A CG  1 
ATOM   214  C CD  . LYS A 1 28  ? 4.459   -4.510  -25.621 1.00 70.22  ? 28  LYS A CD  1 
ATOM   215  C CE  . LYS A 1 28  ? 5.573   -5.547  -25.447 1.00 78.04  ? 28  LYS A CE  1 
ATOM   216  N NZ  . LYS A 1 28  ? 5.188   -6.683  -24.555 1.00 81.36  ? 28  LYS A NZ  1 
ATOM   217  N N   . PRO A 1 29  ? 7.180   -1.809  -24.557 1.00 53.08  ? 29  PRO A N   1 
ATOM   218  C CA  . PRO A 1 29  ? 8.319   -1.678  -25.478 1.00 54.19  ? 29  PRO A CA  1 
ATOM   219  C C   . PRO A 1 29  ? 8.340   -2.472  -26.799 1.00 51.20  ? 29  PRO A C   1 
ATOM   220  O O   . PRO A 1 29  ? 7.778   -3.578  -26.921 1.00 48.04  ? 29  PRO A O   1 
ATOM   221  C CB  . PRO A 1 29  ? 9.504   -2.077  -24.592 1.00 51.24  ? 29  PRO A CB  1 
ATOM   222  C CG  . PRO A 1 29  ? 8.936   -3.188  -23.825 1.00 55.74  ? 29  PRO A CG  1 
ATOM   223  C CD  . PRO A 1 29  ? 7.569   -2.607  -23.387 1.00 55.43  ? 29  PRO A CD  1 
ATOM   224  N N   . VAL A 1 30  ? 9.058   -1.896  -27.766 1.00 50.86  ? 30  VAL A N   1 
ATOM   225  C CA  . VAL A 1 30  ? 9.280   -2.497  -29.085 1.00 48.52  ? 30  VAL A CA  1 
ATOM   226  C C   . VAL A 1 30  ? 10.731  -2.175  -29.427 1.00 43.63  ? 30  VAL A C   1 
ATOM   227  O O   . VAL A 1 30  ? 11.099  -1.007  -29.552 1.00 36.06  ? 30  VAL A O   1 
ATOM   228  C CB  . VAL A 1 30  ? 8.290   -1.956  -30.151 1.00 52.44  ? 30  VAL A CB  1 
ATOM   229  C CG1 . VAL A 1 30  ? 6.856   -2.417  -29.799 1.00 49.52  ? 30  VAL A CG1 1 
ATOM   230  C CG2 . VAL A 1 30  ? 8.366   -0.421  -30.250 1.00 50.89  ? 30  VAL A CG2 1 
ATOM   231  N N   . ASN A 1 31  ? 11.563  -3.214  -29.479 1.00 43.37  ? 31  ASN A N   1 
ATOM   232  C CA  . ASN A 1 31  ? 12.995  -3.045  -29.740 1.00 51.56  ? 31  ASN A CA  1 
ATOM   233  C C   . ASN A 1 31  ? 13.520  -2.047  -28.714 1.00 51.67  ? 31  ASN A C   1 
ATOM   234  O O   . ASN A 1 31  ? 14.156  -1.042  -29.049 1.00 53.14  ? 31  ASN A O   1 
ATOM   235  C CB  . ASN A 1 31  ? 13.255  -2.476  -31.139 1.00 60.95  ? 31  ASN A CB  1 
ATOM   236  C CG  . ASN A 1 31  ? 12.483  -3.190  -32.212 1.00 66.08  ? 31  ASN A CG  1 
ATOM   237  O OD1 . ASN A 1 31  ? 12.543  -4.422  -32.333 1.00 62.77  ? 31  ASN A OD1 1 
ATOM   238  N ND2 . ASN A 1 31  ? 11.713  -2.420  -32.982 1.00 67.72  ? 31  ASN A ND2 1 
ATOM   239  N N   . GLN A 1 32  ? 13.235  -2.328  -27.450 1.00 53.15  ? 32  GLN A N   1 
ATOM   240  C CA  . GLN A 1 32  ? 13.634  -1.442  -26.363 1.00 47.36  ? 32  GLN A CA  1 
ATOM   241  C C   . GLN A 1 32  ? 13.421  -2.189  -25.036 1.00 44.99  ? 32  GLN A C   1 
ATOM   242  O O   . GLN A 1 32  ? 12.538  -3.056  -24.930 1.00 43.64  ? 32  GLN A O   1 
ATOM   243  C CB  . GLN A 1 32  ? 12.754  -0.180  -26.448 1.00 42.83  ? 32  GLN A CB  1 
ATOM   244  C CG  . GLN A 1 32  ? 13.202  0.991   -25.675 1.00 44.41  ? 32  GLN A CG  1 
ATOM   245  C CD  . GLN A 1 32  ? 12.296  2.167   -25.889 1.00 45.09  ? 32  GLN A CD  1 
ATOM   246  O OE1 . GLN A 1 32  ? 12.513  2.956   -26.796 1.00 50.17  ? 32  GLN A OE1 1 
ATOM   247  N NE2 . GLN A 1 32  ? 11.285  2.311   -25.045 1.00 47.41  ? 32  GLN A NE2 1 
ATOM   248  N N   . VAL A 1 33  ? 14.313  -1.945  -24.081 1.00 42.68  ? 33  VAL A N   1 
ATOM   249  C CA  . VAL A 1 33  ? 14.209  -2.526  -22.749 1.00 36.85  ? 33  VAL A CA  1 
ATOM   250  C C   . VAL A 1 33  ? 14.378  -1.384  -21.747 1.00 39.17  ? 33  VAL A C   1 
ATOM   251  O O   . VAL A 1 33  ? 14.844  -0.288  -22.117 1.00 36.00  ? 33  VAL A O   1 
ATOM   252  C CB  . VAL A 1 33  ? 15.265  -3.646  -22.462 1.00 34.49  ? 33  VAL A CB  1 
ATOM   253  C CG1 . VAL A 1 33  ? 15.049  -4.843  -23.364 1.00 36.58  ? 33  VAL A CG1 1 
ATOM   254  C CG2 . VAL A 1 33  ? 16.686  -3.120  -22.534 1.00 25.45  ? 33  VAL A CG2 1 
ATOM   255  N N   . TYR A 1 34  ? 13.937  -1.604  -20.504 1.00 38.27  ? 34  TYR A N   1 
ATOM   256  C CA  . TYR A 1 34  ? 14.083  -0.588  -19.464 1.00 32.65  ? 34  TYR A CA  1 
ATOM   257  C C   . TYR A 1 34  ? 14.984  -0.983  -18.338 1.00 30.04  ? 34  TYR A C   1 
ATOM   258  O O   . TYR A 1 34  ? 15.267  -2.158  -18.097 1.00 30.05  ? 34  TYR A O   1 
ATOM   259  C CB  . TYR A 1 34  ? 12.755  -0.277  -18.839 1.00 32.63  ? 34  TYR A CB  1 
ATOM   260  C CG  . TYR A 1 34  ? 11.733  0.150   -19.809 1.00 30.30  ? 34  TYR A CG  1 
ATOM   261  C CD1 . TYR A 1 34  ? 11.687  1.469   -20.258 1.00 31.43  ? 34  TYR A CD1 1 
ATOM   262  C CD2 . TYR A 1 34  ? 10.781  -0.752  -20.267 1.00 30.89  ? 34  TYR A CD2 1 
ATOM   263  C CE1 . TYR A 1 34  ? 10.710  1.888   -21.149 1.00 29.89  ? 34  TYR A CE1 1 
ATOM   264  C CE2 . TYR A 1 34  ? 9.795   -0.346  -21.150 1.00 32.49  ? 34  TYR A CE2 1 
ATOM   265  C CZ  . TYR A 1 34  ? 9.771   0.979   -21.588 1.00 33.27  ? 34  TYR A CZ  1 
ATOM   266  O OH  . TYR A 1 34  ? 8.797   1.383   -22.465 1.00 42.05  ? 34  TYR A OH  1 
ATOM   267  N N   . THR A 1 35  ? 15.434  0.029   -17.637 1.00 31.41  ? 35  THR A N   1 
ATOM   268  C CA  . THR A 1 35  ? 16.216  -0.193  -16.452 1.00 31.89  ? 35  THR A CA  1 
ATOM   269  C C   . THR A 1 35  ? 15.707  0.818   -15.442 1.00 34.07  ? 35  THR A C   1 
ATOM   270  O O   . THR A 1 35  ? 15.731  2.017   -15.717 1.00 28.66  ? 35  THR A O   1 
ATOM   271  C CB  . THR A 1 35  ? 17.700  -0.092  -16.693 1.00 32.85  ? 35  THR A CB  1 
ATOM   272  O OG1 . THR A 1 35  ? 18.166  -1.383  -17.104 1.00 36.29  ? 35  THR A OG1 1 
ATOM   273  C CG2 . THR A 1 35  ? 18.427  0.319   -15.425 1.00 33.52  ? 35  THR A CG2 1 
ATOM   274  N N   . VAL A 1 36  ? 15.168  0.316   -14.316 1.00 32.75  ? 36  VAL A N   1 
ATOM   275  C CA  . VAL A 1 36  ? 14.592  1.176   -13.269 1.00 31.14  ? 36  VAL A CA  1 
ATOM   276  C C   . VAL A 1 36  ? 15.542  1.405   -12.091 1.00 29.85  ? 36  VAL A C   1 
ATOM   277  O O   . VAL A 1 36  ? 16.185  0.484   -11.579 1.00 30.33  ? 36  VAL A O   1 
ATOM   278  C CB  . VAL A 1 36  ? 13.246  0.619   -12.776 1.00 33.18  ? 36  VAL A CB  1 
ATOM   279  C CG1 . VAL A 1 36  ? 12.631  1.531   -11.724 1.00 35.21  ? 36  VAL A CG1 1 
ATOM   280  C CG2 . VAL A 1 36  ? 12.283  0.422   -13.936 1.00 23.54  ? 36  VAL A CG2 1 
ATOM   281  N N   . GLN A 1 37  ? 15.718  2.665   -11.751 1.00 30.93  ? 37  GLN A N   1 
ATOM   282  C CA  . GLN A 1 37  ? 16.580  3.049   -10.649 1.00 34.77  ? 37  GLN A CA  1 
ATOM   283  C C   . GLN A 1 37  ? 15.762  3.779   -9.597  1.00 33.95  ? 37  GLN A C   1 
ATOM   284  O O   . GLN A 1 37  ? 14.771  4.453   -9.911  1.00 31.74  ? 37  GLN A O   1 
ATOM   285  C CB  . GLN A 1 37  ? 17.677  3.994   -11.121 1.00 39.34  ? 37  GLN A CB  1 
ATOM   286  C CG  . GLN A 1 37  ? 18.721  3.356   -12.005 1.00 42.87  ? 37  GLN A CG  1 
ATOM   287  C CD  . GLN A 1 37  ? 19.891  4.281   -12.199 1.00 42.28  ? 37  GLN A CD  1 
ATOM   288  O OE1 . GLN A 1 37  ? 19.714  5.479   -12.441 1.00 46.31  ? 37  GLN A OE1 1 
ATOM   289  N NE2 . GLN A 1 37  ? 21.092  3.755   -12.031 1.00 42.44  ? 37  GLN A NE2 1 
ATOM   290  N N   . ILE A 1 38  ? 16.224  3.718   -8.354  1.00 37.26  ? 38  ILE A N   1 
ATOM   291  C CA  . ILE A 1 38  ? 15.522  4.378   -7.245  1.00 33.74  ? 38  ILE A CA  1 
ATOM   292  C C   . ILE A 1 38  ? 16.516  5.115   -6.353  1.00 32.56  ? 38  ILE A C   1 
ATOM   293  O O   . ILE A 1 38  ? 17.709  4.783   -6.303  1.00 31.78  ? 38  ILE A O   1 
ATOM   294  C CB  . ILE A 1 38  ? 14.667  3.345   -6.429  1.00 32.32  ? 38  ILE A CB  1 
ATOM   295  C CG1 . ILE A 1 38  ? 13.815  4.054   -5.393  1.00 32.37  ? 38  ILE A CG1 1 
ATOM   296  C CG2 . ILE A 1 38  ? 15.541  2.263   -5.788  1.00 30.69  ? 38  ILE A CG2 1 
ATOM   297  C CD1 . ILE A 1 38  ? 12.820  3.132   -4.774  1.00 33.18  ? 38  ILE A CD1 1 
ATOM   298  N N   . SER A 1 39  ? 16.049  6.193   -5.753  1.00 33.33  ? 39  SER A N   1 
ATOM   299  C CA  . SER A 1 39  ? 16.886  6.967   -4.861  1.00 37.68  ? 39  SER A CA  1 
ATOM   300  C C   . SER A 1 39  ? 15.988  7.698   -3.863  1.00 39.20  ? 39  SER A C   1 
ATOM   301  O O   . SER A 1 39  ? 14.776  7.855   -4.093  1.00 34.85  ? 39  SER A O   1 
ATOM   302  C CB  . SER A 1 39  ? 17.685  8.011   -5.658  1.00 32.27  ? 39  SER A CB  1 
ATOM   303  O OG  . SER A 1 39  ? 16.816  8.993   -6.224  1.00 33.63  ? 39  SER A OG  1 
ATOM   304  N N   . THR A 1 40  ? 16.561  8.056   -2.720  1.00 43.06  ? 40  THR A N   1 
ATOM   305  C CA  . THR A 1 40  ? 15.835  8.867   -1.758  1.00 51.32  ? 40  THR A CA  1 
ATOM   306  C C   . THR A 1 40  ? 15.995  10.231  -2.425  1.00 53.69  ? 40  THR A C   1 
ATOM   307  O O   . THR A 1 40  ? 16.959  10.431  -3.165  1.00 52.59  ? 40  THR A O   1 
ATOM   308  C CB  . THR A 1 40  ? 16.539  8.887   -0.425  1.00 49.38  ? 40  THR A CB  1 
ATOM   309  O OG1 . THR A 1 40  ? 17.930  9.156   -0.637  1.00 50.19  ? 40  THR A OG1 1 
ATOM   310  C CG2 . THR A 1 40  ? 16.373  7.537   0.267   1.00 50.39  ? 40  THR A CG2 1 
ATOM   311  N N   . LYS A 1 41  ? 15.063  11.153  -2.217  1.00 58.84  ? 41  LYS A N   1 
ATOM   312  C CA  . LYS A 1 41  ? 15.160  12.460  -2.862  1.00 63.16  ? 41  LYS A CA  1 
ATOM   313  C C   . LYS A 1 41  ? 16.538  13.028  -2.554  1.00 65.29  ? 41  LYS A C   1 
ATOM   314  O O   . LYS A 1 41  ? 16.981  13.050  -1.391  1.00 69.19  ? 41  LYS A O   1 
ATOM   315  C CB  . LYS A 1 41  ? 14.053  13.406  -2.381  1.00 63.33  ? 41  LYS A CB  1 
ATOM   316  C CG  . LYS A 1 41  ? 13.690  14.490  -3.372  1.00 66.39  ? 41  LYS A CG  1 
ATOM   317  C CD  . LYS A 1 41  ? 12.904  15.602  -2.686  1.00 75.79  ? 41  LYS A CD  1 
ATOM   318  C CE  . LYS A 1 41  ? 13.752  16.352  -1.649  1.00 85.43  ? 41  LYS A CE  1 
ATOM   319  N NZ  . LYS A 1 41  ? 13.100  17.556  -1.024  1.00 86.28  ? 41  LYS A NZ  1 
ATOM   320  N N   . SER A 1 42  ? 17.275  13.301  -3.620  1.00 65.92  ? 42  SER A N   1 
ATOM   321  C CA  . SER A 1 42  ? 18.619  13.844  -3.507  1.00 66.72  ? 42  SER A CA  1 
ATOM   322  C C   . SER A 1 42  ? 19.642  12.788  -3.095  1.00 64.74  ? 42  SER A C   1 
ATOM   323  O O   . SER A 1 42  ? 20.752  13.118  -2.698  1.00 65.32  ? 42  SER A O   1 
ATOM   324  C CB  . SER A 1 42  ? 18.623  15.001  -2.502  1.00 68.07  ? 42  SER A CB  1 
ATOM   325  O OG  . SER A 1 42  ? 17.488  15.830  -2.698  1.00 76.49  ? 42  SER A OG  1 
ATOM   326  N N   . GLY A 1 43  ? 19.283  11.521  -3.217  1.00 64.65  ? 43  GLY A N   1 
ATOM   327  C CA  . GLY A 1 43  ? 20.194  10.466  -2.828  1.00 64.43  ? 43  GLY A CA  1 
ATOM   328  C C   . GLY A 1 43  ? 20.898  9.813   -4.001  1.00 66.17  ? 43  GLY A C   1 
ATOM   329  O O   . GLY A 1 43  ? 20.767  10.242  -5.155  1.00 67.27  ? 43  GLY A O   1 
ATOM   330  N N   . ASP A 1 44  ? 21.698  8.803   -3.684  1.00 65.73  ? 44  ASP A N   1 
ATOM   331  C CA  . ASP A 1 44  ? 22.444  8.024   -4.672  1.00 65.77  ? 44  ASP A CA  1 
ATOM   332  C C   . ASP A 1 44  ? 21.414  7.189   -5.439  1.00 62.66  ? 44  ASP A C   1 
ATOM   333  O O   . ASP A 1 44  ? 20.359  6.844   -4.887  1.00 64.39  ? 44  ASP A O   1 
ATOM   334  C CB  . ASP A 1 44  ? 23.482  7.100   -3.967  1.00 74.15  ? 44  ASP A CB  1 
ATOM   335  C CG  . ASP A 1 44  ? 23.032  6.630   -2.524  1.00 83.89  ? 44  ASP A CG  1 
ATOM   336  O OD1 . ASP A 1 44  ? 21.898  6.097   -2.372  1.00 86.68  ? 44  ASP A OD1 1 
ATOM   337  O OD2 . ASP A 1 44  ? 23.820  6.785   -1.542  1.00 83.05  ? 44  ASP A OD2 1 
ATOM   338  N N   . TRP A 1 45  ? 21.682  6.900   -6.708  1.00 55.19  ? 45  TRP A N   1 
ATOM   339  C CA  . TRP A 1 45  ? 20.741  6.102   -7.479  1.00 46.27  ? 45  TRP A CA  1 
ATOM   340  C C   . TRP A 1 45  ? 21.138  4.648   -7.450  1.00 43.90  ? 45  TRP A C   1 
ATOM   341  O O   . TRP A 1 45  ? 22.316  4.329   -7.559  1.00 43.74  ? 45  TRP A O   1 
ATOM   342  C CB  . TRP A 1 45  ? 20.691  6.581   -8.901  1.00 39.53  ? 45  TRP A CB  1 
ATOM   343  C CG  . TRP A 1 45  ? 20.001  7.837   -9.054  1.00 29.88  ? 45  TRP A CG  1 
ATOM   344  C CD1 . TRP A 1 45  ? 20.556  9.065   -9.196  1.00 28.57  ? 45  TRP A CD1 1 
ATOM   345  C CD2 . TRP A 1 45  ? 18.592  8.015   -9.121  1.00 31.31  ? 45  TRP A CD2 1 
ATOM   346  N NE1 . TRP A 1 45  ? 19.573  10.012  -9.349  1.00 26.74  ? 45  TRP A NE1 1 
ATOM   347  C CE2 . TRP A 1 45  ? 18.354  9.391   -9.310  1.00 29.78  ? 45  TRP A CE2 1 
ATOM   348  C CE3 . TRP A 1 45  ? 17.503  7.142   -9.047  1.00 25.51  ? 45  TRP A CE3 1 
ATOM   349  C CZ2 . TRP A 1 45  ? 17.071  9.918   -9.425  1.00 30.20  ? 45  TRP A CZ2 1 
ATOM   350  C CZ3 . TRP A 1 45  ? 16.232  7.667   -9.162  1.00 29.64  ? 45  TRP A CZ3 1 
ATOM   351  C CH2 . TRP A 1 45  ? 16.024  9.042   -9.349  1.00 31.36  ? 45  TRP A CH2 1 
ATOM   352  N N   . LYS A 1 46  ? 20.153  3.766   -7.323  1.00 41.40  ? 46  LYS A N   1 
ATOM   353  C CA  . LYS A 1 46  ? 20.420  2.343   -7.268  1.00 40.29  ? 46  LYS A CA  1 
ATOM   354  C C   . LYS A 1 46  ? 19.528  1.636   -8.293  1.00 40.84  ? 46  LYS A C   1 
ATOM   355  O O   . LYS A 1 46  ? 18.353  1.984   -8.446  1.00 38.32  ? 46  LYS A O   1 
ATOM   356  C CB  . LYS A 1 46  ? 20.143  1.851   -5.848  1.00 43.65  ? 46  LYS A CB  1 
ATOM   357  C CG  . LYS A 1 46  ? 20.407  0.388   -5.619  1.00 51.46  ? 46  LYS A CG  1 
ATOM   358  C CD  . LYS A 1 46  ? 20.317  0.031   -4.132  1.00 57.53  ? 46  LYS A CD  1 
ATOM   359  C CE  . LYS A 1 46  ? 20.682  -1.441  -3.899  1.00 60.85  ? 46  LYS A CE  1 
ATOM   360  N NZ  . LYS A 1 46  ? 20.902  -1.751  -2.459  1.00 64.10  ? 46  LYS A NZ  1 
ATOM   361  N N   . SER A 1 47  ? 20.089  0.678   -9.028  1.00 36.92  ? 47  SER A N   1 
ATOM   362  C CA  . SER A 1 47  ? 19.305  -0.028  -10.028 1.00 39.42  ? 47  SER A CA  1 
ATOM   363  C C   . SER A 1 47  ? 18.631  -1.220  -9.428  1.00 37.41  ? 47  SER A C   1 
ATOM   364  O O   . SER A 1 47  ? 19.281  -2.011  -8.754  1.00 35.61  ? 47  SER A O   1 
ATOM   365  C CB  . SER A 1 47  ? 20.168  -0.463  -11.208 1.00 41.03  ? 47  SER A CB  1 
ATOM   366  O OG  . SER A 1 47  ? 20.503  0.663   -11.981 1.00 48.73  ? 47  SER A OG  1 
ATOM   367  N N   . LYS A 1 48  ? 17.351  -1.383  -9.765  1.00 36.43  ? 48  LYS A N   1 
ATOM   368  C CA  . LYS A 1 48  ? 16.532  -2.471  -9.245  1.00 35.21  ? 48  LYS A CA  1 
ATOM   369  C C   . LYS A 1 48  ? 16.047  -3.472  -10.333 1.00 31.45  ? 48  LYS A C   1 
ATOM   370  O O   . LYS A 1 48  ? 16.261  -4.673  -10.201 1.00 29.12  ? 48  LYS A O   1 
ATOM   371  C CB  . LYS A 1 48  ? 15.381  -1.861  -8.414  1.00 37.29  ? 48  LYS A CB  1 
ATOM   372  C CG  . LYS A 1 48  ? 14.563  -2.852  -7.590  1.00 48.10  ? 48  LYS A CG  1 
ATOM   373  C CD  . LYS A 1 48  ? 15.363  -3.406  -6.415  1.00 54.14  ? 48  LYS A CD  1 
ATOM   374  C CE  . LYS A 1 48  ? 14.802  -4.763  -5.918  1.00 55.58  ? 48  LYS A CE  1 
ATOM   375  N NZ  . LYS A 1 48  ? 13.385  -4.733  -5.433  1.00 61.02  ? 48  LYS A NZ  1 
ATOM   376  N N   . CYS A 1 49  ? 15.329  -3.013  -11.354 1.00 31.35  ? 49  CYS A N   1 
ATOM   377  C CA  . CYS A 1 49  ? 14.920  -3.915  -12.444 1.00 34.23  ? 49  CYS A CA  1 
ATOM   378  C C   . CYS A 1 49  ? 15.813  -3.588  -13.660 1.00 33.15  ? 49  CYS A C   1 
ATOM   379  O O   . CYS A 1 49  ? 15.862  -2.436  -14.109 1.00 29.52  ? 49  CYS A O   1 
ATOM   380  C CB  . CYS A 1 49  ? 13.452  -3.731  -12.796 1.00 32.73  ? 49  CYS A CB  1 
ATOM   381  S SG  . CYS A 1 49  ? 12.352  -4.213  -11.433 1.00 34.81  ? 49  CYS A SG  1 
ATOM   382  N N   . PHE A 1 50  ? 16.572  -4.576  -14.123 1.00 32.54  ? 50  PHE A N   1 
ATOM   383  C CA  . PHE A 1 50  ? 17.502  -4.393  -15.243 1.00 34.37  ? 50  PHE A CA  1 
ATOM   384  C C   . PHE A 1 50  ? 17.098  -4.850  -16.613 1.00 29.90  ? 50  PHE A C   1 
ATOM   385  O O   . PHE A 1 50  ? 16.739  -6.018  -16.754 1.00 26.70  ? 50  PHE A O   1 
ATOM   386  C CB  . PHE A 1 50  ? 18.767  -5.170  -14.978 1.00 36.71  ? 50  PHE A CB  1 
ATOM   387  C CG  . PHE A 1 50  ? 19.662  -4.529  -14.017 1.00 40.84  ? 50  PHE A CG  1 
ATOM   388  C CD1 . PHE A 1 50  ? 20.523  -3.539  -14.432 1.00 42.13  ? 50  PHE A CD1 1 
ATOM   389  C CD2 . PHE A 1 50  ? 19.684  -4.940  -12.704 1.00 39.99  ? 50  PHE A CD2 1 
ATOM   390  C CE1 . PHE A 1 50  ? 21.412  -2.951  -13.548 1.00 48.45  ? 50  PHE A CE1 1 
ATOM   391  C CE2 . PHE A 1 50  ? 20.566  -4.365  -11.813 1.00 46.03  ? 50  PHE A CE2 1 
ATOM   392  C CZ  . PHE A 1 50  ? 21.441  -3.365  -12.238 1.00 47.71  ? 50  PHE A CZ  1 
ATOM   393  N N   . TYR A 1 51  ? 17.243  -3.959  -17.605 1.00 31.78  ? 51  TYR A N   1 
ATOM   394  C CA  . TYR A 1 51  ? 17.011  -4.255  -19.050 1.00 29.89  ? 51  TYR A CA  1 
ATOM   395  C C   . TYR A 1 51  ? 15.876  -5.222  -19.239 1.00 29.78  ? 51  TYR A C   1 
ATOM   396  O O   . TYR A 1 51  ? 16.063  -6.352  -19.712 1.00 31.18  ? 51  TYR A O   1 
ATOM   397  C CB  . TYR A 1 51  ? 18.260  -4.904  -19.646 1.00 23.01  ? 51  TYR A CB  1 
ATOM   398  C CG  . TYR A 1 51  ? 19.499  -4.163  -19.302 1.00 20.16  ? 51  TYR A CG  1 
ATOM   399  C CD1 . TYR A 1 51  ? 19.634  -2.835  -19.677 1.00 23.83  ? 51  TYR A CD1 1 
ATOM   400  C CD2 . TYR A 1 51  ? 20.512  -4.755  -18.549 1.00 21.09  ? 51  TYR A CD2 1 
ATOM   401  C CE1 . TYR A 1 51  ? 20.741  -2.093  -19.311 1.00 24.39  ? 51  TYR A CE1 1 
ATOM   402  C CE2 . TYR A 1 51  ? 21.637  -4.024  -18.167 1.00 22.33  ? 51  TYR A CE2 1 
ATOM   403  C CZ  . TYR A 1 51  ? 21.735  -2.687  -18.558 1.00 27.05  ? 51  TYR A CZ  1 
ATOM   404  O OH  . TYR A 1 51  ? 22.821  -1.917  -18.200 1.00 34.50  ? 51  TYR A OH  1 
ATOM   405  N N   . THR A 1 52  ? 14.690  -4.786  -18.878 1.00 28.69  ? 52  THR A N   1 
ATOM   406  C CA  . THR A 1 52  ? 13.553  -5.667  -18.945 1.00 30.32  ? 52  THR A CA  1 
ATOM   407  C C   . THR A 1 52  ? 12.534  -5.137  -19.916 1.00 26.91  ? 52  THR A C   1 
ATOM   408  O O   . THR A 1 52  ? 12.477  -3.945  -20.231 1.00 27.24  ? 52  THR A O   1 
ATOM   409  C CB  . THR A 1 52  ? 12.893  -5.799  -17.517 1.00 28.74  ? 52  THR A CB  1 
ATOM   410  O OG1 . THR A 1 52  ? 11.866  -6.786  -17.553 1.00 34.04  ? 52  THR A OG1 1 
ATOM   411  C CG2 . THR A 1 52  ? 12.266  -4.467  -17.096 1.00 22.48  ? 52  THR A CG2 1 
ATOM   412  N N   . THR A 1 53  ? 11.671  -6.030  -20.336 1.00 25.65  ? 53  THR A N   1 
ATOM   413  C CA  . THR A 1 53  ? 10.641  -5.630  -21.256 1.00 39.07  ? 53  THR A CA  1 
ATOM   414  C C   . THR A 1 53  ? 9.388   -5.347  -20.450 1.00 39.88  ? 53  THR A C   1 
ATOM   415  O O   . THR A 1 53  ? 8.395   -4.833  -20.990 1.00 40.22  ? 53  THR A O   1 
ATOM   416  C CB  . THR A 1 53  ? 10.402  -6.742  -22.308 1.00 44.11  ? 53  THR A CB  1 
ATOM   417  O OG1 . THR A 1 53  ? 10.284  -8.020  -21.647 1.00 51.14  ? 53  THR A OG1 1 
ATOM   418  C CG2 . THR A 1 53  ? 11.585  -6.803  -23.266 1.00 38.37  ? 53  THR A CG2 1 
ATOM   419  N N   . ASP A 1 54  ? 9.435   -5.681  -19.148 1.00 42.51  ? 54  ASP A N   1 
ATOM   420  C CA  . ASP A 1 54  ? 8.300   -5.462  -18.256 1.00 35.84  ? 54  ASP A CA  1 
ATOM   421  C C   . ASP A 1 54  ? 7.989   -3.991  -18.140 1.00 35.06  ? 54  ASP A C   1 
ATOM   422  O O   . ASP A 1 54  ? 8.874   -3.147  -18.209 1.00 32.55  ? 54  ASP A O   1 
ATOM   423  C CB  . ASP A 1 54  ? 8.590   -6.015  -16.862 1.00 45.96  ? 54  ASP A CB  1 
ATOM   424  C CG  . ASP A 1 54  ? 8.623   -7.517  -16.830 1.00 50.20  ? 54  ASP A CG  1 
ATOM   425  O OD1 . ASP A 1 54  ? 7.934   -8.129  -17.676 1.00 60.86  ? 54  ASP A OD1 1 
ATOM   426  O OD2 . ASP A 1 54  ? 9.354   -8.088  -15.983 1.00 55.22  ? 54  ASP A OD2 1 
ATOM   427  N N   . THR A 1 55  ? 6.721   -3.693  -17.949 1.00 32.82  ? 55  THR A N   1 
ATOM   428  C CA  . THR A 1 55  ? 6.297   -2.331  -17.795 1.00 35.59  ? 55  THR A CA  1 
ATOM   429  C C   . THR A 1 55  ? 6.024   -1.978  -16.273 1.00 34.12  ? 55  THR A C   1 
ATOM   430  O O   . THR A 1 55  ? 5.253   -1.073  -15.938 1.00 31.65  ? 55  THR A O   1 
ATOM   431  C CB  . THR A 1 55  ? 5.106   -2.087  -18.741 1.00 36.86  ? 55  THR A CB  1 
ATOM   432  O OG1 . THR A 1 55  ? 4.669   -0.733  -18.644 1.00 49.68  ? 55  THR A OG1 1 
ATOM   433  C CG2 . THR A 1 55  ? 3.951   -3.027  -18.440 1.00 38.49  ? 55  THR A CG2 1 
ATOM   434  N N   . GLU A 1 56  ? 6.697   -2.664  -15.359 1.00 33.38  ? 56  GLU A N   1 
ATOM   435  C CA  . GLU A 1 56  ? 6.527   -2.370  -13.932 1.00 38.21  ? 56  GLU A CA  1 
ATOM   436  C C   . GLU A 1 56  ? 7.700   -2.925  -13.157 1.00 36.21  ? 56  GLU A C   1 
ATOM   437  O O   . GLU A 1 56  ? 8.390   -3.832  -13.627 1.00 37.04  ? 56  GLU A O   1 
ATOM   438  C CB  . GLU A 1 56  ? 5.239   -2.955  -13.391 1.00 40.96  ? 56  GLU A CB  1 
ATOM   439  C CG  . GLU A 1 56  ? 5.240   -4.453  -13.453 1.00 52.28  ? 56  GLU A CG  1 
ATOM   440  C CD  . GLU A 1 56  ? 3.924   -5.063  -13.023 1.00 60.69  ? 56  GLU A CD  1 
ATOM   441  O OE1 . GLU A 1 56  ? 2.853   -4.403  -13.183 1.00 62.64  ? 56  GLU A OE1 1 
ATOM   442  O OE2 . GLU A 1 56  ? 3.969   -6.222  -12.537 1.00 65.83  ? 56  GLU A OE2 1 
ATOM   443  N N   . CYS A 1 57  ? 7.953   -2.370  -11.981 1.00 29.95  ? 57  CYS A N   1 
ATOM   444  C CA  . CYS A 1 57  ? 9.080   -2.830  -11.176 1.00 28.22  ? 57  CYS A CA  1 
ATOM   445  C C   . CYS A 1 57  ? 8.689   -2.772  -9.692  1.00 28.50  ? 57  CYS A C   1 
ATOM   446  O O   . CYS A 1 57  ? 8.164   -1.759  -9.196  1.00 23.08  ? 57  CYS A O   1 
ATOM   447  C CB  . CYS A 1 57  ? 10.295  -1.944  -11.455 1.00 19.83  ? 57  CYS A CB  1 
ATOM   448  S SG  . CYS A 1 57  ? 11.841  -2.440  -10.631 1.00 23.64  ? 57  CYS A SG  1 
ATOM   449  N N   . ASP A 1 58  ? 8.875   -3.891  -9.013  1.00 30.53  ? 58  ASP A N   1 
ATOM   450  C CA  . ASP A 1 58  ? 8.530   -3.981  -7.598  1.00 28.83  ? 58  ASP A CA  1 
ATOM   451  C C   . ASP A 1 58  ? 9.640   -3.372  -6.773  1.00 25.09  ? 58  ASP A C   1 
ATOM   452  O O   . ASP A 1 58  ? 10.707  -3.966  -6.648  1.00 23.24  ? 58  ASP A O   1 
ATOM   453  C CB  . ASP A 1 58  ? 8.359   -5.437  -7.191  1.00 33.46  ? 58  ASP A CB  1 
ATOM   454  C CG  . ASP A 1 58  ? 7.720   -5.594  -5.817  1.00 33.82  ? 58  ASP A CG  1 
ATOM   455  O OD1 . ASP A 1 58  ? 8.074   -4.831  -4.903  1.00 30.59  ? 58  ASP A OD1 1 
ATOM   456  O OD2 . ASP A 1 58  ? 6.845   -6.464  -5.688  1.00 35.04  ? 58  ASP A OD2 1 
ATOM   457  N N   . LEU A 1 59  ? 9.380   -2.218  -6.173  1.00 23.95  ? 59  LEU A N   1 
ATOM   458  C CA  . LEU A 1 59  ? 10.406  -1.555  -5.395  1.00 27.50  ? 59  LEU A CA  1 
ATOM   459  C C   . LEU A 1 59  ? 10.258  -1.738  -3.874  1.00 30.39  ? 59  LEU A C   1 
ATOM   460  O O   . LEU A 1 59  ? 10.971  -1.113  -3.093  1.00 31.92  ? 59  LEU A O   1 
ATOM   461  C CB  . LEU A 1 59  ? 10.417  -0.073  -5.787  1.00 29.26  ? 59  LEU A CB  1 
ATOM   462  C CG  . LEU A 1 59  ? 10.787  0.267   -7.256  1.00 31.18  ? 59  LEU A CG  1 
ATOM   463  C CD1 . LEU A 1 59  ? 10.452  1.691   -7.516  1.00 33.56  ? 59  LEU A CD1 1 
ATOM   464  C CD2 . LEU A 1 59  ? 12.256  0.054   -7.548  1.00 30.75  ? 59  LEU A CD2 1 
ATOM   465  N N   . THR A 1 60  ? 9.341   -2.597  -3.451  1.00 31.25  ? 60  THR A N   1 
ATOM   466  C CA  . THR A 1 60  ? 9.117   -2.854  -2.021  1.00 29.60  ? 60  THR A CA  1 
ATOM   467  C C   . THR A 1 60  ? 10.408  -3.002  -1.178  1.00 30.15  ? 60  THR A C   1 
ATOM   468  O O   . THR A 1 60  ? 10.623  -2.253  -0.226  1.00 29.86  ? 60  THR A O   1 
ATOM   469  C CB  . THR A 1 60  ? 8.233   -4.106  -1.830  1.00 25.08  ? 60  THR A CB  1 
ATOM   470  O OG1 . THR A 1 60  ? 6.955   -3.880  -2.436  1.00 20.78  ? 60  THR A OG1 1 
ATOM   471  C CG2 . THR A 1 60  ? 8.025   -4.396  -0.359  1.00 28.13  ? 60  THR A CG2 1 
ATOM   472  N N   . ASP A 1 61  ? 11.310  -3.893  -1.572  1.00 29.72  ? 61  ASP A N   1 
ATOM   473  C CA  . ASP A 1 61  ? 12.548  -4.125  -0.817  1.00 32.19  ? 61  ASP A CA  1 
ATOM   474  C C   . ASP A 1 61  ? 13.386  -2.927  -0.507  1.00 31.99  ? 61  ASP A C   1 
ATOM   475  O O   . ASP A 1 61  ? 14.280  -3.011  0.320   1.00 36.66  ? 61  ASP A O   1 
ATOM   476  C CB  . ASP A 1 61  ? 13.470  -5.102  -1.529  1.00 41.30  ? 61  ASP A CB  1 
ATOM   477  C CG  . ASP A 1 61  ? 12.907  -6.513  -1.593  1.00 56.92  ? 61  ASP A CG  1 
ATOM   478  O OD1 . ASP A 1 61  ? 11.742  -6.733  -1.181  1.00 64.24  ? 61  ASP A OD1 1 
ATOM   479  O OD2 . ASP A 1 61  ? 13.643  -7.416  -2.075  1.00 65.23  ? 61  ASP A OD2 1 
ATOM   480  N N   . GLU A 1 62  ? 13.148  -1.826  -1.189  1.00 31.09  ? 62  GLU A N   1 
ATOM   481  C CA  . GLU A 1 62  ? 13.967  -0.662  -0.961  1.00 31.50  ? 62  GLU A CA  1 
ATOM   482  C C   . GLU A 1 62  ? 13.245  0.374   -0.189  1.00 31.06  ? 62  GLU A C   1 
ATOM   483  O O   . GLU A 1 62  ? 13.843  1.009   0.649   1.00 34.37  ? 62  GLU A O   1 
ATOM   484  C CB  . GLU A 1 62  ? 14.406  -0.022  -2.282  1.00 37.62  ? 62  GLU A CB  1 
ATOM   485  C CG  . GLU A 1 62  ? 15.347  -0.862  -3.110  1.00 41.64  ? 62  GLU A CG  1 
ATOM   486  C CD  . GLU A 1 62  ? 16.734  -0.992  -2.505  1.00 45.87  ? 62  GLU A CD  1 
ATOM   487  O OE1 . GLU A 1 62  ? 17.214  -0.032  -1.844  1.00 39.06  ? 62  GLU A OE1 1 
ATOM   488  O OE2 . GLU A 1 62  ? 17.355  -2.054  -2.736  1.00 46.52  ? 62  GLU A OE2 1 
ATOM   489  N N   . ILE A 1 63  ? 11.982  0.616   -0.512  1.00 29.41  ? 63  ILE A N   1 
ATOM   490  C CA  . ILE A 1 63  ? 11.246  1.663   0.192   1.00 34.93  ? 63  ILE A CA  1 
ATOM   491  C C   . ILE A 1 63  ? 11.020  1.257   1.666   1.00 34.57  ? 63  ILE A C   1 
ATOM   492  O O   . ILE A 1 63  ? 10.947  2.084   2.571   1.00 30.92  ? 63  ILE A O   1 
ATOM   493  C CB  . ILE A 1 63  ? 9.900   1.963   -0.505  1.00 33.69  ? 63  ILE A CB  1 
ATOM   494  C CG1 . ILE A 1 63  ? 8.933   0.797   -0.327  1.00 33.90  ? 63  ILE A CG1 1 
ATOM   495  C CG2 . ILE A 1 63  ? 10.119  2.188   -1.986  1.00 37.18  ? 63  ILE A CG2 1 
ATOM   496  C CD1 . ILE A 1 63  ? 7.895   1.028   0.745   1.00 34.86  ? 63  ILE A CD1 1 
ATOM   497  N N   . VAL A 1 64  ? 10.976  -0.047  1.870   1.00 35.17  ? 64  VAL A N   1 
ATOM   498  C CA  . VAL A 1 64  ? 10.760  -0.633  3.154   1.00 34.45  ? 64  VAL A CA  1 
ATOM   499  C C   . VAL A 1 64  ? 11.963  -0.395  4.057   1.00 38.04  ? 64  VAL A C   1 
ATOM   500  O O   . VAL A 1 64  ? 11.840  -0.453  5.279   1.00 37.61  ? 64  VAL A O   1 
ATOM   501  C CB  . VAL A 1 64  ? 10.390  -2.083  2.950   1.00 32.87  ? 64  VAL A CB  1 
ATOM   502  C CG1 . VAL A 1 64  ? 11.175  -3.008  3.833   1.00 30.17  ? 64  VAL A CG1 1 
ATOM   503  C CG2 . VAL A 1 64  ? 8.893   -2.215  3.084   1.00 23.15  ? 64  VAL A CG2 1 
ATOM   504  N N   . LYS A 1 65  ? 13.090  0.014   3.480   1.00 35.28  ? 65  LYS A N   1 
ATOM   505  C CA  . LYS A 1 65  ? 14.275  0.274   4.293   1.00 35.14  ? 65  LYS A CA  1 
ATOM   506  C C   . LYS A 1 65  ? 14.056  1.472   5.210   1.00 33.90  ? 65  LYS A C   1 
ATOM   507  O O   . LYS A 1 65  ? 14.637  1.563   6.293   1.00 37.62  ? 65  LYS A O   1 
ATOM   508  C CB  . LYS A 1 65  ? 15.527  0.448   3.427   1.00 26.12  ? 65  LYS A CB  1 
ATOM   509  C CG  . LYS A 1 65  ? 15.898  -0.850  2.736   1.00 34.57  ? 65  LYS A CG  1 
ATOM   510  C CD  . LYS A 1 65  ? 17.152  -0.743  1.916   1.00 35.72  ? 65  LYS A CD  1 
ATOM   511  C CE  . LYS A 1 65  ? 17.334  -2.011  1.112   1.00 40.83  ? 65  LYS A CE  1 
ATOM   512  N NZ  . LYS A 1 65  ? 18.715  -2.127  0.536   1.00 48.70  ? 65  LYS A NZ  1 
ATOM   513  N N   . ASP A 1 66  ? 13.220  2.399   4.779   1.00 33.96  ? 66  ASP A N   1 
ATOM   514  C CA  . ASP A 1 66  ? 12.921  3.548   5.595   1.00 30.40  ? 66  ASP A CA  1 
ATOM   515  C C   . ASP A 1 66  ? 11.694  4.133   4.973   1.00 32.90  ? 66  ASP A C   1 
ATOM   516  O O   . ASP A 1 66  ? 11.790  4.949   4.047   1.00 28.56  ? 66  ASP A O   1 
ATOM   517  C CB  . ASP A 1 66  ? 14.060  4.561   5.617   1.00 30.87  ? 66  ASP A CB  1 
ATOM   518  C CG  . ASP A 1 66  ? 13.712  5.818   6.431   1.00 40.51  ? 66  ASP A CG  1 
ATOM   519  O OD1 . ASP A 1 66  ? 12.550  5.968   6.904   1.00 39.64  ? 66  ASP A OD1 1 
ATOM   520  O OD2 . ASP A 1 66  ? 14.606  6.678   6.591   1.00 43.94  ? 66  ASP A OD2 1 
ATOM   521  N N   . VAL A 1 67  ? 10.548  3.761   5.545   1.00 30.63  ? 67  VAL A N   1 
ATOM   522  C CA  . VAL A 1 67  ? 9.248   4.197   5.069   1.00 31.20  ? 67  VAL A CA  1 
ATOM   523  C C   . VAL A 1 67  ? 9.041   5.691   5.231   1.00 33.87  ? 67  VAL A C   1 
ATOM   524  O O   . VAL A 1 67  ? 8.089   6.255   4.677   1.00 35.46  ? 67  VAL A O   1 
ATOM   525  C CB  . VAL A 1 67  ? 8.098   3.449   5.771   1.00 29.20  ? 67  VAL A CB  1 
ATOM   526  C CG1 . VAL A 1 67  ? 8.242   1.935   5.591   1.00 26.95  ? 67  VAL A CG1 1 
ATOM   527  C CG2 . VAL A 1 67  ? 8.055   3.842   7.234   1.00 31.48  ? 67  VAL A CG2 1 
ATOM   528  N N   . LYS A 1 68  ? 9.908   6.332   6.004   1.00 34.45  ? 68  LYS A N   1 
ATOM   529  C CA  . LYS A 1 68  ? 9.788   7.763   6.198   1.00 39.16  ? 68  LYS A CA  1 
ATOM   530  C C   . LYS A 1 68  ? 10.503  8.613   5.152   1.00 41.94  ? 68  LYS A C   1 
ATOM   531  O O   . LYS A 1 68  ? 10.188  9.801   5.006   1.00 43.65  ? 68  LYS A O   1 
ATOM   532  C CB  . LYS A 1 68  ? 10.255  8.159   7.583   1.00 41.59  ? 68  LYS A CB  1 
ATOM   533  C CG  . LYS A 1 68  ? 9.130   8.620   8.474   1.00 45.52  ? 68  LYS A CG  1 
ATOM   534  C CD  . LYS A 1 68  ? 8.365   7.437   9.001   1.00 50.48  ? 68  LYS A CD  1 
ATOM   535  C CE  . LYS A 1 68  ? 7.324   7.867   10.029  1.00 53.68  ? 68  LYS A CE  1 
ATOM   536  N NZ  . LYS A 1 68  ? 7.908   8.521   11.205  1.00 47.59  ? 68  LYS A NZ  1 
ATOM   537  N N   . GLN A 1 69  ? 11.490  8.040   4.458   1.00 42.15  ? 69  GLN A N   1 
ATOM   538  C CA  . GLN A 1 69  ? 12.217  8.761   3.400   1.00 41.19  ? 69  GLN A CA  1 
ATOM   539  C C   . GLN A 1 69  ? 11.342  9.135   2.163   1.00 41.00  ? 69  GLN A C   1 
ATOM   540  O O   . GLN A 1 69  ? 10.237  8.621   1.993   1.00 38.48  ? 69  GLN A O   1 
ATOM   541  C CB  . GLN A 1 69  ? 13.407  7.919   2.947   1.00 40.25  ? 69  GLN A CB  1 
ATOM   542  C CG  . GLN A 1 69  ? 14.712  8.268   3.640   1.00 46.34  ? 69  GLN A CG  1 
ATOM   543  C CD  . GLN A 1 69  ? 15.228  9.660   3.256   1.00 46.15  ? 69  GLN A CD  1 
ATOM   544  O OE1 . GLN A 1 69  ? 14.678  10.330  2.367   1.00 45.70  ? 69  GLN A OE1 1 
ATOM   545  N NE2 . GLN A 1 69  ? 16.278  10.104  3.939   1.00 48.47  ? 69  GLN A NE2 1 
ATOM   546  N N   . THR A 1 70  ? 11.754  10.119  1.371   1.00 42.00  ? 70  THR A N   1 
ATOM   547  C CA  . THR A 1 70  ? 10.983  10.432  0.163   1.00 42.02  ? 70  THR A CA  1 
ATOM   548  C C   . THR A 1 70  ? 11.753  9.780   -0.997  1.00 40.32  ? 70  THR A C   1 
ATOM   549  O O   . THR A 1 70  ? 12.977  9.893   -1.078  1.00 37.27  ? 70  THR A O   1 
ATOM   550  C CB  . THR A 1 70  ? 10.771  11.943  -0.049  1.00 46.07  ? 70  THR A CB  1 
ATOM   551  O OG1 . THR A 1 70  ? 9.882   12.449  0.959   1.00 48.32  ? 70  THR A OG1 1 
ATOM   552  C CG2 . THR A 1 70  ? 10.124  12.207  -1.417  1.00 48.62  ? 70  THR A CG2 1 
ATOM   553  N N   . TYR A 1 71  ? 11.059  8.993   -1.809  1.00 38.26  ? 71  TYR A N   1 
ATOM   554  C CA  . TYR A 1 71  ? 11.688  8.295   -2.914  1.00 36.07  ? 71  TYR A CA  1 
ATOM   555  C C   . TYR A 1 71  ? 11.408  8.881   -4.293  1.00 38.01  ? 71  TYR A C   1 
ATOM   556  O O   . TYR A 1 71  ? 10.415  9.595   -4.522  1.00 37.92  ? 71  TYR A O   1 
ATOM   557  C CB  . TYR A 1 71  ? 11.297  6.824   -2.878  1.00 32.86  ? 71  TYR A CB  1 
ATOM   558  C CG  . TYR A 1 71  ? 11.844  6.125   -1.666  1.00 35.38  ? 71  TYR A CG  1 
ATOM   559  C CD1 . TYR A 1 71  ? 11.138  6.132   -0.456  1.00 37.42  ? 71  TYR A CD1 1 
ATOM   560  C CD2 . TYR A 1 71  ? 13.087  5.476   -1.699  1.00 34.74  ? 71  TYR A CD2 1 
ATOM   561  C CE1 . TYR A 1 71  ? 11.655  5.511   0.690   1.00 27.83  ? 71  TYR A CE1 1 
ATOM   562  C CE2 . TYR A 1 71  ? 13.615  4.842   -0.543  1.00 34.58  ? 71  TYR A CE2 1 
ATOM   563  C CZ  . TYR A 1 71  ? 12.875  4.876   0.646   1.00 35.40  ? 71  TYR A CZ  1 
ATOM   564  O OH  . TYR A 1 71  ? 13.347  4.273   1.786   1.00 31.43  ? 71  TYR A OH  1 
ATOM   565  N N   . LEU A 1 72  ? 12.312  8.566   -5.208  1.00 38.84  ? 72  LEU A N   1 
ATOM   566  C CA  . LEU A 1 72  ? 12.220  9.030   -6.572  1.00 36.41  ? 72  LEU A CA  1 
ATOM   567  C C   . LEU A 1 72  ? 12.737  7.898   -7.400  1.00 35.12  ? 72  LEU A C   1 
ATOM   568  O O   . LEU A 1 72  ? 13.732  7.270   -7.026  1.00 34.23  ? 72  LEU A O   1 
ATOM   569  C CB  . LEU A 1 72  ? 13.141  10.224  -6.752  1.00 38.31  ? 72  LEU A CB  1 
ATOM   570  C CG  . LEU A 1 72  ? 12.701  11.255  -7.762  1.00 35.34  ? 72  LEU A CG  1 
ATOM   571  C CD1 . LEU A 1 72  ? 11.201  11.277  -7.909  1.00 39.78  ? 72  LEU A CD1 1 
ATOM   572  C CD2 . LEU A 1 72  ? 13.194  12.559  -7.253  1.00 43.50  ? 72  LEU A CD2 1 
ATOM   573  N N   . ALA A 1 73  ? 12.019  7.579   -8.467  1.00 33.17  ? 73  ALA A N   1 
ATOM   574  C CA  . ALA A 1 73  ? 12.442  6.523   -9.378  1.00 35.38  ? 73  ALA A CA  1 
ATOM   575  C C   . ALA A 1 73  ? 12.786  7.141   -10.773 1.00 38.66  ? 73  ALA A C   1 
ATOM   576  O O   . ALA A 1 73  ? 12.270  8.206   -11.171 1.00 37.82  ? 73  ALA A O   1 
ATOM   577  C CB  . ALA A 1 73  ? 11.368  5.451   -9.496  1.00 23.81  ? 73  ALA A CB  1 
ATOM   578  N N   . ARG A 1 74  ? 13.647  6.448   -11.506 1.00 38.19  ? 74  ARG A N   1 
ATOM   579  C CA  . ARG A 1 74  ? 14.103  6.874   -12.810 1.00 35.19  ? 74  ARG A CA  1 
ATOM   580  C C   . ARG A 1 74  ? 14.034  5.667   -13.705 1.00 34.07  ? 74  ARG A C   1 
ATOM   581  O O   . ARG A 1 74  ? 14.610  4.633   -13.372 1.00 31.81  ? 74  ARG A O   1 
ATOM   582  C CB  . ARG A 1 74  ? 15.557  7.282   -12.683 1.00 33.99  ? 74  ARG A CB  1 
ATOM   583  C CG  . ARG A 1 74  ? 15.989  8.266   -13.673 1.00 46.43  ? 74  ARG A CG  1 
ATOM   584  C CD  . ARG A 1 74  ? 17.116  9.117   -13.122 1.00 49.98  ? 74  ARG A CD  1 
ATOM   585  N NE  . ARG A 1 74  ? 18.381  8.392   -12.952 1.00 56.92  ? 74  ARG A NE  1 
ATOM   586  C CZ  . ARG A 1 74  ? 19.572  8.988   -12.793 1.00 56.28  ? 74  ARG A CZ  1 
ATOM   587  N NH1 . ARG A 1 74  ? 19.670  10.322  -12.783 1.00 49.95  ? 74  ARG A NH1 1 
ATOM   588  N NH2 . ARG A 1 74  ? 20.674  8.258   -12.636 1.00 50.20  ? 74  ARG A NH2 1 
ATOM   589  N N   . VAL A 1 75  ? 13.255  5.755   -14.782 1.00 37.58  ? 75  VAL A N   1 
ATOM   590  C CA  . VAL A 1 75  ? 13.164  4.668   -15.783 1.00 38.27  ? 75  VAL A CA  1 
ATOM   591  C C   . VAL A 1 75  ? 13.956  5.011   -17.081 1.00 39.37  ? 75  VAL A C   1 
ATOM   592  O O   . VAL A 1 75  ? 13.656  5.994   -17.767 1.00 40.05  ? 75  VAL A O   1 
ATOM   593  C CB  . VAL A 1 75  ? 11.702  4.353   -16.188 1.00 38.62  ? 75  VAL A CB  1 
ATOM   594  C CG1 . VAL A 1 75  ? 11.685  3.262   -17.259 1.00 32.99  ? 75  VAL A CG1 1 
ATOM   595  C CG2 . VAL A 1 75  ? 10.901  3.896   -14.975 1.00 32.63  ? 75  VAL A CG2 1 
ATOM   596  N N   . PHE A 1 76  ? 14.999  4.241   -17.370 1.00 40.38  ? 76  PHE A N   1 
ATOM   597  C CA  . PHE A 1 76  ? 15.805  4.432   -18.571 1.00 37.72  ? 76  PHE A CA  1 
ATOM   598  C C   . PHE A 1 76  ? 15.291  3.571   -19.686 1.00 38.67  ? 76  PHE A C   1 
ATOM   599  O O   . PHE A 1 76  ? 14.845  2.449   -19.441 1.00 35.85  ? 76  PHE A O   1 
ATOM   600  C CB  . PHE A 1 76  ? 17.210  3.948   -18.361 1.00 35.92  ? 76  PHE A CB  1 
ATOM   601  C CG  . PHE A 1 76  ? 18.019  4.824   -17.516 1.00 42.31  ? 76  PHE A CG  1 
ATOM   602  C CD1 . PHE A 1 76  ? 18.010  4.664   -16.130 1.00 48.37  ? 76  PHE A CD1 1 
ATOM   603  C CD2 . PHE A 1 76  ? 18.848  5.763   -18.086 1.00 40.51  ? 76  PHE A CD2 1 
ATOM   604  C CE1 . PHE A 1 76  ? 18.834  5.433   -15.326 1.00 49.37  ? 76  PHE A CE1 1 
ATOM   605  C CE2 . PHE A 1 76  ? 19.675  6.539   -17.309 1.00 44.58  ? 76  PHE A CE2 1 
ATOM   606  C CZ  . PHE A 1 76  ? 19.673  6.376   -15.918 1.00 51.31  ? 76  PHE A CZ  1 
ATOM   607  N N   . SER A 1 77  ? 15.496  4.053   -20.916 1.00 41.67  ? 77  SER A N   1 
ATOM   608  C CA  . SER A 1 77  ? 15.127  3.347   -22.155 1.00 39.69  ? 77  SER A CA  1 
ATOM   609  C C   . SER A 1 77  ? 16.401  2.947   -22.871 1.00 36.95  ? 77  SER A C   1 
ATOM   610  O O   . SER A 1 77  ? 17.295  3.768   -23.084 1.00 39.09  ? 77  SER A O   1 
ATOM   611  C CB  . SER A 1 77  ? 14.305  4.242   -23.066 1.00 38.79  ? 77  SER A CB  1 
ATOM   612  O OG  . SER A 1 77  ? 12.997  4.379   -22.575 1.00 44.10  ? 77  SER A OG  1 
ATOM   613  N N   . TYR A 1 78  ? 16.509  1.674   -23.193 1.00 37.03  ? 78  TYR A N   1 
ATOM   614  C CA  . TYR A 1 78  ? 17.682  1.169   -23.888 1.00 38.71  ? 78  TYR A CA  1 
ATOM   615  C C   . TYR A 1 78  ? 17.240  0.413   -25.137 1.00 40.19  ? 78  TYR A C   1 
ATOM   616  O O   . TYR A 1 78  ? 16.206  -0.274  -25.139 1.00 39.64  ? 78  TYR A O   1 
ATOM   617  C CB  . TYR A 1 78  ? 18.491  0.201   -23.019 1.00 44.64  ? 78  TYR A CB  1 
ATOM   618  C CG  . TYR A 1 78  ? 19.233  0.816   -21.872 1.00 45.54  ? 78  TYR A CG  1 
ATOM   619  C CD1 . TYR A 1 78  ? 20.473  1.403   -22.064 1.00 47.07  ? 78  TYR A CD1 1 
ATOM   620  C CD2 . TYR A 1 78  ? 18.708  0.785   -20.585 1.00 45.64  ? 78  TYR A CD2 1 
ATOM   621  C CE1 . TYR A 1 78  ? 21.182  1.945   -21.004 1.00 48.61  ? 78  TYR A CE1 1 
ATOM   622  C CE2 . TYR A 1 78  ? 19.407  1.326   -19.514 1.00 47.20  ? 78  TYR A CE2 1 
ATOM   623  C CZ  . TYR A 1 78  ? 20.639  1.903   -19.730 1.00 47.82  ? 78  TYR A CZ  1 
ATOM   624  O OH  . TYR A 1 78  ? 21.338  2.444   -18.682 1.00 54.69  ? 78  TYR A OH  1 
ATOM   625  N N   . PRO A 1 79  ? 17.988  0.576   -26.237 1.00 39.14  ? 79  PRO A N   1 
ATOM   626  C CA  . PRO A 1 79  ? 17.693  -0.092  -27.508 1.00 38.50  ? 79  PRO A CA  1 
ATOM   627  C C   . PRO A 1 79  ? 17.895  -1.585  -27.349 1.00 37.11  ? 79  PRO A C   1 
ATOM   628  O O   . PRO A 1 79  ? 18.833  -2.031  -26.696 1.00 41.62  ? 79  PRO A O   1 
ATOM   629  C CB  . PRO A 1 79  ? 18.768  0.482   -28.425 1.00 40.45  ? 79  PRO A CB  1 
ATOM   630  C CG  . PRO A 1 79  ? 19.920  0.831   -27.428 1.00 39.33  ? 79  PRO A CG  1 
ATOM   631  C CD  . PRO A 1 79  ? 19.146  1.483   -26.362 1.00 33.81  ? 79  PRO A CD  1 
ATOM   632  N N   . ALA A 1 80  ? 17.029  -2.373  -27.938 1.00 37.78  ? 80  ALA A N   1 
ATOM   633  C CA  . ALA A 1 80  ? 17.221  -3.807  -27.811 1.00 43.48  ? 80  ALA A CA  1 
ATOM   634  C C   . ALA A 1 80  ? 17.301  -4.491  -29.179 1.00 43.57  ? 80  ALA A C   1 
ATOM   635  O O   . ALA A 1 80  ? 16.576  -4.119  -30.100 1.00 45.23  ? 80  ALA A O   1 
ATOM   636  C CB  . ALA A 1 80  ? 16.095  -4.407  -26.995 1.00 43.13  ? 80  ALA A CB  1 
ATOM   637  N N   . GLY A 1 81  ? 18.178  -5.482  -29.315 1.00 45.02  ? 81  GLY A N   1 
ATOM   638  C CA  . GLY A 1 81  ? 18.290  -6.201  -30.577 1.00 46.13  ? 81  GLY A CA  1 
ATOM   639  C C   . GLY A 1 81  ? 19.286  -5.736  -31.632 1.00 48.02  ? 81  GLY A C   1 
ATOM   640  O O   . GLY A 1 81  ? 20.179  -4.909  -31.364 1.00 42.89  ? 81  GLY A O   1 
ATOM   641  N N   . ASN A 1 82  ? 19.158  -6.299  -32.835 1.00 48.80  ? 82  ASN A N   1 
ATOM   642  C CA  . ASN A 1 82  ? 20.071  -5.932  -33.902 1.00 52.62  ? 82  ASN A CA  1 
ATOM   643  C C   . ASN A 1 82  ? 19.735  -4.551  -34.418 1.00 55.51  ? 82  ASN A C   1 
ATOM   644  O O   . ASN A 1 82  ? 18.776  -4.357  -35.158 1.00 53.56  ? 82  ASN A O   1 
ATOM   645  C CB  . ASN A 1 82  ? 20.089  -6.960  -35.020 1.00 52.03  ? 82  ASN A CB  1 
ATOM   646  C CG  . ASN A 1 82  ? 21.405  -6.943  -35.787 1.00 50.23  ? 82  ASN A CG  1 
ATOM   647  O OD1 . ASN A 1 82  ? 21.855  -5.896  -36.209 1.00 56.78  ? 82  ASN A OD1 1 
ATOM   648  N ND2 . ASN A 1 82  ? 22.025  -8.100  -35.957 1.00 44.91  ? 82  ASN A ND2 1 
ATOM   649  N N   . VAL A 1 83  ? 20.523  -3.593  -33.951 1.00 64.49  ? 83  VAL A N   1 
ATOM   650  C CA  . VAL A 1 83  ? 20.378  -2.186  -34.279 1.00 76.72  ? 83  VAL A CA  1 
ATOM   651  C C   . VAL A 1 83  ? 21.028  -1.803  -35.622 1.00 86.49  ? 83  VAL A C   1 
ATOM   652  O O   . VAL A 1 83  ? 22.085  -2.335  -35.994 1.00 88.25  ? 83  VAL A O   1 
ATOM   653  C CB  . VAL A 1 83  ? 20.957  -1.312  -33.126 1.00 77.04  ? 83  VAL A CB  1 
ATOM   654  C CG1 . VAL A 1 83  ? 22.439  -0.949  -33.384 1.00 74.52  ? 83  VAL A CG1 1 
ATOM   655  C CG2 . VAL A 1 83  ? 20.073  -0.085  -32.892 1.00 75.18  ? 83  VAL A CG2 1 
ATOM   656  N N   . GLU A 1 84  ? 20.440  -0.803  -36.285 1.00 95.47  ? 84  GLU A N   1 
ATOM   657  C CA  . GLU A 1 84  ? 20.882  -0.298  -37.599 1.00 105.00 ? 84  GLU A CA  1 
ATOM   658  C C   . GLU A 1 84  ? 22.389  -0.163  -37.871 1.00 110.33 ? 84  GLU A C   1 
ATOM   659  O O   . GLU A 1 84  ? 22.809  -0.205  -39.032 1.00 111.20 ? 84  GLU A O   1 
ATOM   660  C CB  . GLU A 1 84  ? 20.188  1.048   -37.923 1.00 106.08 ? 84  GLU A CB  1 
ATOM   661  C CG  . GLU A 1 84  ? 20.813  2.326   -37.283 1.00 108.70 ? 84  GLU A CG  1 
ATOM   662  C CD  . GLU A 1 84  ? 20.615  2.436   -35.760 1.00 109.67 ? 84  GLU A CD  1 
ATOM   663  O OE1 . GLU A 1 84  ? 19.452  2.544   -35.308 1.00 109.22 ? 84  GLU A OE1 1 
ATOM   664  O OE2 . GLU A 1 84  ? 21.631  2.440   -35.019 1.00 110.83 ? 84  GLU A OE2 1 
ATOM   665  N N   . SER A 1 85  ? 23.182  -0.061  -36.805 1.00 117.03 ? 85  SER A N   1 
ATOM   666  C CA  . SER A 1 85  ? 24.629  0.134   -36.878 1.00 124.41 ? 85  SER A CA  1 
ATOM   667  C C   . SER A 1 85  ? 24.925  1.499   -37.516 1.00 128.41 ? 85  SER A C   1 
ATOM   668  O O   . SER A 1 85  ? 24.778  2.518   -36.835 1.00 129.38 ? 85  SER A O   1 
ATOM   669  C CB  . SER A 1 85  ? 25.365  -1.046  -37.557 1.00 124.83 ? 85  SER A CB  1 
ATOM   670  O OG  . SER A 1 85  ? 24.946  -1.324  -38.886 1.00 126.56 ? 85  SER A OG  1 
ATOM   671  N N   . THR A 1 86  ? 25.231  1.528   -38.816 1.00 133.98 ? 86  THR A N   1 
ATOM   672  C CA  . THR A 1 86  ? 25.535  2.765   -39.567 1.00 137.80 ? 86  THR A CA  1 
ATOM   673  C C   . THR A 1 86  ? 26.295  3.846   -38.751 1.00 139.47 ? 86  THR A C   1 
ATOM   674  O O   . THR A 1 86  ? 27.516  3.987   -38.901 1.00 142.03 ? 86  THR A O   1 
ATOM   675  C CB  . THR A 1 86  ? 24.243  3.366   -40.270 1.00 138.56 ? 86  THR A CB  1 
ATOM   676  O OG1 . THR A 1 86  ? 23.621  2.367   -41.098 1.00 137.80 ? 86  THR A OG1 1 
ATOM   677  C CG2 . THR A 1 86  ? 24.602  4.562   -41.160 1.00 136.13 ? 86  THR A CG2 1 
ATOM   678  N N   . GLY A 1 87  ? 25.585  4.594   -37.902 1.00 139.27 ? 87  GLY A N   1 
ATOM   679  C CA  . GLY A 1 87  ? 26.222  5.625   -37.090 1.00 137.42 ? 87  GLY A CA  1 
ATOM   680  C C   . GLY A 1 87  ? 26.571  5.143   -35.689 1.00 136.26 ? 87  GLY A C   1 
ATOM   681  O O   . GLY A 1 87  ? 27.720  4.778   -35.414 1.00 136.07 ? 87  GLY A O   1 
ATOM   682  N N   . SER A 1 88  ? 25.580  5.183   -34.798 1.00 134.84 ? 88  SER A N   1 
ATOM   683  C CA  . SER A 1 88  ? 25.719  4.741   -33.409 1.00 133.16 ? 88  SER A CA  1 
ATOM   684  C C   . SER A 1 88  ? 24.405  5.016   -32.679 1.00 132.69 ? 88  SER A C   1 
ATOM   685  O O   . SER A 1 88  ? 23.825  6.103   -32.803 1.00 131.29 ? 88  SER A O   1 
ATOM   686  C CB  . SER A 1 88  ? 26.873  5.468   -32.696 1.00 131.61 ? 88  SER A CB  1 
ATOM   687  O OG  . SER A 1 88  ? 26.625  6.862   -32.598 1.00 130.39 ? 88  SER A OG  1 
ATOM   688  N N   . ALA A 1 89  ? 23.922  4.020   -31.942 1.00 131.75 ? 89  ALA A N   1 
ATOM   689  C CA  . ALA A 1 89  ? 22.680  4.168   -31.189 1.00 130.59 ? 89  ALA A CA  1 
ATOM   690  C C   . ALA A 1 89  ? 22.848  5.238   -30.106 1.00 129.45 ? 89  ALA A C   1 
ATOM   691  O O   . ALA A 1 89  ? 23.660  5.074   -29.192 1.00 130.20 ? 89  ALA A O   1 
ATOM   692  C CB  . ALA A 1 89  ? 22.291  2.837   -30.564 1.00 130.27 ? 89  ALA A CB  1 
ATOM   693  N N   . GLY A 1 90  ? 22.083  6.325   -30.230 1.00 127.11 ? 90  GLY A N   1 
ATOM   694  C CA  . GLY A 1 90  ? 22.123  7.440   -29.280 1.00 123.35 ? 90  GLY A CA  1 
ATOM   695  C C   . GLY A 1 90  ? 22.309  7.203   -27.775 1.00 121.17 ? 90  GLY A C   1 
ATOM   696  O O   . GLY A 1 90  ? 23.032  7.973   -27.131 1.00 121.45 ? 90  GLY A O   1 
ATOM   697  N N   . GLU A 1 91  ? 21.596  6.220   -27.210 1.00 117.31 ? 91  GLU A N   1 
ATOM   698  C CA  . GLU A 1 91  ? 21.670  5.829   -25.783 1.00 109.48 ? 91  GLU A CA  1 
ATOM   699  C C   . GLU A 1 91  ? 20.990  6.722   -24.671 1.00 101.31 ? 91  GLU A C   1 
ATOM   700  O O   . GLU A 1 91  ? 20.802  7.933   -24.849 1.00 101.52 ? 91  GLU A O   1 
ATOM   701  C CB  . GLU A 1 91  ? 23.125  5.420   -25.441 1.00 113.22 ? 91  GLU A CB  1 
ATOM   702  C CG  . GLU A 1 91  ? 23.997  6.467   -24.744 1.00 119.18 ? 91  GLU A CG  1 
ATOM   703  C CD  . GLU A 1 91  ? 25.182  5.838   -24.015 1.00 124.78 ? 91  GLU A CD  1 
ATOM   704  O OE1 . GLU A 1 91  ? 24.997  4.767   -23.387 1.00 127.89 ? 91  GLU A OE1 1 
ATOM   705  O OE2 . GLU A 1 91  ? 26.296  6.414   -24.064 1.00 127.16 ? 91  GLU A OE2 1 
ATOM   706  N N   . PRO A 1 92  ? 20.649  6.118   -23.499 1.00 91.51  ? 92  PRO A N   1 
ATOM   707  C CA  . PRO A 1 92  ? 20.012  6.687   -22.325 1.00 77.37  ? 92  PRO A CA  1 
ATOM   708  C C   . PRO A 1 92  ? 19.031  7.814   -22.255 1.00 68.00  ? 92  PRO A C   1 
ATOM   709  O O   . PRO A 1 92  ? 19.360  8.903   -21.817 1.00 62.78  ? 92  PRO A O   1 
ATOM   710  C CB  . PRO A 1 92  ? 21.190  6.881   -21.402 1.00 80.08  ? 92  PRO A CB  1 
ATOM   711  C CG  . PRO A 1 92  ? 21.891  5.532   -21.576 1.00 84.66  ? 92  PRO A CG  1 
ATOM   712  C CD  . PRO A 1 92  ? 21.468  5.006   -22.982 1.00 90.25  ? 92  PRO A CD  1 
ATOM   713  N N   . LEU A 1 93  ? 17.803  7.534   -22.649 1.00 61.81  ? 93  LEU A N   1 
ATOM   714  C CA  . LEU A 1 93  ? 16.726  8.500   -22.473 1.00 59.27  ? 93  LEU A CA  1 
ATOM   715  C C   . LEU A 1 93  ? 16.110  7.973   -21.167 1.00 60.69  ? 93  LEU A C   1 
ATOM   716  O O   . LEU A 1 93  ? 15.945  6.748   -21.013 1.00 63.39  ? 93  LEU A O   1 
ATOM   717  C CB  . LEU A 1 93  ? 15.659  8.385   -23.558 1.00 54.19  ? 93  LEU A CB  1 
ATOM   718  C CG  . LEU A 1 93  ? 15.874  9.002   -24.933 1.00 50.01  ? 93  LEU A CG  1 
ATOM   719  C CD1 . LEU A 1 93  ? 14.521  9.007   -25.650 1.00 46.01  ? 93  LEU A CD1 1 
ATOM   720  C CD2 . LEU A 1 93  ? 16.371  10.419  -24.774 1.00 39.99  ? 93  LEU A CD2 1 
ATOM   721  N N   . TYR A 1 94  ? 15.772  8.852   -20.227 1.00 59.89  ? 94  TYR A N   1 
ATOM   722  C CA  . TYR A 1 94  ? 15.176  8.402   -18.963 1.00 57.48  ? 94  TYR A CA  1 
ATOM   723  C C   . TYR A 1 94  ? 14.112  9.357   -18.482 1.00 53.89  ? 94  TYR A C   1 
ATOM   724  O O   . TYR A 1 94  ? 14.081  10.508  -18.874 1.00 50.80  ? 94  TYR A O   1 
ATOM   725  C CB  . TYR A 1 94  ? 16.241  8.246   -17.869 1.00 58.54  ? 94  TYR A CB  1 
ATOM   726  C CG  . TYR A 1 94  ? 16.898  9.547   -17.444 1.00 64.98  ? 94  TYR A CG  1 
ATOM   727  C CD1 . TYR A 1 94  ? 16.293  10.393  -16.506 1.00 68.55  ? 94  TYR A CD1 1 
ATOM   728  C CD2 . TYR A 1 94  ? 18.136  9.926   -17.966 1.00 68.69  ? 94  TYR A CD2 1 
ATOM   729  C CE1 . TYR A 1 94  ? 16.908  11.580  -16.100 1.00 70.64  ? 94  TYR A CE1 1 
ATOM   730  C CE2 . TYR A 1 94  ? 18.760  11.113  -17.568 1.00 68.84  ? 94  TYR A CE2 1 
ATOM   731  C CZ  . TYR A 1 94  ? 18.143  11.931  -16.637 1.00 72.48  ? 94  TYR A CZ  1 
ATOM   732  O OH  . TYR A 1 94  ? 18.777  13.088  -16.239 1.00 75.46  ? 94  TYR A OH  1 
ATOM   733  N N   . GLU A 1 95  ? 13.216  8.869   -17.646 1.00 54.28  ? 95  GLU A N   1 
ATOM   734  C CA  . GLU A 1 95  ? 12.200  9.733   -17.092 1.00 52.98  ? 95  GLU A CA  1 
ATOM   735  C C   . GLU A 1 95  ? 12.035  9.530   -15.560 1.00 52.80  ? 95  GLU A C   1 
ATOM   736  O O   . GLU A 1 95  ? 12.054  8.394   -15.049 1.00 53.83  ? 95  GLU A O   1 
ATOM   737  C CB  . GLU A 1 95  ? 10.899  9.582   -17.872 1.00 51.56  ? 95  GLU A CB  1 
ATOM   738  C CG  . GLU A 1 95  ? 9.833   10.568  -17.453 1.00 57.18  ? 95  GLU A CG  1 
ATOM   739  C CD  . GLU A 1 95  ? 10.256  12.037  -17.543 1.00 60.55  ? 95  GLU A CD  1 
ATOM   740  O OE1 . GLU A 1 95  ? 11.356  12.432  -17.075 1.00 59.17  ? 95  GLU A OE1 1 
ATOM   741  O OE2 . GLU A 1 95  ? 9.431   12.822  -18.049 1.00 62.86  ? 95  GLU A OE2 1 
ATOM   742  N N   . ASN A 1 96  ? 11.978  10.641  -14.823 1.00 49.53  ? 96  ASN A N   1 
ATOM   743  C CA  . ASN A 1 96  ? 11.850  10.586  -13.370 1.00 45.06  ? 96  ASN A CA  1 
ATOM   744  C C   . ASN A 1 96  ? 10.420  10.382  -12.920 1.00 41.38  ? 96  ASN A C   1 
ATOM   745  O O   . ASN A 1 96  ? 9.472   10.846  -13.549 1.00 37.49  ? 96  ASN A O   1 
ATOM   746  C CB  . ASN A 1 96  ? 12.448  11.830  -12.728 1.00 45.10  ? 96  ASN A CB  1 
ATOM   747  C CG  . ASN A 1 96  ? 13.956  11.925  -12.939 1.00 49.07  ? 96  ASN A CG  1 
ATOM   748  O OD1 . ASN A 1 96  ? 14.665  10.918  -12.988 1.00 56.33  ? 96  ASN A OD1 1 
ATOM   749  N ND2 . ASN A 1 96  ? 14.446  13.138  -13.104 1.00 56.46  ? 96  ASN A ND2 1 
ATOM   750  N N   . SER A 1 97  ? 10.258  9.649   -11.837 1.00 37.36  ? 97  SER A N   1 
ATOM   751  C CA  . SER A 1 97  ? 8.922   9.382   -11.326 1.00 36.94  ? 97  SER A CA  1 
ATOM   752  C C   . SER A 1 97  ? 8.534   10.536  -10.439 1.00 33.91  ? 97  SER A C   1 
ATOM   753  O O   . SER A 1 97  ? 9.362   11.393  -10.128 1.00 28.41  ? 97  SER A O   1 
ATOM   754  C CB  . SER A 1 97  ? 8.944   8.143   -10.423 1.00 42.45  ? 97  SER A CB  1 
ATOM   755  O OG  . SER A 1 97  ? 9.635   8.419   -9.200  1.00 38.39  ? 97  SER A OG  1 
ATOM   756  N N   . PRO A 1 98  ? 7.261   10.579  -10.032 1.00 33.22  ? 98  PRO A N   1 
ATOM   757  C CA  . PRO A 1 98  ? 6.800   11.639  -9.135  1.00 31.64  ? 98  PRO A CA  1 
ATOM   758  C C   . PRO A 1 98  ? 7.452   11.232  -7.805  1.00 32.29  ? 98  PRO A C   1 
ATOM   759  O O   . PRO A 1 98  ? 8.032   10.143  -7.716  1.00 32.42  ? 98  PRO A O   1 
ATOM   760  C CB  . PRO A 1 98  ? 5.302   11.376  -9.044  1.00 34.78  ? 98  PRO A CB  1 
ATOM   761  C CG  . PRO A 1 98  ? 4.974   10.634  -10.304 1.00 31.42  ? 98  PRO A CG  1 
ATOM   762  C CD  . PRO A 1 98  ? 6.143   9.715   -10.451 1.00 34.08  ? 98  PRO A CD  1 
ATOM   763  N N   . GLU A 1 99  ? 7.369   12.072  -6.778  1.00 38.61  ? 99  GLU A N   1 
ATOM   764  C CA  . GLU A 1 99  ? 7.953   11.709  -5.463  1.00 39.16  ? 99  GLU A CA  1 
ATOM   765  C C   . GLU A 1 99  ? 7.008   10.789  -4.656  1.00 34.01  ? 99  GLU A C   1 
ATOM   766  O O   . GLU A 1 99  ? 5.786   10.873  -4.774  1.00 30.62  ? 99  GLU A O   1 
ATOM   767  C CB  . GLU A 1 99  ? 8.241   12.946  -4.629  1.00 41.95  ? 99  GLU A CB  1 
ATOM   768  C CG  . GLU A 1 99  ? 9.144   13.938  -5.278  1.00 50.51  ? 99  GLU A CG  1 
ATOM   769  C CD  . GLU A 1 99  ? 9.506   15.077  -4.344  1.00 55.61  ? 99  GLU A CD  1 
ATOM   770  O OE1 . GLU A 1 99  ? 8.654   15.506  -3.530  1.00 57.60  ? 99  GLU A OE1 1 
ATOM   771  O OE2 . GLU A 1 99  ? 10.654  15.547  -4.429  1.00 59.59  ? 99  GLU A OE2 1 
ATOM   772  N N   . PHE A 1 100 ? 7.581   9.897   -3.859  1.00 32.87  ? 100 PHE A N   1 
ATOM   773  C CA  . PHE A 1 100 ? 6.781   8.989   -3.045  1.00 34.94  ? 100 PHE A CA  1 
ATOM   774  C C   . PHE A 1 100 ? 7.273   8.867   -1.589  1.00 32.07  ? 100 PHE A C   1 
ATOM   775  O O   . PHE A 1 100 ? 8.411   8.448   -1.370  1.00 31.60  ? 100 PHE A O   1 
ATOM   776  C CB  . PHE A 1 100 ? 6.785   7.604   -3.668  1.00 29.96  ? 100 PHE A CB  1 
ATOM   777  C CG  . PHE A 1 100 ? 5.850   6.631   -2.989  1.00 32.94  ? 100 PHE A CG  1 
ATOM   778  C CD1 . PHE A 1 100 ? 4.473   6.834   -3.018  1.00 28.74  ? 100 PHE A CD1 1 
ATOM   779  C CD2 . PHE A 1 100 ? 6.342   5.494   -2.379  1.00 31.40  ? 100 PHE A CD2 1 
ATOM   780  C CE1 . PHE A 1 100 ? 3.604   5.920   -2.462  1.00 36.13  ? 100 PHE A CE1 1 
ATOM   781  C CE2 . PHE A 1 100 ? 5.483   4.568   -1.816  1.00 33.73  ? 100 PHE A CE2 1 
ATOM   782  C CZ  . PHE A 1 100 ? 4.110   4.777   -1.857  1.00 35.42  ? 100 PHE A CZ  1 
ATOM   783  N N   . THR A 1 101 ? 6.432   9.256   -0.622  1.00 31.21  ? 101 THR A N   1 
ATOM   784  C CA  . THR A 1 101 ? 6.748   9.142   0.815   1.00 31.17  ? 101 THR A CA  1 
ATOM   785  C C   . THR A 1 101 ? 5.779   8.042   1.235   1.00 23.91  ? 101 THR A C   1 
ATOM   786  O O   . THR A 1 101 ? 4.578   8.280   1.431   1.00 24.33  ? 101 THR A O   1 
ATOM   787  C CB  . THR A 1 101 ? 6.483   10.453  1.585   1.00 33.32  ? 101 THR A CB  1 
ATOM   788  O OG1 . THR A 1 101 ? 7.169   11.544  0.941   1.00 36.06  ? 101 THR A OG1 1 
ATOM   789  C CG2 . THR A 1 101 ? 6.993   10.325  3.029   1.00 30.94  ? 101 THR A CG2 1 
ATOM   790  N N   . PRO A 1 102 ? 6.290   6.813   1.338   1.00 18.09  ? 102 PRO A N   1 
ATOM   791  C CA  . PRO A 1 102 ? 5.498   5.639   1.697   1.00 21.30  ? 102 PRO A CA  1 
ATOM   792  C C   . PRO A 1 102 ? 4.654   5.814   2.930   1.00 24.41  ? 102 PRO A C   1 
ATOM   793  O O   . PRO A 1 102 ? 3.462   5.568   2.872   1.00 25.99  ? 102 PRO A O   1 
ATOM   794  C CB  . PRO A 1 102 ? 6.541   4.529   1.878   1.00 20.23  ? 102 PRO A CB  1 
ATOM   795  C CG  . PRO A 1 102 ? 7.809   5.057   1.285   1.00 17.39  ? 102 PRO A CG  1 
ATOM   796  C CD  . PRO A 1 102 ? 7.723   6.545   1.539   1.00 18.57  ? 102 PRO A CD  1 
ATOM   797  N N   . TYR A 1 103 ? 5.257   6.320   4.005   1.00 29.72  ? 103 TYR A N   1 
ATOM   798  C CA  . TYR A 1 103 ? 4.559   6.513   5.282   1.00 28.39  ? 103 TYR A CA  1 
ATOM   799  C C   . TYR A 1 103 ? 3.297   7.287   5.121   1.00 28.05  ? 103 TYR A C   1 
ATOM   800  O O   . TYR A 1 103 ? 2.242   6.912   5.602   1.00 31.34  ? 103 TYR A O   1 
ATOM   801  C CB  . TYR A 1 103 ? 5.426   7.266   6.276   1.00 32.06  ? 103 TYR A CB  1 
ATOM   802  C CG  . TYR A 1 103 ? 4.911   7.139   7.697   1.00 40.61  ? 103 TYR A CG  1 
ATOM   803  C CD1 . TYR A 1 103 ? 4.991   5.925   8.366   1.00 43.56  ? 103 TYR A CD1 1 
ATOM   804  C CD2 . TYR A 1 103 ? 4.319   8.211   8.362   1.00 38.28  ? 103 TYR A CD2 1 
ATOM   805  C CE1 . TYR A 1 103 ? 4.497   5.772   9.643   1.00 45.60  ? 103 TYR A CE1 1 
ATOM   806  C CE2 . TYR A 1 103 ? 3.819   8.060   9.656   1.00 37.18  ? 103 TYR A CE2 1 
ATOM   807  C CZ  . TYR A 1 103 ? 3.914   6.829   10.280  1.00 42.00  ? 103 TYR A CZ  1 
ATOM   808  O OH  . TYR A 1 103 ? 3.407   6.612   11.526  1.00 40.49  ? 103 TYR A OH  1 
ATOM   809  N N   . LEU A 1 104 ? 3.427   8.390   4.425   1.00 30.51  ? 104 LEU A N   1 
ATOM   810  C CA  . LEU A 1 104 ? 2.320   9.290   4.182   1.00 31.96  ? 104 LEU A CA  1 
ATOM   811  C C   . LEU A 1 104 ? 1.457   8.892   2.995   1.00 31.24  ? 104 LEU A C   1 
ATOM   812  O O   . LEU A 1 104 ? 0.295   9.286   2.915   1.00 30.44  ? 104 LEU A O   1 
ATOM   813  C CB  . LEU A 1 104 ? 2.880   10.712  3.975   1.00 38.08  ? 104 LEU A CB  1 
ATOM   814  C CG  . LEU A 1 104 ? 3.053   11.750  5.112   1.00 39.91  ? 104 LEU A CG  1 
ATOM   815  C CD1 . LEU A 1 104 ? 3.052   11.125  6.499   1.00 38.55  ? 104 LEU A CD1 1 
ATOM   816  C CD2 . LEU A 1 104 ? 4.296   12.559  4.883   1.00 33.69  ? 104 LEU A CD2 1 
ATOM   817  N N   . GLU A 1 105 ? 1.982   8.048   2.112   1.00 30.03  ? 105 GLU A N   1 
ATOM   818  C CA  . GLU A 1 105 ? 1.212   7.719   0.928   1.00 32.50  ? 105 GLU A CA  1 
ATOM   819  C C   . GLU A 1 105 ? 0.718   6.317   0.681   1.00 29.24  ? 105 GLU A C   1 
ATOM   820  O O   . GLU A 1 105 ? -0.281  6.161   -0.009  1.00 36.23  ? 105 GLU A O   1 
ATOM   821  C CB  . GLU A 1 105 ? 1.921   8.249   -0.329  1.00 27.72  ? 105 GLU A CB  1 
ATOM   822  C CG  . GLU A 1 105 ? 2.218   9.713   -0.223  1.00 33.41  ? 105 GLU A CG  1 
ATOM   823  C CD  . GLU A 1 105 ? 2.884   10.286  -1.450  1.00 33.86  ? 105 GLU A CD  1 
ATOM   824  O OE1 . GLU A 1 105 ? 2.150   10.650  -2.376  1.00 39.33  ? 105 GLU A OE1 1 
ATOM   825  O OE2 . GLU A 1 105 ? 4.121   10.423  -1.479  1.00 36.83  ? 105 GLU A OE2 1 
ATOM   826  N N   . THR A 1 106 ? 1.350   5.288   1.218   1.00 23.52  ? 106 THR A N   1 
ATOM   827  C CA  . THR A 1 106 ? 0.847   3.952   0.911   1.00 22.44  ? 106 THR A CA  1 
ATOM   828  C C   . THR A 1 106 ? -0.632  3.839   1.260   1.00 25.95  ? 106 THR A C   1 
ATOM   829  O O   . THR A 1 106 ? -1.113  4.591   2.104   1.00 25.81  ? 106 THR A O   1 
ATOM   830  C CB  . THR A 1 106 ? 1.657   2.859   1.568   1.00 23.20  ? 106 THR A CB  1 
ATOM   831  O OG1 . THR A 1 106 ? 1.309   1.611   0.958   1.00 16.77  ? 106 THR A OG1 1 
ATOM   832  C CG2 . THR A 1 106 ? 1.371   2.795   3.083   1.00 23.91  ? 106 THR A CG2 1 
ATOM   833  N N   . ASN A 1 107 ? -1.374  3.015   0.522   1.00 25.55  ? 107 ASN A N   1 
ATOM   834  C CA  . ASN A 1 107 ? -2.809  2.840   0.762   1.00 31.15  ? 107 ASN A CA  1 
ATOM   835  C C   . ASN A 1 107 ? -3.040  1.831   1.855   1.00 34.13  ? 107 ASN A C   1 
ATOM   836  O O   . ASN A 1 107 ? -2.371  0.792   1.896   1.00 32.68  ? 107 ASN A O   1 
ATOM   837  C CB  . ASN A 1 107 ? -3.544  2.290   -0.456  1.00 37.14  ? 107 ASN A CB  1 
ATOM   838  C CG  . ASN A 1 107 ? -3.607  3.280   -1.588  1.00 49.88  ? 107 ASN A CG  1 
ATOM   839  O OD1 . ASN A 1 107 ? -4.366  4.253   -1.541  1.00 52.70  ? 107 ASN A OD1 1 
ATOM   840  N ND2 . ASN A 1 107 ? -2.794  3.053   -2.616  1.00 53.70  ? 107 ASN A ND2 1 
ATOM   841  N N   . LEU A 1 108 ? -4.042  2.104   2.683   1.00 31.04  ? 108 LEU A N   1 
ATOM   842  C CA  . LEU A 1 108 ? -4.388  1.212   3.750   1.00 27.94  ? 108 LEU A CA  1 
ATOM   843  C C   . LEU A 1 108 ? -5.299  0.173   3.136   1.00 26.93  ? 108 LEU A C   1 
ATOM   844  O O   . LEU A 1 108 ? -6.376  0.497   2.672   1.00 29.16  ? 108 LEU A O   1 
ATOM   845  C CB  . LEU A 1 108 ? -5.095  1.994   4.852   1.00 28.15  ? 108 LEU A CB  1 
ATOM   846  C CG  . LEU A 1 108 ? -4.226  3.079   5.513   1.00 33.99  ? 108 LEU A CG  1 
ATOM   847  C CD1 . LEU A 1 108 ? -5.071  4.065   6.341   1.00 27.59  ? 108 LEU A CD1 1 
ATOM   848  C CD2 . LEU A 1 108 ? -3.155  2.406   6.354   1.00 31.24  ? 108 LEU A CD2 1 
ATOM   849  N N   . GLY A 1 109 ? -4.851  -1.072  3.095   1.00 24.86  ? 109 GLY A N   1 
ATOM   850  C CA  . GLY A 1 109 ? -5.678  -2.122  2.539   1.00 28.79  ? 109 GLY A CA  1 
ATOM   851  C C   . GLY A 1 109 ? -6.941  -2.383  3.347   1.00 33.96  ? 109 GLY A C   1 
ATOM   852  O O   . GLY A 1 109 ? -7.065  -1.956  4.491   1.00 34.79  ? 109 GLY A O   1 
ATOM   853  N N   . GLN A 1 110 ? -7.886  -3.090  2.754   1.00 34.16  ? 110 GLN A N   1 
ATOM   854  C CA  . GLN A 1 110 ? -9.128  -3.404  3.415   1.00 34.94  ? 110 GLN A CA  1 
ATOM   855  C C   . GLN A 1 110 ? -8.847  -4.258  4.667   1.00 36.92  ? 110 GLN A C   1 
ATOM   856  O O   . GLN A 1 110 ? -8.172  -5.291  4.578   1.00 35.19  ? 110 GLN A O   1 
ATOM   857  C CB  . GLN A 1 110 ? -9.993  -4.193  2.463   1.00 34.11  ? 110 GLN A CB  1 
ATOM   858  C CG  . GLN A 1 110 ? -11.388 -4.363  2.934   1.00 41.72  ? 110 GLN A CG  1 
ATOM   859  C CD  . GLN A 1 110 ? -12.063 -5.479  2.215   1.00 41.43  ? 110 GLN A CD  1 
ATOM   860  O OE1 . GLN A 1 110 ? -11.510 -6.569  2.091   1.00 47.96  ? 110 GLN A OE1 1 
ATOM   861  N NE2 . GLN A 1 110 ? -13.267 -5.229  1.744   1.00 42.99  ? 110 GLN A NE2 1 
ATOM   862  N N   . PRO A 1 111 ? -9.395  -3.852  5.835   1.00 35.44  ? 111 PRO A N   1 
ATOM   863  C CA  . PRO A 1 111 ? -9.213  -4.557  7.106   1.00 36.34  ? 111 PRO A CA  1 
ATOM   864  C C   . PRO A 1 111 ? -10.051 -5.814  7.184   1.00 36.02  ? 111 PRO A C   1 
ATOM   865  O O   . PRO A 1 111 ? -10.987 -5.983  6.405   1.00 41.43  ? 111 PRO A O   1 
ATOM   866  C CB  . PRO A 1 111 ? -9.715  -3.535  8.123   1.00 34.65  ? 111 PRO A CB  1 
ATOM   867  C CG  . PRO A 1 111 ? -9.647  -2.234  7.405   1.00 36.66  ? 111 PRO A CG  1 
ATOM   868  C CD  . PRO A 1 111 ? -10.151 -2.617  6.068   1.00 34.02  ? 111 PRO A CD  1 
ATOM   869  N N   . THR A 1 112 ? -9.715  -6.703  8.110   1.00 38.26  ? 112 THR A N   1 
ATOM   870  C CA  . THR A 1 112 ? -10.477 -7.937  8.311   1.00 38.33  ? 112 THR A CA  1 
ATOM   871  C C   . THR A 1 112 ? -10.765 -8.067  9.805   1.00 38.95  ? 112 THR A C   1 
ATOM   872  O O   . THR A 1 112 ? -9.846  -7.923  10.626  1.00 40.91  ? 112 THR A O   1 
ATOM   873  C CB  . THR A 1 112 ? -9.689  -9.210  7.929   1.00 36.08  ? 112 THR A CB  1 
ATOM   874  O OG1 . THR A 1 112 ? -9.103  -9.063  6.628   1.00 44.00  ? 112 THR A OG1 1 
ATOM   875  C CG2 . THR A 1 112 ? -10.614 -10.396 7.926   1.00 29.13  ? 112 THR A CG2 1 
ATOM   876  N N   . ILE A 1 113 ? -12.036 -8.269  10.156  1.00 40.40  ? 113 ILE A N   1 
ATOM   877  C CA  . ILE A 1 113 ? -12.426 -8.488  11.551  1.00 39.75  ? 113 ILE A CA  1 
ATOM   878  C C   . ILE A 1 113 ? -11.955 -9.927  11.839  1.00 42.03  ? 113 ILE A C   1 
ATOM   879  O O   . ILE A 1 113 ? -12.343 -10.866 11.123  1.00 39.79  ? 113 ILE A O   1 
ATOM   880  C CB  . ILE A 1 113 ? -13.964 -8.415  11.743  1.00 41.46  ? 113 ILE A CB  1 
ATOM   881  C CG1 . ILE A 1 113 ? -14.448 -6.972  11.706  1.00 37.40  ? 113 ILE A CG1 1 
ATOM   882  C CG2 . ILE A 1 113 ? -14.369 -9.049  13.082  1.00 43.33  ? 113 ILE A CG2 1 
ATOM   883  C CD1 . ILE A 1 113 ? -15.953 -6.841  11.597  1.00 38.38  ? 113 ILE A CD1 1 
ATOM   884  N N   . GLN A 1 114 ? -11.083 -10.096 12.838  1.00 41.47  ? 114 GLN A N   1 
ATOM   885  C CA  . GLN A 1 114 ? -10.562 -11.413 13.170  1.00 40.11  ? 114 GLN A CA  1 
ATOM   886  C C   . GLN A 1 114 ? -11.545 -12.264 13.928  1.00 42.63  ? 114 GLN A C   1 
ATOM   887  O O   . GLN A 1 114 ? -11.693 -13.456 13.649  1.00 41.43  ? 114 GLN A O   1 
ATOM   888  C CB  . GLN A 1 114 ? -9.313  -11.293 13.995  1.00 38.46  ? 114 GLN A CB  1 
ATOM   889  C CG  . GLN A 1 114 ? -8.716  -12.603 14.298  1.00 44.76  ? 114 GLN A CG  1 
ATOM   890  C CD  . GLN A 1 114 ? -7.253  -12.453 14.545  1.00 58.20  ? 114 GLN A CD  1 
ATOM   891  O OE1 . GLN A 1 114 ? -6.417  -12.851 13.725  1.00 67.74  ? 114 GLN A OE1 1 
ATOM   892  N NE2 . GLN A 1 114 ? -6.915  -11.827 15.656  1.00 64.52  ? 114 GLN A NE2 1 
ATOM   893  N N   . SER A 1 115 ? -12.217 -11.649 14.891  1.00 44.78  ? 115 SER A N   1 
ATOM   894  C CA  . SER A 1 115 ? -13.185 -12.359 15.703  1.00 44.17  ? 115 SER A CA  1 
ATOM   895  C C   . SER A 1 115 ? -13.909 -11.396 16.623  1.00 45.90  ? 115 SER A C   1 
ATOM   896  O O   . SER A 1 115 ? -13.420 -10.301 16.896  1.00 42.02  ? 115 SER A O   1 
ATOM   897  C CB  . SER A 1 115 ? -12.444 -13.382 16.556  1.00 43.19  ? 115 SER A CB  1 
ATOM   898  O OG  . SER A 1 115 ? -11.452 -12.727 17.328  1.00 49.03  ? 115 SER A OG  1 
ATOM   899  N N   . PHE A 1 116 ? -15.094 -11.809 17.062  1.00 52.15  ? 116 PHE A N   1 
ATOM   900  C CA  . PHE A 1 116 ? -15.925 -11.071 18.017  1.00 59.93  ? 116 PHE A CA  1 
ATOM   901  C C   . PHE A 1 116 ? -16.396 -12.136 19.021  1.00 63.56  ? 116 PHE A C   1 
ATOM   902  O O   . PHE A 1 116 ? -16.498 -13.321 18.675  1.00 61.93  ? 116 PHE A O   1 
ATOM   903  C CB  . PHE A 1 116 ? -17.130 -10.400 17.336  1.00 61.26  ? 116 PHE A CB  1 
ATOM   904  C CG  . PHE A 1 116 ? -17.941 -11.330 16.497  1.00 66.97  ? 116 PHE A CG  1 
ATOM   905  C CD1 . PHE A 1 116 ? -18.800 -12.252 17.086  1.00 70.50  ? 116 PHE A CD1 1 
ATOM   906  C CD2 . PHE A 1 116 ? -17.800 -11.335 15.112  1.00 69.37  ? 116 PHE A CD2 1 
ATOM   907  C CE1 . PHE A 1 116 ? -19.502 -13.177 16.307  1.00 73.63  ? 116 PHE A CE1 1 
ATOM   908  C CE2 . PHE A 1 116 ? -18.495 -12.255 14.321  1.00 69.75  ? 116 PHE A CE2 1 
ATOM   909  C CZ  . PHE A 1 116 ? -19.345 -13.178 14.916  1.00 70.81  ? 116 PHE A CZ  1 
ATOM   910  N N   . GLU A 1 117 ? -16.617 -11.739 20.268  1.00 69.44  ? 117 GLU A N   1 
ATOM   911  C CA  . GLU A 1 117 ? -17.082 -12.674 21.293  1.00 73.15  ? 117 GLU A CA  1 
ATOM   912  C C   . GLU A 1 117 ? -17.921 -11.906 22.308  1.00 75.95  ? 117 GLU A C   1 
ATOM   913  O O   . GLU A 1 117 ? -17.658 -10.724 22.556  1.00 77.30  ? 117 GLU A O   1 
ATOM   914  C CB  . GLU A 1 117 ? -15.900 -13.360 21.991  1.00 71.00  ? 117 GLU A CB  1 
ATOM   915  C CG  . GLU A 1 117 ? -14.970 -12.409 22.720  1.00 75.60  ? 117 GLU A CG  1 
ATOM   916  C CD  . GLU A 1 117 ? -14.064 -13.100 23.736  1.00 79.75  ? 117 GLU A CD  1 
ATOM   917  O OE1 . GLU A 1 117 ? -14.576 -13.763 24.669  1.00 80.34  ? 117 GLU A OE1 1 
ATOM   918  O OE2 . GLU A 1 117 ? -12.828 -12.955 23.617  1.00 81.83  ? 117 GLU A OE2 1 
ATOM   919  N N   . GLN A 1 118 ? -18.970 -12.546 22.827  1.00 79.24  ? 118 GLN A N   1 
ATOM   920  C CA  . GLN A 1 118 ? -19.843 -11.925 23.828  1.00 81.89  ? 118 GLN A CA  1 
ATOM   921  C C   . GLN A 1 118 ? -19.329 -12.214 25.246  1.00 81.71  ? 118 GLN A C   1 
ATOM   922  O O   . GLN A 1 118 ? -19.290 -13.375 25.658  1.00 80.57  ? 118 GLN A O   1 
ATOM   923  C CB  . GLN A 1 118 ? -21.275 -12.461 23.686  1.00 83.94  ? 118 GLN A CB  1 
ATOM   924  C CG  . GLN A 1 118 ? -22.238 -11.621 22.829  1.00 90.00  ? 118 GLN A CG  1 
ATOM   925  C CD  . GLN A 1 118 ? -22.973 -10.520 23.616  1.00 93.27  ? 118 GLN A CD  1 
ATOM   926  O OE1 . GLN A 1 118 ? -22.399 -9.874  24.500  1.00 96.92  ? 118 GLN A OE1 1 
ATOM   927  N NE2 . GLN A 1 118 ? -24.245 -10.293 23.276  1.00 93.92  ? 118 GLN A NE2 1 
ATOM   928  N N   . VAL A 1 119 ? -18.875 -11.177 25.957  1.00 83.89  ? 119 VAL A N   1 
ATOM   929  C CA  . VAL A 1 119 ? -18.389 -11.308 27.350  1.00 82.72  ? 119 VAL A CA  1 
ATOM   930  C C   . VAL A 1 119 ? -19.309 -10.508 28.306  1.00 81.32  ? 119 VAL A C   1 
ATOM   931  O O   . VAL A 1 119 ? -18.911 -9.491  28.882  1.00 80.87  ? 119 VAL A O   1 
ATOM   932  C CB  . VAL A 1 119 ? -16.858 -10.888 27.522  1.00 83.84  ? 119 VAL A CB  1 
ATOM   933  C CG1 . VAL A 1 119 ? -15.970 -11.706 26.589  1.00 82.96  ? 119 VAL A CG1 1 
ATOM   934  C CG2 . VAL A 1 119 ? -16.629 -9.388  27.281  1.00 86.05  ? 119 VAL A CG2 1 
ATOM   935  N N   . GLY A 1 120 ? -20.550 -10.978 28.451  1.00 79.60  ? 120 GLY A N   1 
ATOM   936  C CA  . GLY A 1 120 ? -21.516 -10.303 29.299  1.00 77.91  ? 120 GLY A CA  1 
ATOM   937  C C   . GLY A 1 120 ? -22.443 -9.475  28.438  1.00 78.73  ? 120 GLY A C   1 
ATOM   938  O O   . GLY A 1 120 ? -23.094 -10.011 27.554  1.00 78.22  ? 120 GLY A O   1 
ATOM   939  N N   . THR A 1 121 ? -22.554 -8.182  28.727  1.00 80.15  ? 121 THR A N   1 
ATOM   940  C CA  . THR A 1 121 ? -23.388 -7.276  27.916  1.00 81.28  ? 121 THR A CA  1 
ATOM   941  C C   . THR A 1 121 ? -22.405 -6.548  27.012  1.00 78.31  ? 121 THR A C   1 
ATOM   942  O O   . THR A 1 121 ? -22.725 -5.529  26.389  1.00 79.67  ? 121 THR A O   1 
ATOM   943  C CB  . THR A 1 121 ? -24.090 -6.182  28.778  1.00 84.73  ? 121 THR A CB  1 
ATOM   944  O OG1 . THR A 1 121 ? -23.144 -5.610  29.703  1.00 83.84  ? 121 THR A OG1 1 
ATOM   945  C CG2 . THR A 1 121 ? -25.290 -6.749  29.528  1.00 83.58  ? 121 THR A CG2 1 
ATOM   946  N N   . LYS A 1 122 ? -21.200 -7.098  26.965  1.00 72.56  ? 122 LYS A N   1 
ATOM   947  C CA  . LYS A 1 122 ? -20.109 -6.534  26.220  1.00 65.56  ? 122 LYS A CA  1 
ATOM   948  C C   . LYS A 1 122 ? -19.699 -7.443  25.083  1.00 60.95  ? 122 LYS A C   1 
ATOM   949  O O   . LYS A 1 122 ? -19.744 -8.668  25.212  1.00 54.98  ? 122 LYS A O   1 
ATOM   950  C CB  . LYS A 1 122 ? -18.903 -6.413  27.157  1.00 67.71  ? 122 LYS A CB  1 
ATOM   951  C CG  . LYS A 1 122 ? -19.139 -5.627  28.415  1.00 62.31  ? 122 LYS A CG  1 
ATOM   952  C CD  . LYS A 1 122 ? -18.825 -4.178  28.180  1.00 66.47  ? 122 LYS A CD  1 
ATOM   953  C CE  . LYS A 1 122 ? -19.056 -3.374  29.434  1.00 66.48  ? 122 LYS A CE  1 
ATOM   954  N NZ  . LYS A 1 122 ? -18.496 -1.998  29.302  1.00 72.56  ? 122 LYS A NZ  1 
ATOM   955  N N   . VAL A 1 123 ? -19.372 -6.853  23.942  1.00 57.82  ? 123 VAL A N   1 
ATOM   956  C CA  . VAL A 1 123 ? -18.834 -7.654  22.849  1.00 52.58  ? 123 VAL A CA  1 
ATOM   957  C C   . VAL A 1 123 ? -17.473 -7.064  22.563  1.00 49.71  ? 123 VAL A C   1 
ATOM   958  O O   . VAL A 1 123 ? -17.252 -5.842  22.676  1.00 45.25  ? 123 VAL A O   1 
ATOM   959  C CB  . VAL A 1 123 ? -19.652 -7.666  21.577  1.00 54.60  ? 123 VAL A CB  1 
ATOM   960  C CG1 . VAL A 1 123 ? -18.975 -8.592  20.547  1.00 53.89  ? 123 VAL A CG1 1 
ATOM   961  C CG2 . VAL A 1 123 ? -21.048 -8.161  21.868  1.00 57.86  ? 123 VAL A CG2 1 
ATOM   962  N N   . ASN A 1 124 ? -16.542 -7.968  22.318  1.00 46.74  ? 124 ASN A N   1 
ATOM   963  C CA  . ASN A 1 124 ? -15.168 -7.621  22.034  1.00 46.49  ? 124 ASN A CA  1 
ATOM   964  C C   . ASN A 1 124 ? -14.855 -7.963  20.568  1.00 44.08  ? 124 ASN A C   1 
ATOM   965  O O   . ASN A 1 124 ? -14.937 -9.121  20.142  1.00 39.88  ? 124 ASN A O   1 
ATOM   966  C CB  . ASN A 1 124 ? -14.265 -8.376  23.002  1.00 46.26  ? 124 ASN A CB  1 
ATOM   967  C CG  . ASN A 1 124 ? -12.828 -8.325  22.615  1.00 50.54  ? 124 ASN A CG  1 
ATOM   968  O OD1 . ASN A 1 124 ? -12.178 -7.275  22.669  1.00 54.40  ? 124 ASN A OD1 1 
ATOM   969  N ND2 . ASN A 1 124 ? -12.306 -9.471  22.218  1.00 55.96  ? 124 ASN A ND2 1 
ATOM   970  N N   . VAL A 1 125 ? -14.607 -6.919  19.789  1.00 41.84  ? 125 VAL A N   1 
ATOM   971  C CA  . VAL A 1 125 ? -14.294 -7.062  18.377  1.00 40.66  ? 125 VAL A CA  1 
ATOM   972  C C   . VAL A 1 125 ? -12.774 -6.862  18.150  1.00 38.55  ? 125 VAL A C   1 
ATOM   973  O O   . VAL A 1 125 ? -12.203 -5.842  18.545  1.00 32.62  ? 125 VAL A O   1 
ATOM   974  C CB  . VAL A 1 125 ? -15.103 -6.048  17.551  1.00 42.68  ? 125 VAL A CB  1 
ATOM   975  C CG1 . VAL A 1 125 ? -14.918 -6.343  16.084  1.00 46.29  ? 125 VAL A CG1 1 
ATOM   976  C CG2 . VAL A 1 125 ? -16.598 -6.092  17.934  1.00 37.48  ? 125 VAL A CG2 1 
ATOM   977  N N   . THR A 1 126 ? -12.124 -7.873  17.582  1.00 33.85  ? 126 THR A N   1 
ATOM   978  C CA  . THR A 1 126 ? -10.688 -7.830  17.304  1.00 39.14  ? 126 THR A CA  1 
ATOM   979  C C   . THR A 1 126 ? -10.463 -7.776  15.789  1.00 38.05  ? 126 THR A C   1 
ATOM   980  O O   . THR A 1 126 ? -10.998 -8.622  15.037  1.00 37.46  ? 126 THR A O   1 
ATOM   981  C CB  . THR A 1 126 ? -9.990  -9.088  17.825  1.00 37.91  ? 126 THR A CB  1 
ATOM   982  O OG1 . THR A 1 126 ? -10.405 -9.319  19.170  1.00 54.68  ? 126 THR A OG1 1 
ATOM   983  C CG2 . THR A 1 126 ? -8.493  -8.909  17.826  1.00 42.99  ? 126 THR A CG2 1 
ATOM   984  N N   . VAL A 1 127 ? -9.677  -6.801  15.342  1.00 35.18  ? 127 VAL A N   1 
ATOM   985  C CA  . VAL A 1 127 ? -9.398  -6.681  13.926  1.00 33.30  ? 127 VAL A CA  1 
ATOM   986  C C   . VAL A 1 127 ? -8.050  -7.298  13.727  1.00 34.08  ? 127 VAL A C   1 
ATOM   987  O O   . VAL A 1 127 ? -7.167  -7.201  14.572  1.00 31.01  ? 127 VAL A O   1 
ATOM   988  C CB  . VAL A 1 127 ? -9.396  -5.235  13.450  1.00 31.93  ? 127 VAL A CB  1 
ATOM   989  C CG1 . VAL A 1 127 ? -10.469 -4.454  14.157  1.00 31.79  ? 127 VAL A CG1 1 
ATOM   990  C CG2 . VAL A 1 127 ? -8.104  -4.604  13.695  1.00 35.57  ? 127 VAL A CG2 1 
ATOM   991  N N   . GLU A 1 128 ? -7.912  -7.997  12.625  1.00 37.41  ? 128 GLU A N   1 
ATOM   992  C CA  . GLU A 1 128 ? -6.671  -8.666  12.295  1.00 39.49  ? 128 GLU A CA  1 
ATOM   993  C C   . GLU A 1 128 ? -5.499  -7.724  12.149  1.00 38.89  ? 128 GLU A C   1 
ATOM   994  O O   . GLU A 1 128 ? -5.628  -6.694  11.496  1.00 38.10  ? 128 GLU A O   1 
ATOM   995  C CB  . GLU A 1 128 ? -6.873  -9.376  10.977  1.00 44.57  ? 128 GLU A CB  1 
ATOM   996  C CG  . GLU A 1 128 ? -5.651  -10.060 10.477  1.00 50.78  ? 128 GLU A CG  1 
ATOM   997  C CD  . GLU A 1 128 ? -6.000  -11.337 9.787   1.00 58.45  ? 128 GLU A CD  1 
ATOM   998  O OE1 . GLU A 1 128 ? -7.200  -11.745 9.832   1.00 55.03  ? 128 GLU A OE1 1 
ATOM   999  O OE2 . GLU A 1 128 ? -5.060  -11.941 9.222   1.00 68.59  ? 128 GLU A OE2 1 
ATOM   1000 N N   . ASP A 1 129 ? -4.352  -8.055  12.730  1.00 40.34  ? 129 ASP A N   1 
ATOM   1001 C CA  . ASP A 1 129 ? -3.184  -7.191  12.563  1.00 46.10  ? 129 ASP A CA  1 
ATOM   1002 C C   . ASP A 1 129 ? -2.549  -7.696  11.267  1.00 47.81  ? 129 ASP A C   1 
ATOM   1003 O O   . ASP A 1 129 ? -2.219  -8.884  11.160  1.00 51.43  ? 129 ASP A O   1 
ATOM   1004 C CB  . ASP A 1 129 ? -2.188  -7.317  13.724  1.00 45.34  ? 129 ASP A CB  1 
ATOM   1005 C CG  . ASP A 1 129 ? -1.259  -6.097  13.852  1.00 49.64  ? 129 ASP A CG  1 
ATOM   1006 O OD1 . ASP A 1 129 ? -1.381  -5.100  13.104  1.00 52.44  ? 129 ASP A OD1 1 
ATOM   1007 O OD2 . ASP A 1 129 ? -0.392  -6.116  14.735  1.00 54.34  ? 129 ASP A OD2 1 
ATOM   1008 N N   . GLU A 1 130 ? -2.459  -6.820  10.261  1.00 48.65  ? 130 GLU A N   1 
ATOM   1009 C CA  . GLU A 1 130 ? -1.891  -7.186  8.957   1.00 48.50  ? 130 GLU A CA  1 
ATOM   1010 C C   . GLU A 1 130 ? -0.381  -7.105  9.013   1.00 46.54  ? 130 GLU A C   1 
ATOM   1011 O O   . GLU A 1 130 ? 0.196   -6.116  9.496   1.00 43.17  ? 130 GLU A O   1 
ATOM   1012 C CB  . GLU A 1 130 ? -2.391  -6.258  7.833   1.00 52.38  ? 130 GLU A CB  1 
ATOM   1013 C CG  . GLU A 1 130 ? -3.909  -6.206  7.618   1.00 62.95  ? 130 GLU A CG  1 
ATOM   1014 C CD  . GLU A 1 130 ? -4.439  -7.365  6.792   1.00 67.71  ? 130 GLU A CD  1 
ATOM   1015 O OE1 . GLU A 1 130 ? -3.751  -7.743  5.808   1.00 66.23  ? 130 GLU A OE1 1 
ATOM   1016 O OE2 . GLU A 1 130 ? -5.541  -7.883  7.127   1.00 68.75  ? 130 GLU A OE2 1 
ATOM   1017 N N   . ARG A 1 131 ? 0.234   -8.173  8.525   1.00 45.53  ? 131 ARG A N   1 
ATOM   1018 C CA  . ARG A 1 131 ? 1.677   -8.318  8.451   1.00 47.47  ? 131 ARG A CA  1 
ATOM   1019 C C   . ARG A 1 131 ? 2.163   -7.525  7.239   1.00 44.32  ? 131 ARG A C   1 
ATOM   1020 O O   . ARG A 1 131 ? 1.491   -7.551  6.207   1.00 46.68  ? 131 ARG A O   1 
ATOM   1021 C CB  . ARG A 1 131 ? 1.985   -9.790  8.212   1.00 49.50  ? 131 ARG A CB  1 
ATOM   1022 C CG  . ARG A 1 131 ? 3.430   -10.147 8.369   1.00 61.86  ? 131 ARG A CG  1 
ATOM   1023 C CD  . ARG A 1 131 ? 3.741   -11.394 7.575   1.00 72.66  ? 131 ARG A CD  1 
ATOM   1024 N NE  . ARG A 1 131 ? 3.905   -11.105 6.148   1.00 78.29  ? 131 ARG A NE  1 
ATOM   1025 C CZ  . ARG A 1 131 ? 3.253   -11.722 5.156   1.00 81.24  ? 131 ARG A CZ  1 
ATOM   1026 N NH1 . ARG A 1 131 ? 2.365   -12.687 5.409   1.00 76.30  ? 131 ARG A NH1 1 
ATOM   1027 N NH2 . ARG A 1 131 ? 3.510   -11.381 3.897   1.00 79.56  ? 131 ARG A NH2 1 
ATOM   1028 N N   . THR A 1 132 ? 3.270   -6.787  7.368   1.00 41.24  ? 132 THR A N   1 
ATOM   1029 C CA  . THR A 1 132 ? 3.837   -6.041  6.234   1.00 32.52  ? 132 THR A CA  1 
ATOM   1030 C C   . THR A 1 132 ? 5.207   -6.620  5.878   1.00 31.58  ? 132 THR A C   1 
ATOM   1031 O O   . THR A 1 132 ? 5.641   -7.622  6.448   1.00 27.14  ? 132 THR A O   1 
ATOM   1032 C CB  . THR A 1 132 ? 4.005   -4.524  6.482   1.00 30.65  ? 132 THR A CB  1 
ATOM   1033 O OG1 . THR A 1 132 ? 5.159   -4.283  7.294   1.00 34.63  ? 132 THR A OG1 1 
ATOM   1034 C CG2 . THR A 1 132 ? 2.772   -3.935  7.123   1.00 36.69  ? 132 THR A CG2 1 
ATOM   1035 N N   . LEU A 1 133 ? 5.830   -6.072  4.844   1.00 29.93  ? 133 LEU A N   1 
ATOM   1036 C CA  . LEU A 1 133 ? 7.148   -6.530  4.451   1.00 29.65  ? 133 LEU A CA  1 
ATOM   1037 C C   . LEU A 1 133 ? 8.200   -5.633  5.096   1.00 27.02  ? 133 LEU A C   1 
ATOM   1038 O O   . LEU A 1 133 ? 9.405   -5.793  4.859   1.00 28.58  ? 133 LEU A O   1 
ATOM   1039 C CB  . LEU A 1 133 ? 7.293   -6.608  2.914   1.00 34.19  ? 133 LEU A CB  1 
ATOM   1040 C CG  . LEU A 1 133 ? 6.434   -7.719  2.257   1.00 40.01  ? 133 LEU A CG  1 
ATOM   1041 C CD1 . LEU A 1 133 ? 6.340   -7.532  0.753   1.00 42.01  ? 133 LEU A CD1 1 
ATOM   1042 C CD2 . LEU A 1 133 ? 6.983   -9.111  2.565   1.00 40.05  ? 133 LEU A CD2 1 
ATOM   1043 N N   . VAL A 1 134 ? 7.758   -4.682  5.918   1.00 28.14  ? 134 VAL A N   1 
ATOM   1044 C CA  . VAL A 1 134 ? 8.710   -3.829  6.607   1.00 29.33  ? 134 VAL A CA  1 
ATOM   1045 C C   . VAL A 1 134 ? 9.390   -4.774  7.585   1.00 32.19  ? 134 VAL A C   1 
ATOM   1046 O O   . VAL A 1 134 ? 8.753   -5.502  8.318   1.00 32.10  ? 134 VAL A O   1 
ATOM   1047 C CB  . VAL A 1 134 ? 8.039   -2.694  7.326   1.00 28.73  ? 134 VAL A CB  1 
ATOM   1048 C CG1 . VAL A 1 134 ? 9.069   -1.924  8.112   1.00 29.56  ? 134 VAL A CG1 1 
ATOM   1049 C CG2 . VAL A 1 134 ? 7.408   -1.777  6.318   1.00 27.53  ? 134 VAL A CG2 1 
ATOM   1050 N N   . ARG A 1 135 ? 10.696  -4.781  7.562   1.00 33.90  ? 135 ARG A N   1 
ATOM   1051 C CA  . ARG A 1 135 ? 11.449  -5.701  8.360   1.00 39.79  ? 135 ARG A CA  1 
ATOM   1052 C C   . ARG A 1 135 ? 12.189  -4.952  9.440   1.00 45.38  ? 135 ARG A C   1 
ATOM   1053 O O   . ARG A 1 135 ? 12.631  -3.829  9.222   1.00 50.12  ? 135 ARG A O   1 
ATOM   1054 C CB  . ARG A 1 135 ? 12.451  -6.297  7.401   1.00 39.17  ? 135 ARG A CB  1 
ATOM   1055 C CG  . ARG A 1 135 ? 12.898  -7.686  7.603   1.00 44.30  ? 135 ARG A CG  1 
ATOM   1056 C CD  . ARG A 1 135 ? 13.687  -8.035  6.343   1.00 50.96  ? 135 ARG A CD  1 
ATOM   1057 N NE  . ARG A 1 135 ? 14.830  -8.909  6.594   1.00 61.07  ? 135 ARG A NE  1 
ATOM   1058 C CZ  . ARG A 1 135 ? 15.729  -8.735  7.563   1.00 64.20  ? 135 ARG A CZ  1 
ATOM   1059 N NH1 . ARG A 1 135 ? 15.652  -7.714  8.406   1.00 69.13  ? 135 ARG A NH1 1 
ATOM   1060 N NH2 . ARG A 1 135 ? 16.716  -9.605  7.704   1.00 73.91  ? 135 ARG A NH2 1 
ATOM   1061 N N   . ARG A 1 136 ? 12.276  -5.519  10.627  1.00 45.87  ? 136 ARG A N   1 
ATOM   1062 C CA  . ARG A 1 136 ? 13.066  -4.870  11.646  1.00 50.31  ? 136 ARG A CA  1 
ATOM   1063 C C   . ARG A 1 136 ? 13.711  -6.009  12.379  1.00 51.76  ? 136 ARG A C   1 
ATOM   1064 O O   . ARG A 1 136 ? 13.017  -6.913  12.869  1.00 51.91  ? 136 ARG A O   1 
ATOM   1065 C CB  . ARG A 1 136 ? 12.237  -4.022  12.592  1.00 54.34  ? 136 ARG A CB  1 
ATOM   1066 C CG  . ARG A 1 136 ? 13.080  -2.910  13.251  1.00 63.28  ? 136 ARG A CG  1 
ATOM   1067 C CD  . ARG A 1 136 ? 12.833  -2.758  14.774  1.00 72.52  ? 136 ARG A CD  1 
ATOM   1068 N NE  . ARG A 1 136 ? 11.572  -2.085  15.122  1.00 81.32  ? 136 ARG A NE  1 
ATOM   1069 C CZ  . ARG A 1 136 ? 10.479  -2.704  15.586  1.00 87.16  ? 136 ARG A CZ  1 
ATOM   1070 N NH1 . ARG A 1 136 ? 10.462  -4.032  15.763  1.00 88.25  ? 136 ARG A NH1 1 
ATOM   1071 N NH2 . ARG A 1 136 ? 9.392   -1.994  15.891  1.00 89.44  ? 136 ARG A NH2 1 
ATOM   1072 N N   . ASN A 1 137 ? 15.043  -6.007  12.385  1.00 53.19  ? 137 ASN A N   1 
ATOM   1073 C CA  . ASN A 1 137 ? 15.823  -7.057  13.051  1.00 55.70  ? 137 ASN A CA  1 
ATOM   1074 C C   . ASN A 1 137 ? 15.503  -8.374  12.356  1.00 53.62  ? 137 ASN A C   1 
ATOM   1075 O O   . ASN A 1 137 ? 15.836  -8.543  11.181  1.00 52.91  ? 137 ASN A O   1 
ATOM   1076 C CB  . ASN A 1 137 ? 15.505  -7.136  14.564  1.00 58.56  ? 137 ASN A CB  1 
ATOM   1077 C CG  . ASN A 1 137 ? 15.944  -5.882  15.339  1.00 61.00  ? 137 ASN A CG  1 
ATOM   1078 O OD1 . ASN A 1 137 ? 17.020  -5.315  15.083  1.00 58.37  ? 137 ASN A OD1 1 
ATOM   1079 N ND2 . ASN A 1 137 ? 15.109  -5.453  16.296  1.00 63.43  ? 137 ASN A ND2 1 
ATOM   1080 N N   . ASN A 1 138 ? 14.853  -9.299  13.053  1.00 50.87  ? 138 ASN A N   1 
ATOM   1081 C CA  . ASN A 1 138 ? 14.526  -10.560 12.408  1.00 52.88  ? 138 ASN A CA  1 
ATOM   1082 C C   . ASN A 1 138 ? 13.053  -10.843 12.415  1.00 49.50  ? 138 ASN A C   1 
ATOM   1083 O O   . ASN A 1 138 ? 12.620  -11.979 12.569  1.00 48.83  ? 138 ASN A O   1 
ATOM   1084 C CB  . ASN A 1 138 ? 15.320  -11.735 12.988  1.00 57.06  ? 138 ASN A CB  1 
ATOM   1085 C CG  . ASN A 1 138 ? 16.207  -12.411 11.927  1.00 61.23  ? 138 ASN A CG  1 
ATOM   1086 O OD1 . ASN A 1 138 ? 16.421  -11.860 10.838  1.00 62.35  ? 138 ASN A OD1 1 
ATOM   1087 N ND2 . ASN A 1 138 ? 16.726  -13.593 12.245  1.00 63.94  ? 138 ASN A ND2 1 
ATOM   1088 N N   . THR A 1 139 ? 12.283  -9.804  12.143  1.00 46.00  ? 139 THR A N   1 
ATOM   1089 C CA  . THR A 1 139 ? 10.855  -9.940  12.127  1.00 41.25  ? 139 THR A CA  1 
ATOM   1090 C C   . THR A 1 139 ? 10.265  -8.968  11.128  1.00 37.30  ? 139 THR A C   1 
ATOM   1091 O O   . THR A 1 139 ? 10.914  -8.012  10.725  1.00 32.73  ? 139 THR A O   1 
ATOM   1092 C CB  . THR A 1 139 ? 10.277  -9.666  13.556  1.00 45.09  ? 139 THR A CB  1 
ATOM   1093 O OG1 . THR A 1 139 ? 8.856   -9.909  13.570  1.00 49.58  ? 139 THR A OG1 1 
ATOM   1094 C CG2 . THR A 1 139 ? 10.587  -8.220  14.018  1.00 37.90  ? 139 THR A CG2 1 
ATOM   1095 N N   . PHE A 1 140 ? 9.059   -9.287  10.685  1.00 37.45  ? 140 PHE A N   1 
ATOM   1096 C CA  . PHE A 1 140 ? 8.297   -8.458  9.773   1.00 39.56  ? 140 PHE A CA  1 
ATOM   1097 C C   . PHE A 1 140 ? 7.349   -7.663  10.671  1.00 41.28  ? 140 PHE A C   1 
ATOM   1098 O O   . PHE A 1 140 ? 6.719   -8.243  11.564  1.00 44.99  ? 140 PHE A O   1 
ATOM   1099 C CB  . PHE A 1 140 ? 7.463   -9.322  8.812   1.00 34.76  ? 140 PHE A CB  1 
ATOM   1100 C CG  . PHE A 1 140 ? 8.279   -10.002 7.752   1.00 36.23  ? 140 PHE A CG  1 
ATOM   1101 C CD1 . PHE A 1 140 ? 9.085   -9.257  6.894   1.00 34.54  ? 140 PHE A CD1 1 
ATOM   1102 C CD2 . PHE A 1 140 ? 8.289   -11.386 7.641   1.00 37.18  ? 140 PHE A CD2 1 
ATOM   1103 C CE1 . PHE A 1 140 ? 9.900   -9.894  5.938   1.00 34.25  ? 140 PHE A CE1 1 
ATOM   1104 C CE2 . PHE A 1 140 ? 9.097   -12.043 6.688   1.00 35.68  ? 140 PHE A CE2 1 
ATOM   1105 C CZ  . PHE A 1 140 ? 9.906   -11.293 5.839   1.00 32.35  ? 140 PHE A CZ  1 
ATOM   1106 N N   . LEU A 1 141 ? 7.309   -6.345  10.499  1.00 39.68  ? 141 LEU A N   1 
ATOM   1107 C CA  . LEU A 1 141 ? 6.417   -5.493  11.266  1.00 33.08  ? 141 LEU A CA  1 
ATOM   1108 C C   . LEU A 1 141 ? 4.991   -5.620  10.737  1.00 34.52  ? 141 LEU A C   1 
ATOM   1109 O O   . LEU A 1 141 ? 4.763   -6.043  9.616   1.00 35.13  ? 141 LEU A O   1 
ATOM   1110 C CB  . LEU A 1 141 ? 6.862   -4.030  11.221  1.00 32.12  ? 141 LEU A CB  1 
ATOM   1111 C CG  . LEU A 1 141 ? 8.244   -3.714  11.818  1.00 33.06  ? 141 LEU A CG  1 
ATOM   1112 C CD1 . LEU A 1 141 ? 8.359   -2.236  12.061  1.00 29.60  ? 141 LEU A CD1 1 
ATOM   1113 C CD2 . LEU A 1 141 ? 8.446   -4.445  13.136  1.00 31.80  ? 141 LEU A CD2 1 
ATOM   1114 N N   . SER A 1 142 ? 4.028   -5.348  11.597  1.00 33.85  ? 142 SER A N   1 
ATOM   1115 C CA  . SER A 1 142 ? 2.636   -5.427  11.233  1.00 27.79  ? 142 SER A CA  1 
ATOM   1116 C C   . SER A 1 142 ? 2.238   -3.986  10.972  1.00 27.35  ? 142 SER A C   1 
ATOM   1117 O O   . SER A 1 142 ? 2.972   -3.020  11.310  1.00 23.13  ? 142 SER A O   1 
ATOM   1118 C CB  . SER A 1 142 ? 1.821   -5.956  12.416  1.00 29.25  ? 142 SER A CB  1 
ATOM   1119 O OG  . SER A 1 142 ? 1.716   -4.937  13.422  1.00 29.86  ? 142 SER A OG  1 
ATOM   1120 N N   . LEU A 1 143 ? 1.040   -3.831  10.444  1.00 25.55  ? 143 LEU A N   1 
ATOM   1121 C CA  . LEU A 1 143 ? 0.535   -2.523  10.163  1.00 28.04  ? 143 LEU A CA  1 
ATOM   1122 C C   . LEU A 1 143 ? 0.606   -1.659  11.432  1.00 31.43  ? 143 LEU A C   1 
ATOM   1123 O O   . LEU A 1 143 ? 1.164   -0.542  11.430  1.00 28.33  ? 143 LEU A O   1 
ATOM   1124 C CB  . LEU A 1 143 ? -0.889  -2.699  9.702   1.00 28.45  ? 143 LEU A CB  1 
ATOM   1125 C CG  . LEU A 1 143 ? -1.265  -1.820  8.532   1.00 34.02  ? 143 LEU A CG  1 
ATOM   1126 C CD1 . LEU A 1 143 ? -0.146  -1.822  7.495   1.00 36.17  ? 143 LEU A CD1 1 
ATOM   1127 C CD2 . LEU A 1 143 ? -2.536  -2.399  7.975   1.00 37.22  ? 143 LEU A CD2 1 
ATOM   1128 N N   . ARG A 1 144 ? 0.121   -2.230  12.542  1.00 34.19  ? 144 ARG A N   1 
ATOM   1129 C CA  . ARG A 1 144 ? 0.105   -1.552  13.829  1.00 27.40  ? 144 ARG A CA  1 
ATOM   1130 C C   . ARG A 1 144 ? 1.536   -1.220  14.263  1.00 25.07  ? 144 ARG A C   1 
ATOM   1131 O O   . ARG A 1 144 ? 1.840   -0.085  14.618  1.00 28.04  ? 144 ARG A O   1 
ATOM   1132 C CB  . ARG A 1 144 ? -0.583  -2.466  14.835  1.00 34.41  ? 144 ARG A CB  1 
ATOM   1133 C CG  . ARG A 1 144 ? -0.527  -1.982  16.266  1.00 37.61  ? 144 ARG A CG  1 
ATOM   1134 C CD  . ARG A 1 144 ? -1.905  -1.547  16.734  1.00 34.92  ? 144 ARG A CD  1 
ATOM   1135 N NE  . ARG A 1 144 ? -2.087  -0.123  16.563  1.00 31.24  ? 144 ARG A NE  1 
ATOM   1136 C CZ  . ARG A 1 144 ? -3.251  0.426   16.275  1.00 32.30  ? 144 ARG A CZ  1 
ATOM   1137 N NH1 . ARG A 1 144 ? -4.322  -0.335  16.127  1.00 29.11  ? 144 ARG A NH1 1 
ATOM   1138 N NH2 . ARG A 1 144 ? -3.343  1.736   16.141  1.00 33.38  ? 144 ARG A NH2 1 
ATOM   1139 N N   . ASP A 1 145 ? 2.448   -2.175  14.155  1.00 21.29  ? 145 ASP A N   1 
ATOM   1140 C CA  . ASP A 1 145 ? 3.831   -1.913  14.557  1.00 20.61  ? 145 ASP A CA  1 
ATOM   1141 C C   . ASP A 1 145 ? 4.425   -0.740  13.842  1.00 23.29  ? 145 ASP A C   1 
ATOM   1142 O O   . ASP A 1 145 ? 5.283   -0.066  14.385  1.00 24.25  ? 145 ASP A O   1 
ATOM   1143 C CB  . ASP A 1 145 ? 4.752   -3.110  14.277  1.00 26.79  ? 145 ASP A CB  1 
ATOM   1144 C CG  . ASP A 1 145 ? 4.417   -4.342  15.107  1.00 35.17  ? 145 ASP A CG  1 
ATOM   1145 O OD1 . ASP A 1 145 ? 3.950   -4.194  16.260  1.00 36.47  ? 145 ASP A OD1 1 
ATOM   1146 O OD2 . ASP A 1 145 ? 4.651   -5.470  14.605  1.00 38.57  ? 145 ASP A OD2 1 
ATOM   1147 N N   . VAL A 1 146 ? 4.013   -0.507  12.596  1.00 28.04  ? 146 VAL A N   1 
ATOM   1148 C CA  . VAL A 1 146 ? 4.603   0.594   11.823  1.00 26.39  ? 146 VAL A CA  1 
ATOM   1149 C C   . VAL A 1 146 ? 4.049   1.961   12.134  1.00 23.15  ? 146 VAL A C   1 
ATOM   1150 O O   . VAL A 1 146 ? 4.789   2.907   12.361  1.00 24.92  ? 146 VAL A O   1 
ATOM   1151 C CB  . VAL A 1 146 ? 4.463   0.358   10.306  1.00 30.73  ? 146 VAL A CB  1 
ATOM   1152 C CG1 . VAL A 1 146 ? 5.196   1.448   9.545   1.00 28.43  ? 146 VAL A CG1 1 
ATOM   1153 C CG2 . VAL A 1 146 ? 5.025   -0.995  9.939   1.00 29.23  ? 146 VAL A CG2 1 
ATOM   1154 N N   . PHE A 1 147 ? 2.733   2.083   12.088  1.00 27.01  ? 147 PHE A N   1 
ATOM   1155 C CA  . PHE A 1 147 ? 2.096   3.361   12.355  1.00 29.52  ? 147 PHE A CA  1 
ATOM   1156 C C   . PHE A 1 147 ? 1.911   3.700   13.825  1.00 28.29  ? 147 PHE A C   1 
ATOM   1157 O O   . PHE A 1 147 ? 1.681   4.856   14.166  1.00 23.15  ? 147 PHE A O   1 
ATOM   1158 C CB  . PHE A 1 147 ? 0.756   3.398   11.656  1.00 27.93  ? 147 PHE A CB  1 
ATOM   1159 C CG  . PHE A 1 147 ? 0.868   3.371   10.178  1.00 35.35  ? 147 PHE A CG  1 
ATOM   1160 C CD1 . PHE A 1 147 ? 1.264   4.515   9.482   1.00 33.10  ? 147 PHE A CD1 1 
ATOM   1161 C CD2 . PHE A 1 147 ? 0.551   2.219   9.461   1.00 37.29  ? 147 PHE A CD2 1 
ATOM   1162 C CE1 . PHE A 1 147 ? 1.327   4.509   8.099   1.00 32.37  ? 147 PHE A CE1 1 
ATOM   1163 C CE2 . PHE A 1 147 ? 0.615   2.211   8.063   1.00 39.25  ? 147 PHE A CE2 1 
ATOM   1164 C CZ  . PHE A 1 147 ? 1.001   3.356   7.390   1.00 30.31  ? 147 PHE A CZ  1 
ATOM   1165 N N   . GLY A 1 148 ? 1.951   2.679   14.680  1.00 29.99  ? 148 GLY A N   1 
ATOM   1166 C CA  . GLY A 1 148 ? 1.788   2.897   16.108  1.00 31.21  ? 148 GLY A CA  1 
ATOM   1167 C C   . GLY A 1 148 ? 0.504   3.642   16.434  1.00 30.93  ? 148 GLY A C   1 
ATOM   1168 O O   . GLY A 1 148 ? -0.582  3.259   15.997  1.00 35.10  ? 148 GLY A O   1 
ATOM   1169 N N   . LYS A 1 149 ? 0.640   4.748   17.149  1.00 32.10  ? 149 LYS A N   1 
ATOM   1170 C CA  . LYS A 1 149 ? -0.499  5.529   17.558  1.00 36.00  ? 149 LYS A CA  1 
ATOM   1171 C C   . LYS A 1 149 ? -1.198  6.278   16.437  1.00 40.63  ? 149 LYS A C   1 
ATOM   1172 O O   . LYS A 1 149 ? -2.271  6.839   16.676  1.00 44.15  ? 149 LYS A O   1 
ATOM   1173 C CB  . LYS A 1 149 ? -0.078  6.518   18.638  1.00 41.95  ? 149 LYS A CB  1 
ATOM   1174 C CG  . LYS A 1 149 ? 1.024   7.506   18.202  1.00 56.86  ? 149 LYS A CG  1 
ATOM   1175 C CD  . LYS A 1 149 ? 1.181   8.690   19.180  1.00 57.85  ? 149 LYS A CD  1 
ATOM   1176 C CE  . LYS A 1 149 ? 1.342   10.018  18.436  1.00 60.73  ? 149 LYS A CE  1 
ATOM   1177 N NZ  . LYS A 1 149 ? 1.364   11.213  19.335  1.00 58.57  ? 149 LYS A NZ  1 
ATOM   1178 N N   . ASP A 1 150 ? -0.592  6.343   15.239  1.00 41.06  ? 150 ASP A N   1 
ATOM   1179 C CA  . ASP A 1 150 ? -1.206  7.058   14.110  1.00 34.46  ? 150 ASP A CA  1 
ATOM   1180 C C   . ASP A 1 150 ? -2.357  6.312   13.487  1.00 32.21  ? 150 ASP A C   1 
ATOM   1181 O O   . ASP A 1 150 ? -3.175  6.927   12.819  1.00 29.78  ? 150 ASP A O   1 
ATOM   1182 C CB  . ASP A 1 150 ? -0.183  7.383   13.012  1.00 41.12  ? 150 ASP A CB  1 
ATOM   1183 C CG  . ASP A 1 150 ? 0.764   8.510   13.402  1.00 44.95  ? 150 ASP A CG  1 
ATOM   1184 O OD1 . ASP A 1 150 ? 0.599   9.094   14.496  1.00 49.03  ? 150 ASP A OD1 1 
ATOM   1185 O OD2 . ASP A 1 150 ? 1.685   8.823   12.612  1.00 46.48  ? 150 ASP A OD2 1 
ATOM   1186 N N   . LEU A 1 151 ? -2.395  4.993   13.671  1.00 28.03  ? 151 LEU A N   1 
ATOM   1187 C CA  . LEU A 1 151 ? -3.431  4.140   13.094  1.00 31.15  ? 151 LEU A CA  1 
ATOM   1188 C C   . LEU A 1 151 ? -4.608  4.026   14.061  1.00 37.46  ? 151 LEU A C   1 
ATOM   1189 O O   . LEU A 1 151 ? -4.436  3.827   15.272  1.00 43.86  ? 151 LEU A O   1 
ATOM   1190 C CB  . LEU A 1 151 ? -2.864  2.750   12.836  1.00 24.77  ? 151 LEU A CB  1 
ATOM   1191 C CG  . LEU A 1 151 ? -3.302  1.837   11.690  1.00 30.62  ? 151 LEU A CG  1 
ATOM   1192 C CD1 . LEU A 1 151 ? -3.318  0.446   12.275  1.00 27.17  ? 151 LEU A CD1 1 
ATOM   1193 C CD2 . LEU A 1 151 ? -4.627  2.173   11.032  1.00 20.00  ? 151 LEU A CD2 1 
ATOM   1194 N N   . ILE A 1 152 ? -5.815  4.059   13.518  1.00 39.02  ? 152 ILE A N   1 
ATOM   1195 C CA  . ILE A 1 152 ? -7.012  3.999   14.330  1.00 34.73  ? 152 ILE A CA  1 
ATOM   1196 C C   . ILE A 1 152 ? -8.051  3.224   13.561  1.00 37.62  ? 152 ILE A C   1 
ATOM   1197 O O   . ILE A 1 152 ? -8.050  3.195   12.318  1.00 39.03  ? 152 ILE A O   1 
ATOM   1198 C CB  . ILE A 1 152 ? -7.480  5.434   14.609  1.00 35.13  ? 152 ILE A CB  1 
ATOM   1199 C CG1 . ILE A 1 152 ? -6.698  6.008   15.779  1.00 32.76  ? 152 ILE A CG1 1 
ATOM   1200 C CG2 . ILE A 1 152 ? -8.961  5.529   14.796  1.00 32.18  ? 152 ILE A CG2 1 
ATOM   1201 C CD1 . ILE A 1 152 ? -6.844  7.466   15.862  1.00 39.13  ? 152 ILE A CD1 1 
ATOM   1202 N N   . TYR A 1 153 ? -8.871  2.506   14.304  1.00 34.44  ? 153 TYR A N   1 
ATOM   1203 C CA  . TYR A 1 153 ? -9.916  1.740   13.697  1.00 30.73  ? 153 TYR A CA  1 
ATOM   1204 C C   . TYR A 1 153 ? -11.220 2.294   14.084  1.00 30.49  ? 153 TYR A C   1 
ATOM   1205 O O   . TYR A 1 153 ? -11.329 2.851   15.145  1.00 39.02  ? 153 TYR A O   1 
ATOM   1206 C CB  . TYR A 1 153 ? -9.841  0.310   14.145  1.00 29.68  ? 153 TYR A CB  1 
ATOM   1207 C CG  . TYR A 1 153 ? -8.738  -0.401  13.441  1.00 34.78  ? 153 TYR A CG  1 
ATOM   1208 C CD1 . TYR A 1 153 ? -8.870  -0.762  12.105  1.00 32.22  ? 153 TYR A CD1 1 
ATOM   1209 C CD2 . TYR A 1 153 ? -7.561  -0.692  14.086  1.00 31.60  ? 153 TYR A CD2 1 
ATOM   1210 C CE1 . TYR A 1 153 ? -7.867  -1.390  11.440  1.00 33.50  ? 153 TYR A CE1 1 
ATOM   1211 C CE2 . TYR A 1 153 ? -6.545  -1.321  13.431  1.00 37.07  ? 153 TYR A CE2 1 
ATOM   1212 C CZ  . TYR A 1 153 ? -6.702  -1.676  12.097  1.00 37.55  ? 153 TYR A CZ  1 
ATOM   1213 O OH  . TYR A 1 153 ? -5.698  -2.351  11.435  1.00 33.70  ? 153 TYR A OH  1 
ATOM   1214 N N   . THR A 1 154 ? -12.204 2.158   13.213  1.00 31.42  ? 154 THR A N   1 
ATOM   1215 C CA  . THR A 1 154 ? -13.548 2.611   13.463  1.00 31.25  ? 154 THR A CA  1 
ATOM   1216 C C   . THR A 1 154 ? -14.457 1.405   13.304  1.00 34.88  ? 154 THR A C   1 
ATOM   1217 O O   . THR A 1 154 ? -14.296 0.634   12.354  1.00 35.06  ? 154 THR A O   1 
ATOM   1218 C CB  . THR A 1 154 ? -13.946 3.687   12.491  1.00 30.17  ? 154 THR A CB  1 
ATOM   1219 O OG1 . THR A 1 154 ? -13.058 4.800   12.646  1.00 32.71  ? 154 THR A OG1 1 
ATOM   1220 C CG2 . THR A 1 154 ? -15.342 4.152   12.789  1.00 29.85  ? 154 THR A CG2 1 
ATOM   1221 N N   . LEU A 1 155 ? -15.333 1.177   14.282  1.00 36.15  ? 155 LEU A N   1 
ATOM   1222 C CA  . LEU A 1 155 ? -16.270 0.052   14.227  1.00 37.57  ? 155 LEU A CA  1 
ATOM   1223 C C   . LEU A 1 155 ? -17.599 0.661   13.840  1.00 38.98  ? 155 LEU A C   1 
ATOM   1224 O O   . LEU A 1 155 ? -17.873 1.811   14.170  1.00 40.85  ? 155 LEU A O   1 
ATOM   1225 C CB  . LEU A 1 155 ? -16.442 -0.611  15.590  1.00 36.18  ? 155 LEU A CB  1 
ATOM   1226 C CG  . LEU A 1 155 ? -16.520 -2.141  15.703  1.00 43.24  ? 155 LEU A CG  1 
ATOM   1227 C CD1 . LEU A 1 155 ? -17.374 -2.485  16.913  1.00 35.75  ? 155 LEU A CD1 1 
ATOM   1228 C CD2 . LEU A 1 155 ? -17.059 -2.805  14.452  1.00 37.76  ? 155 LEU A CD2 1 
ATOM   1229 N N   . TYR A 1 156 ? -18.349 -0.059  13.022  1.00 39.70  ? 156 TYR A N   1 
ATOM   1230 C CA  . TYR A 1 156 ? -19.665 0.370   12.611  1.00 39.60  ? 156 TYR A CA  1 
ATOM   1231 C C   . TYR A 1 156 ? -20.425 -0.832  13.032  1.00 40.87  ? 156 TYR A C   1 
ATOM   1232 O O   . TYR A 1 156 ? -19.999 -1.966  12.771  1.00 39.41  ? 156 TYR A O   1 
ATOM   1233 C CB  . TYR A 1 156 ? -19.769 0.517   11.094  1.00 40.77  ? 156 TYR A CB  1 
ATOM   1234 C CG  . TYR A 1 156 ? -19.115 1.765   10.586  1.00 42.24  ? 156 TYR A CG  1 
ATOM   1235 C CD1 . TYR A 1 156 ? -19.781 2.980   10.647  1.00 47.16  ? 156 TYR A CD1 1 
ATOM   1236 C CD2 . TYR A 1 156 ? -17.804 1.753   10.130  1.00 42.49  ? 156 TYR A CD2 1 
ATOM   1237 C CE1 . TYR A 1 156 ? -19.165 4.168   10.280  1.00 46.12  ? 156 TYR A CE1 1 
ATOM   1238 C CE2 . TYR A 1 156 ? -17.167 2.937   9.758   1.00 46.99  ? 156 TYR A CE2 1 
ATOM   1239 C CZ  . TYR A 1 156 ? -17.860 4.155   9.845   1.00 48.13  ? 156 TYR A CZ  1 
ATOM   1240 O OH  . TYR A 1 156 ? -17.242 5.368   9.563   1.00 47.28  ? 156 TYR A OH  1 
ATOM   1241 N N   . TYR A 1 157 ? -21.490 -0.615  13.777  1.00 40.86  ? 157 TYR A N   1 
ATOM   1242 C CA  . TYR A 1 157 ? -22.280 -1.754  14.195  1.00 44.54  ? 157 TYR A CA  1 
ATOM   1243 C C   . TYR A 1 157 ? -23.693 -1.260  14.290  1.00 45.22  ? 157 TYR A C   1 
ATOM   1244 O O   . TYR A 1 157 ? -23.952 -0.097  14.590  1.00 43.67  ? 157 TYR A O   1 
ATOM   1245 C CB  . TYR A 1 157 ? -21.762 -2.348  15.510  1.00 47.80  ? 157 TYR A CB  1 
ATOM   1246 C CG  . TYR A 1 157 ? -21.752 -1.375  16.655  1.00 50.88  ? 157 TYR A CG  1 
ATOM   1247 C CD1 . TYR A 1 157 ? -20.817 -0.334  16.716  1.00 50.07  ? 157 TYR A CD1 1 
ATOM   1248 C CD2 . TYR A 1 157 ? -22.682 -1.489  17.682  1.00 55.13  ? 157 TYR A CD2 1 
ATOM   1249 C CE1 . TYR A 1 157 ? -20.812 0.574   17.778  1.00 54.26  ? 157 TYR A CE1 1 
ATOM   1250 C CE2 . TYR A 1 157 ? -22.683 -0.596  18.747  1.00 59.85  ? 157 TYR A CE2 1 
ATOM   1251 C CZ  . TYR A 1 157 ? -21.753 0.428   18.796  1.00 57.29  ? 157 TYR A CZ  1 
ATOM   1252 O OH  . TYR A 1 157 ? -21.775 1.270   19.884  1.00 61.61  ? 157 TYR A OH  1 
ATOM   1253 N N   . TRP A 1 158 ? -24.605 -2.145  13.960  1.00 47.24  ? 158 TRP A N   1 
ATOM   1254 C CA  . TRP A 1 158 ? -26.003 -1.799  13.932  1.00 50.82  ? 158 TRP A CA  1 
ATOM   1255 C C   . TRP A 1 158 ? -26.742 -3.085  14.199  1.00 51.68  ? 158 TRP A C   1 
ATOM   1256 O O   . TRP A 1 158 ? -26.208 -4.184  13.984  1.00 49.28  ? 158 TRP A O   1 
ATOM   1257 C CB  . TRP A 1 158 ? -26.371 -1.262  12.529  1.00 52.10  ? 158 TRP A CB  1 
ATOM   1258 C CG  . TRP A 1 158 ? -25.965 -2.226  11.431  1.00 56.68  ? 158 TRP A CG  1 
ATOM   1259 C CD1 . TRP A 1 158 ? -26.680 -3.309  10.974  1.00 55.71  ? 158 TRP A CD1 1 
ATOM   1260 C CD2 . TRP A 1 158 ? -24.688 -2.285  10.768  1.00 59.43  ? 158 TRP A CD2 1 
ATOM   1261 N NE1 . TRP A 1 158 ? -25.916 -4.047  10.094  1.00 59.90  ? 158 TRP A NE1 1 
ATOM   1262 C CE2 . TRP A 1 158 ? -24.692 -3.442  9.949   1.00 61.39  ? 158 TRP A CE2 1 
ATOM   1263 C CE3 . TRP A 1 158 ? -23.538 -1.477  10.794  1.00 62.49  ? 158 TRP A CE3 1 
ATOM   1264 C CZ2 . TRP A 1 158 ? -23.581 -3.813  9.163   1.00 61.84  ? 158 TRP A CZ2 1 
ATOM   1265 C CZ3 . TRP A 1 158 ? -22.432 -1.840  10.011  1.00 61.65  ? 158 TRP A CZ3 1 
ATOM   1266 C CH2 . TRP A 1 158 ? -22.467 -3.003  9.209   1.00 63.33  ? 158 TRP A CH2 1 
ATOM   1267 N N   . LYS A 1 159 ? -27.958 -2.935  14.702  1.00 58.85  ? 159 LYS A N   1 
ATOM   1268 C CA  . LYS A 1 159 ? -28.796 -4.070  15.008  1.00 65.93  ? 159 LYS A CA  1 
ATOM   1269 C C   . LYS A 1 159 ? -29.190 -4.593  13.649  1.00 71.27  ? 159 LYS A C   1 
ATOM   1270 O O   . LYS A 1 159 ? -29.479 -3.798  12.739  1.00 68.14  ? 159 LYS A O   1 
ATOM   1271 C CB  . LYS A 1 159 ? -30.051 -3.607  15.737  1.00 67.17  ? 159 LYS A CB  1 
ATOM   1272 C CG  . LYS A 1 159 ? -30.495 -4.531  16.840  1.00 71.99  ? 159 LYS A CG  1 
ATOM   1273 C CD  . LYS A 1 159 ? -29.939 -4.041  18.155  1.00 78.44  ? 159 LYS A CD  1 
ATOM   1274 C CE  . LYS A 1 159 ? -30.449 -2.632  18.450  1.00 83.00  ? 159 LYS A CE  1 
ATOM   1275 N NZ  . LYS A 1 159 ? -29.697 -2.007  19.570  1.00 89.53  ? 159 LYS A NZ  1 
ATOM   1276 N N   . SER A 1 160 ? -29.205 -5.921  13.521  1.00 79.69  ? 160 SER A N   1 
ATOM   1277 C CA  . SER A 1 160 ? -29.590 -6.600  12.275  1.00 86.68  ? 160 SER A CA  1 
ATOM   1278 C C   . SER A 1 160 ? -30.899 -6.018  11.728  1.00 90.01  ? 160 SER A C   1 
ATOM   1279 O O   . SER A 1 160 ? -31.175 -6.127  10.526  1.00 92.64  ? 160 SER A O   1 
ATOM   1280 C CB  . SER A 1 160 ? -29.767 -8.115  12.503  1.00 87.04  ? 160 SER A CB  1 
ATOM   1281 O OG  . SER A 1 160 ? -28.554 -8.768  12.849  1.00 87.19  ? 160 SER A OG  1 
ATOM   1282 N N   . SER A 1 161 ? -31.692 -5.402  12.611  1.00 93.01  ? 161 SER A N   1 
ATOM   1283 C CA  . SER A 1 161 ? -32.952 -4.811  12.211  1.00 95.02  ? 161 SER A CA  1 
ATOM   1284 C C   . SER A 1 161 ? -32.814 -3.457  11.513  1.00 98.54  ? 161 SER A C   1 
ATOM   1285 O O   . SER A 1 161 ? -32.833 -3.417  10.272  1.00 101.57 ? 161 SER A O   1 
ATOM   1286 C CB  . SER A 1 161 ? -33.961 -4.747  13.376  1.00 89.06  ? 161 SER A CB  1 
ATOM   1287 O OG  . SER A 1 161 ? -33.498 -3.963  14.456  1.00 86.96  ? 161 SER A OG  1 
ATOM   1288 N N   . SER A 1 162 ? -32.514 -2.376  12.235  1.00 100.70 ? 162 SER A N   1 
ATOM   1289 C CA  . SER A 1 162 ? -32.524 -1.115  11.508  1.00 102.29 ? 162 SER A CA  1 
ATOM   1290 C C   . SER A 1 162 ? -31.802 0.185   11.892  1.00 101.75 ? 162 SER A C   1 
ATOM   1291 O O   . SER A 1 162 ? -30.742 0.193   12.525  1.00 100.75 ? 162 SER A O   1 
ATOM   1292 C CB  . SER A 1 162 ? -34.002 -0.792  11.224  1.00 104.30 ? 162 SER A CB  1 
ATOM   1293 O OG  . SER A 1 162 ? -34.737 -0.653  12.428  1.00 102.58 ? 162 SER A OG  1 
ATOM   1294 N N   . SER A 1 163 ? -32.414 1.265   11.382  1.00 101.99 ? 163 SER A N   1 
ATOM   1295 C CA  . SER A 1 163 ? -32.061 2.683   11.485  1.00 100.80 ? 163 SER A CA  1 
ATOM   1296 C C   . SER A 1 163 ? -30.649 3.068   11.068  1.00 99.93  ? 163 SER A C   1 
ATOM   1297 O O   . SER A 1 163 ? -30.344 3.133   9.867   1.00 101.39 ? 163 SER A O   1 
ATOM   1298 C CB  . SER A 1 163 ? -32.502 3.326   12.826  1.00 100.63 ? 163 SER A CB  1 
ATOM   1299 O OG  . SER A 1 163 ? -31.776 2.860   13.950  1.00 97.93  ? 163 SER A OG  1 
ATOM   1300 N N   . GLY A 1 164 ? -29.785 3.302   12.045  1.00 97.83  ? 164 GLY A N   1 
ATOM   1301 C CA  . GLY A 1 164 ? -28.440 3.703   11.723  1.00 91.76  ? 164 GLY A CA  1 
ATOM   1302 C C   . GLY A 1 164 ? -27.396 2.774   12.267  1.00 87.75  ? 164 GLY A C   1 
ATOM   1303 O O   . GLY A 1 164 ? -27.679 1.791   12.953  1.00 85.30  ? 164 GLY A O   1 
ATOM   1304 N N   . LYS A 1 165 ? -26.168 3.089   11.898  1.00 85.44  ? 165 LYS A N   1 
ATOM   1305 C CA  . LYS A 1 165 ? -25.017 2.338   12.325  1.00 82.05  ? 165 LYS A CA  1 
ATOM   1306 C C   . LYS A 1 165 ? -24.375 3.227   13.387  1.00 79.71  ? 165 LYS A C   1 
ATOM   1307 O O   . LYS A 1 165 ? -24.360 4.463   13.253  1.00 79.46  ? 165 LYS A O   1 
ATOM   1308 C CB  . LYS A 1 165 ? -24.056 2.136   11.140  1.00 83.16  ? 165 LYS A CB  1 
ATOM   1309 C CG  . LYS A 1 165 ? -24.687 1.482   9.903   1.00 80.64  ? 165 LYS A CG  1 
ATOM   1310 C CD  . LYS A 1 165 ? -23.765 1.533   8.688   1.00 74.88  ? 165 LYS A CD  1 
ATOM   1311 C CE  . LYS A 1 165 ? -24.521 1.179   7.395   1.00 74.95  ? 165 LYS A CE  1 
ATOM   1312 N NZ  . LYS A 1 165 ? -25.720 2.058   7.126   1.00 75.46  ? 165 LYS A NZ  1 
ATOM   1313 N N   . LYS A 1 166 ? -23.985 2.619   14.499  1.00 74.97  ? 166 LYS A N   1 
ATOM   1314 C CA  . LYS A 1 166 ? -23.321 3.356   15.560  1.00 69.20  ? 166 LYS A CA  1 
ATOM   1315 C C   . LYS A 1 166 ? -21.840 3.118   15.290  1.00 65.00  ? 166 LYS A C   1 
ATOM   1316 O O   . LYS A 1 166 ? -21.467 2.195   14.534  1.00 60.02  ? 166 LYS A O   1 
ATOM   1317 C CB  . LYS A 1 166 ? -23.749 2.843   16.944  1.00 70.48  ? 166 LYS A CB  1 
ATOM   1318 C CG  . LYS A 1 166 ? -25.257 2.975   17.202  1.00 71.98  ? 166 LYS A CG  1 
ATOM   1319 C CD  . LYS A 1 166 ? -25.673 2.439   18.569  1.00 77.23  ? 166 LYS A CD  1 
ATOM   1320 C CE  . LYS A 1 166 ? -25.115 3.276   19.738  1.00 81.86  ? 166 LYS A CE  1 
ATOM   1321 N NZ  . LYS A 1 166 ? -25.287 2.615   21.094  1.00 85.08  ? 166 LYS A NZ  1 
ATOM   1322 N N   . THR A 1 167 ? -21.006 3.977   15.860  1.00 60.12  ? 167 THR A N   1 
ATOM   1323 C CA  . THR A 1 167 ? -19.567 3.877   15.666  1.00 56.85  ? 167 THR A CA  1 
ATOM   1324 C C   . THR A 1 167 ? -18.767 3.781   16.986  1.00 54.11  ? 167 THR A C   1 
ATOM   1325 O O   . THR A 1 167 ? -19.293 4.012   18.067  1.00 54.77  ? 167 THR A O   1 
ATOM   1326 C CB  . THR A 1 167 ? -19.049 5.048   14.782  1.00 53.09  ? 167 THR A CB  1 
ATOM   1327 O OG1 . THR A 1 167 ? -18.597 6.125   15.603  1.00 52.74  ? 167 THR A OG1 1 
ATOM   1328 C CG2 . THR A 1 167 ? -20.157 5.576   13.893  1.00 52.18  ? 167 THR A CG2 1 
ATOM   1329 N N   . ALA A 1 168 ? -17.503 3.404   16.873  1.00 52.41  ? 168 ALA A N   1 
ATOM   1330 C CA  . ALA A 1 168 ? -16.580 3.265   17.994  1.00 48.73  ? 168 ALA A CA  1 
ATOM   1331 C C   . ALA A 1 168 ? -15.186 3.369   17.366  1.00 50.15  ? 168 ALA A C   1 
ATOM   1332 O O   . ALA A 1 168 ? -15.001 2.973   16.218  1.00 49.53  ? 168 ALA A O   1 
ATOM   1333 C CB  . ALA A 1 168 ? -16.746 1.909   18.647  1.00 45.22  ? 168 ALA A CB  1 
ATOM   1334 N N   . LYS A 1 169 ? -14.220 3.923   18.087  1.00 47.68  ? 169 LYS A N   1 
ATOM   1335 C CA  . LYS A 1 169 ? -12.872 4.050   17.565  1.00 46.91  ? 169 LYS A CA  1 
ATOM   1336 C C   . LYS A 1 169 ? -11.890 3.477   18.566  1.00 46.67  ? 169 LYS A C   1 
ATOM   1337 O O   . LYS A 1 169 ? -12.195 3.407   19.742  1.00 53.01  ? 169 LYS A O   1 
ATOM   1338 C CB  . LYS A 1 169 ? -12.573 5.517   17.264  1.00 44.69  ? 169 LYS A CB  1 
ATOM   1339 C CG  . LYS A 1 169 ? -13.485 6.073   16.168  1.00 49.87  ? 169 LYS A CG  1 
ATOM   1340 C CD  . LYS A 1 169 ? -13.262 7.554   15.846  1.00 53.91  ? 169 LYS A CD  1 
ATOM   1341 C CE  . LYS A 1 169 ? -14.317 8.052   14.828  1.00 61.24  ? 169 LYS A CE  1 
ATOM   1342 N NZ  . LYS A 1 169 ? -14.298 9.543   14.558  1.00 63.66  ? 169 LYS A NZ  1 
ATOM   1343 N N   . THR A 1 170 ? -10.768 2.950   18.109  1.00 43.59  ? 170 THR A N   1 
ATOM   1344 C CA  . THR A 1 170 ? -9.784  2.426   19.027  1.00 38.73  ? 170 THR A CA  1 
ATOM   1345 C C   . THR A 1 170 ? -8.417  2.653   18.444  1.00 41.71  ? 170 THR A C   1 
ATOM   1346 O O   . THR A 1 170 ? -8.267  2.807   17.224  1.00 34.82  ? 170 THR A O   1 
ATOM   1347 C CB  . THR A 1 170 ? -9.967  0.916   19.310  1.00 38.00  ? 170 THR A CB  1 
ATOM   1348 O OG1 . THR A 1 170 ? -8.850  0.433   20.075  1.00 37.74  ? 170 THR A OG1 1 
ATOM   1349 C CG2 . THR A 1 170 ? -10.028 0.126   18.041  1.00 40.51  ? 170 THR A CG2 1 
ATOM   1350 N N   . ASN A 1 171 ? -7.429  2.764   19.325  1.00 40.67  ? 171 ASN A N   1 
ATOM   1351 C CA  . ASN A 1 171 ? -6.059  2.923   18.866  1.00 41.42  ? 171 ASN A CA  1 
ATOM   1352 C C   . ASN A 1 171 ? -5.278  1.643   19.134  1.00 38.61  ? 171 ASN A C   1 
ATOM   1353 O O   . ASN A 1 171 ? -4.065  1.653   19.281  1.00 41.98  ? 171 ASN A O   1 
ATOM   1354 C CB  . ASN A 1 171 ? -5.370  4.167   19.440  1.00 47.59  ? 171 ASN A CB  1 
ATOM   1355 C CG  . ASN A 1 171 ? -5.291  4.176   20.963  1.00 52.70  ? 171 ASN A CG  1 
ATOM   1356 O OD1 . ASN A 1 171 ? -4.760  5.129   21.544  1.00 62.42  ? 171 ASN A OD1 1 
ATOM   1357 N ND2 . ASN A 1 171 ? -5.821  3.138   21.622  1.00 56.56  ? 171 ASN A ND2 1 
ATOM   1358 N N   . THR A 1 172 ? -6.003  0.537   19.244  1.00 36.28  ? 172 THR A N   1 
ATOM   1359 C CA  . THR A 1 172 ? -5.397  -0.780  19.432  1.00 34.50  ? 172 THR A CA  1 
ATOM   1360 C C   . THR A 1 172 ? -6.120  -1.666  18.411  1.00 32.34  ? 172 THR A C   1 
ATOM   1361 O O   . THR A 1 172 ? -6.884  -1.177  17.598  1.00 37.66  ? 172 THR A O   1 
ATOM   1362 C CB  . THR A 1 172 ? -5.655  -1.333  20.858  1.00 31.10  ? 172 THR A CB  1 
ATOM   1363 O OG1 . THR A 1 172 ? -7.046  -1.641  21.000  1.00 29.81  ? 172 THR A OG1 1 
ATOM   1364 C CG2 . THR A 1 172 ? -5.282  -0.291  21.892  1.00 29.82  ? 172 THR A CG2 1 
ATOM   1365 N N   . ASN A 1 173 ? -5.971  -2.969  18.502  1.00 32.22  ? 173 ASN A N   1 
ATOM   1366 C CA  . ASN A 1 173 ? -6.660  -3.820  17.558  1.00 34.72  ? 173 ASN A CA  1 
ATOM   1367 C C   . ASN A 1 173 ? -7.961  -4.378  18.063  1.00 33.61  ? 173 ASN A C   1 
ATOM   1368 O O   . ASN A 1 173 ? -8.448  -5.387  17.546  1.00 35.46  ? 173 ASN A O   1 
ATOM   1369 C CB  . ASN A 1 173 ? -5.749  -4.944  17.084  1.00 34.47  ? 173 ASN A CB  1 
ATOM   1370 C CG  . ASN A 1 173 ? -4.741  -4.466  16.077  1.00 42.66  ? 173 ASN A CG  1 
ATOM   1371 O OD1 . ASN A 1 173 ? -4.130  -3.403  16.238  1.00 45.85  ? 173 ASN A OD1 1 
ATOM   1372 N ND2 . ASN A 1 173 ? -4.575  -5.231  15.009  1.00 53.56  ? 173 ASN A ND2 1 
ATOM   1373 N N   . GLU A 1 174 ? -8.553  -3.745  19.062  1.00 33.49  ? 174 GLU A N   1 
ATOM   1374 C CA  . GLU A 1 174 ? -9.800  -4.299  19.544  1.00 35.64  ? 174 GLU A CA  1 
ATOM   1375 C C   . GLU A 1 174 ? -10.722 -3.289  20.117  1.00 32.47  ? 174 GLU A C   1 
ATOM   1376 O O   . GLU A 1 174 ? -10.277 -2.239  20.546  1.00 33.48  ? 174 GLU A O   1 
ATOM   1377 C CB  . GLU A 1 174 ? -9.561  -5.427  20.544  1.00 42.55  ? 174 GLU A CB  1 
ATOM   1378 C CG  . GLU A 1 174 ? -9.060  -4.989  21.903  1.00 58.34  ? 174 GLU A CG  1 
ATOM   1379 C CD  . GLU A 1 174 ? -9.162  -6.121  22.908  1.00 65.34  ? 174 GLU A CD  1 
ATOM   1380 O OE1 . GLU A 1 174 ? -8.581  -7.196  22.637  1.00 70.33  ? 174 GLU A OE1 1 
ATOM   1381 O OE2 . GLU A 1 174 ? -9.860  -5.961  23.939  1.00 70.20  ? 174 GLU A OE2 1 
ATOM   1382 N N   . PHE A 1 175 ? -12.014 -3.601  20.038  1.00 32.64  ? 175 PHE A N   1 
ATOM   1383 C CA  . PHE A 1 175 ? -13.108 -2.766  20.534  1.00 37.37  ? 175 PHE A CA  1 
ATOM   1384 C C   . PHE A 1 175 ? -13.870 -3.570  21.580  1.00 39.32  ? 175 PHE A C   1 
ATOM   1385 O O   . PHE A 1 175 ? -13.972 -4.803  21.466  1.00 39.61  ? 175 PHE A O   1 
ATOM   1386 C CB  . PHE A 1 175 ? -14.125 -2.462  19.419  1.00 38.11  ? 175 PHE A CB  1 
ATOM   1387 C CG  . PHE A 1 175 ? -13.565 -1.705  18.250  1.00 37.72  ? 175 PHE A CG  1 
ATOM   1388 C CD1 . PHE A 1 175 ? -12.938 -2.377  17.200  1.00 36.54  ? 175 PHE A CD1 1 
ATOM   1389 C CD2 . PHE A 1 175 ? -13.703 -0.325  18.173  1.00 36.34  ? 175 PHE A CD2 1 
ATOM   1390 C CE1 . PHE A 1 175 ? -12.466 -1.678  16.093  1.00 37.77  ? 175 PHE A CE1 1 
ATOM   1391 C CE2 . PHE A 1 175 ? -13.229 0.379   17.067  1.00 41.55  ? 175 PHE A CE2 1 
ATOM   1392 C CZ  . PHE A 1 175 ? -12.611 -0.301  16.027  1.00 34.24  ? 175 PHE A CZ  1 
ATOM   1393 N N   . LEU A 1 176 ? -14.435 -2.871  22.564  1.00 41.27  ? 176 LEU A N   1 
ATOM   1394 C CA  . LEU A 1 176 ? -15.235 -3.502  23.625  1.00 41.59  ? 176 LEU A CA  1 
ATOM   1395 C C   . LEU A 1 176 ? -16.450 -2.612  23.697  1.00 40.10  ? 176 LEU A C   1 
ATOM   1396 O O   . LEU A 1 176 ? -16.337 -1.442  24.074  1.00 40.57  ? 176 LEU A O   1 
ATOM   1397 C CB  . LEU A 1 176 ? -14.490 -3.491  24.963  1.00 44.90  ? 176 LEU A CB  1 
ATOM   1398 C CG  . LEU A 1 176 ? -15.040 -4.377  26.095  1.00 48.08  ? 176 LEU A CG  1 
ATOM   1399 C CD1 . LEU A 1 176 ? -15.164 -5.848  25.679  1.00 44.16  ? 176 LEU A CD1 1 
ATOM   1400 C CD2 . LEU A 1 176 ? -14.108 -4.264  27.263  1.00 49.69  ? 176 LEU A CD2 1 
ATOM   1401 N N   . ILE A 1 177 ? -17.596 -3.153  23.302  1.00 40.50  ? 177 ILE A N   1 
ATOM   1402 C CA  . ILE A 1 177 ? -18.827 -2.369  23.263  1.00 48.23  ? 177 ILE A CA  1 
ATOM   1403 C C   . ILE A 1 177 ? -19.989 -3.006  24.019  1.00 54.08  ? 177 ILE A C   1 
ATOM   1404 O O   . ILE A 1 177 ? -20.035 -4.243  24.216  1.00 49.69  ? 177 ILE A O   1 
ATOM   1405 C CB  . ILE A 1 177 ? -19.313 -2.157  21.790  1.00 50.45  ? 177 ILE A CB  1 
ATOM   1406 C CG1 . ILE A 1 177 ? -19.574 -3.529  21.152  1.00 48.32  ? 177 ILE A CG1 1 
ATOM   1407 C CG2 . ILE A 1 177 ? -18.271 -1.351  20.962  1.00 45.69  ? 177 ILE A CG2 1 
ATOM   1408 C CD1 . ILE A 1 177 ? -20.306 -3.482  19.854  1.00 51.86  ? 177 ILE A CD1 1 
ATOM   1409 N N   . ASP A 1 178 ? -20.955 -2.146  24.357  1.00 58.67  ? 178 ASP A N   1 
ATOM   1410 C CA  . ASP A 1 178 ? -22.175 -2.532  25.073  1.00 65.33  ? 178 ASP A CA  1 
ATOM   1411 C C   . ASP A 1 178 ? -23.322 -2.816  24.124  1.00 66.37  ? 178 ASP A C   1 
ATOM   1412 O O   . ASP A 1 178 ? -23.814 -1.915  23.438  1.00 65.86  ? 178 ASP A O   1 
ATOM   1413 C CB  . ASP A 1 178 ? -22.605 -1.438  26.062  1.00 68.81  ? 178 ASP A CB  1 
ATOM   1414 C CG  . ASP A 1 178 ? -21.815 -1.482  27.354  1.00 72.67  ? 178 ASP A CG  1 
ATOM   1415 O OD1 . ASP A 1 178 ? -20.737 -0.856  27.397  1.00 77.07  ? 178 ASP A OD1 1 
ATOM   1416 O OD2 . ASP A 1 178 ? -22.257 -2.160  28.314  1.00 77.75  ? 178 ASP A OD2 1 
ATOM   1417 N N   . VAL A 1 179 ? -23.792 -4.054  24.137  1.00 69.80  ? 179 VAL A N   1 
ATOM   1418 C CA  . VAL A 1 179 ? -24.886 -4.448  23.260  1.00 76.79  ? 179 VAL A CA  1 
ATOM   1419 C C   . VAL A 1 179 ? -26.208 -4.691  23.989  1.00 80.94  ? 179 VAL A C   1 
ATOM   1420 O O   . VAL A 1 179 ? -26.215 -4.990  25.189  1.00 82.17  ? 179 VAL A O   1 
ATOM   1421 C CB  . VAL A 1 179 ? -24.518 -5.732  22.497  1.00 75.93  ? 179 VAL A CB  1 
ATOM   1422 C CG1 . VAL A 1 179 ? -23.157 -5.567  21.868  1.00 75.12  ? 179 VAL A CG1 1 
ATOM   1423 C CG2 . VAL A 1 179 ? -24.546 -6.947  23.432  1.00 74.93  ? 179 VAL A CG2 1 
ATOM   1424 N N   . ASP A 1 180 ? -27.322 -4.518  23.278  1.00 84.63  ? 180 ASP A N   1 
ATOM   1425 C CA  . ASP A 1 180 ? -28.631 -4.798  23.853  1.00 89.12  ? 180 ASP A CA  1 
ATOM   1426 C C   . ASP A 1 180 ? -28.588 -6.299  23.872  1.00 93.49  ? 180 ASP A C   1 
ATOM   1427 O O   . ASP A 1 180 ? -28.420 -6.945  22.832  1.00 92.67  ? 180 ASP A O   1 
ATOM   1428 C CB  . ASP A 1 180 ? -29.742 -4.300  22.955  1.00 88.36  ? 180 ASP A CB  1 
ATOM   1429 C CG  . ASP A 1 180 ? -29.824 -2.795  22.938  1.00 91.92  ? 180 ASP A CG  1 
ATOM   1430 O OD1 . ASP A 1 180 ? -28.985 -2.131  23.597  1.00 91.57  ? 180 ASP A OD1 1 
ATOM   1431 O OD2 . ASP A 1 180 ? -30.733 -2.270  22.267  1.00 94.89  ? 180 ASP A OD2 1 
ATOM   1432 N N   . LYS A 1 181 ? -28.626 -6.841  25.079  1.00 98.99  ? 181 LYS A N   1 
ATOM   1433 C CA  . LYS A 1 181 ? -28.498 -8.266  25.267  1.00 102.82 ? 181 LYS A CA  1 
ATOM   1434 C C   . LYS A 1 181 ? -29.389 -9.238  24.522  1.00 103.76 ? 181 LYS A C   1 
ATOM   1435 O O   . LYS A 1 181 ? -30.550 -8.938  24.201  1.00 102.66 ? 181 LYS A O   1 
ATOM   1436 C CB  . LYS A 1 181 ? -28.371 -8.611  26.751  1.00 103.34 ? 181 LYS A CB  1 
ATOM   1437 C CG  . LYS A 1 181 ? -26.905 -8.592  27.225  1.00 103.86 ? 181 LYS A CG  1 
ATOM   1438 C CD  . LYS A 1 181 ? -26.028 -9.581  26.428  1.00 106.68 ? 181 LYS A CD  1 
ATOM   1439 C CE  . LYS A 1 181 ? -26.495 -11.048 26.591  1.00 106.52 ? 181 LYS A CE  1 
ATOM   1440 N NZ  . LYS A 1 181 ? -25.866 -12.051 25.650  1.00 104.34 ? 181 LYS A NZ  1 
ATOM   1441 N N   . GLY A 1 182 ? -28.761 -10.377 24.200  1.00 105.33 ? 182 GLY A N   1 
ATOM   1442 C CA  . GLY A 1 182 ? -29.384 -11.472 23.476  1.00 103.14 ? 182 GLY A CA  1 
ATOM   1443 C C   . GLY A 1 182 ? -29.772 -10.976 22.106  1.00 102.38 ? 182 GLY A C   1 
ATOM   1444 O O   . GLY A 1 182 ? -30.892 -11.205 21.654  1.00 102.25 ? 182 GLY A O   1 
ATOM   1445 N N   . GLU A 1 183 ? -28.846 -10.314 21.422  1.00 99.96  ? 183 GLU A N   1 
ATOM   1446 C CA  . GLU A 1 183 ? -29.187 -9.772  20.117  1.00 95.29  ? 183 GLU A CA  1 
ATOM   1447 C C   . GLU A 1 183 ? -28.288 -10.090 18.941  1.00 91.69  ? 183 GLU A C   1 
ATOM   1448 O O   . GLU A 1 183 ? -27.231 -10.715 19.078  1.00 91.09  ? 183 GLU A O   1 
ATOM   1449 C CB  . GLU A 1 183 ? -29.394 -8.267  20.221  1.00 93.52  ? 183 GLU A CB  1 
ATOM   1450 C CG  . GLU A 1 183 ? -30.834 -7.880  20.397  1.00 89.82  ? 183 GLU A CG  1 
ATOM   1451 C CD  . GLU A 1 183 ? -31.327 -7.075  19.229  1.00 89.80  ? 183 GLU A CD  1 
ATOM   1452 O OE1 . GLU A 1 183 ? -31.110 -7.495  18.073  1.00 91.10  ? 183 GLU A OE1 1 
ATOM   1453 O OE2 . GLU A 1 183 ? -31.907 -6.003  19.460  1.00 88.21  ? 183 GLU A OE2 1 
ATOM   1454 N N   . ASN A 1 184 ? -28.768 -9.694  17.769  1.00 87.94  ? 184 ASN A N   1 
ATOM   1455 C CA  . ASN A 1 184 ? -28.046 -9.893  16.533  1.00 82.49  ? 184 ASN A CA  1 
ATOM   1456 C C   . ASN A 1 184 ? -27.593 -8.542  16.003  1.00 76.04  ? 184 ASN A C   1 
ATOM   1457 O O   . ASN A 1 184 ? -28.403 -7.667  15.664  1.00 74.47  ? 184 ASN A O   1 
ATOM   1458 C CB  . ASN A 1 184 ? -28.897 -10.653 15.516  1.00 91.35  ? 184 ASN A CB  1 
ATOM   1459 C CG  . ASN A 1 184 ? -28.719 -12.174 15.622  1.00 97.09  ? 184 ASN A CG  1 
ATOM   1460 O OD1 . ASN A 1 184 ? -27.688 -12.668 16.105  1.00 97.99  ? 184 ASN A OD1 1 
ATOM   1461 N ND2 . ASN A 1 184 ? -29.714 -12.919 15.144  1.00 100.85 ? 184 ASN A ND2 1 
ATOM   1462 N N   . TYR A 1 185 ? -26.277 -8.381  16.011  1.00 66.04  ? 185 TYR A N   1 
ATOM   1463 C CA  . TYR A 1 185 ? -25.591 -7.181  15.577  1.00 56.14  ? 185 TYR A CA  1 
ATOM   1464 C C   . TYR A 1 185 ? -24.647 -7.505  14.429  1.00 52.47  ? 185 TYR A C   1 
ATOM   1465 O O   . TYR A 1 185 ? -24.129 -8.629  14.332  1.00 43.16  ? 185 TYR A O   1 
ATOM   1466 C CB  . TYR A 1 185 ? -24.730 -6.666  16.720  1.00 54.23  ? 185 TYR A CB  1 
ATOM   1467 C CG  . TYR A 1 185 ? -25.400 -5.716  17.651  1.00 52.02  ? 185 TYR A CG  1 
ATOM   1468 C CD1 . TYR A 1 185 ? -25.350 -4.353  17.412  1.00 53.12  ? 185 TYR A CD1 1 
ATOM   1469 C CD2 . TYR A 1 185 ? -26.049 -6.166  18.805  1.00 54.75  ? 185 TYR A CD2 1 
ATOM   1470 C CE1 . TYR A 1 185 ? -25.923 -3.448  18.288  1.00 57.43  ? 185 TYR A CE1 1 
ATOM   1471 C CE2 . TYR A 1 185 ? -26.634 -5.261  19.706  1.00 52.98  ? 185 TYR A CE2 1 
ATOM   1472 C CZ  . TYR A 1 185 ? -26.565 -3.902  19.433  1.00 58.61  ? 185 TYR A CZ  1 
ATOM   1473 O OH  . TYR A 1 185 ? -27.134 -2.973  20.273  1.00 61.56  ? 185 TYR A OH  1 
ATOM   1474 N N   . CYS A 1 186 ? -24.434 -6.524  13.557  1.00 48.01  ? 186 CYS A N   1 
ATOM   1475 C CA  . CYS A 1 186 ? -23.486 -6.692  12.460  1.00 47.48  ? 186 CYS A CA  1 
ATOM   1476 C C   . CYS A 1 186 ? -22.451 -5.584  12.568  1.00 46.79  ? 186 CYS A C   1 
ATOM   1477 O O   . CYS A 1 186 ? -22.778 -4.450  12.986  1.00 43.95  ? 186 CYS A O   1 
ATOM   1478 C CB  . CYS A 1 186 ? -24.168 -6.664  11.102  1.00 48.07  ? 186 CYS A CB  1 
ATOM   1479 S SG  . CYS A 1 186 ? -25.304 -8.053  10.852  1.00 43.52  ? 186 CYS A SG  1 
ATOM   1480 N N   . PHE A 1 187 ? -21.195 -5.925  12.270  1.00 44.28  ? 187 PHE A N   1 
ATOM   1481 C CA  . PHE A 1 187 ? -20.116 -4.946  12.360  1.00 44.39  ? 187 PHE A CA  1 
ATOM   1482 C C   . PHE A 1 187 ? -19.275 -5.011  11.128  1.00 44.85  ? 187 PHE A C   1 
ATOM   1483 O O   . PHE A 1 187 ? -19.190 -6.056  10.481  1.00 45.27  ? 187 PHE A O   1 
ATOM   1484 C CB  . PHE A 1 187 ? -19.122 -5.216  13.513  1.00 46.24  ? 187 PHE A CB  1 
ATOM   1485 C CG  . PHE A 1 187 ? -19.658 -6.033  14.635  1.00 42.87  ? 187 PHE A CG  1 
ATOM   1486 C CD1 . PHE A 1 187 ? -20.376 -5.437  15.662  1.00 46.66  ? 187 PHE A CD1 1 
ATOM   1487 C CD2 . PHE A 1 187 ? -19.440 -7.407  14.665  1.00 43.80  ? 187 PHE A CD2 1 
ATOM   1488 C CE1 . PHE A 1 187 ? -20.877 -6.200  16.702  1.00 48.13  ? 187 PHE A CE1 1 
ATOM   1489 C CE2 . PHE A 1 187 ? -19.939 -8.190  15.705  1.00 48.22  ? 187 PHE A CE2 1 
ATOM   1490 C CZ  . PHE A 1 187 ? -20.660 -7.583  16.723  1.00 48.47  ? 187 PHE A CZ  1 
ATOM   1491 N N   . SER A 1 188 ? -18.554 -3.918  10.922  1.00 41.29  ? 188 SER A N   1 
ATOM   1492 C CA  . SER A 1 188 ? -17.619 -3.753  9.840   1.00 42.12  ? 188 SER A CA  1 
ATOM   1493 C C   . SER A 1 188 ? -16.651 -2.727  10.403  1.00 41.15  ? 188 SER A C   1 
ATOM   1494 O O   . SER A 1 188 ? -17.040 -1.862  11.205  1.00 39.69  ? 188 SER A O   1 
ATOM   1495 C CB  . SER A 1 188 ? -18.297 -3.214  8.574   1.00 43.31  ? 188 SER A CB  1 
ATOM   1496 O OG  . SER A 1 188 ? -18.210 -1.800  8.485   1.00 49.01  ? 188 SER A OG  1 
ATOM   1497 N N   . VAL A 1 189 ? -15.393 -2.841  9.997   1.00 39.87  ? 189 VAL A N   1 
ATOM   1498 C CA  . VAL A 1 189 ? -14.350 -1.945  10.446  1.00 36.56  ? 189 VAL A CA  1 
ATOM   1499 C C   . VAL A 1 189 ? -13.609 -1.249  9.270   1.00 38.82  ? 189 VAL A C   1 
ATOM   1500 O O   . VAL A 1 189 ? -13.493 -1.790  8.148   1.00 38.32  ? 189 VAL A O   1 
ATOM   1501 C CB  . VAL A 1 189 ? -13.368 -2.712  11.388  1.00 34.17  ? 189 VAL A CB  1 
ATOM   1502 C CG1 . VAL A 1 189 ? -12.953 -4.007  10.774  1.00 38.32  ? 189 VAL A CG1 1 
ATOM   1503 C CG2 . VAL A 1 189 ? -12.131 -1.895  11.666  1.00 37.78  ? 189 VAL A CG2 1 
ATOM   1504 N N   . GLN A 1 190 ? -13.085 -0.064  9.563   1.00 32.83  ? 190 GLN A N   1 
ATOM   1505 C CA  . GLN A 1 190 ? -12.361 0.732   8.619   1.00 31.88  ? 190 GLN A CA  1 
ATOM   1506 C C   . GLN A 1 190 ? -11.157 1.395   9.309   1.00 31.81  ? 190 GLN A C   1 
ATOM   1507 O O   . GLN A 1 190 ? -11.347 2.068   10.324  1.00 35.53  ? 190 GLN A O   1 
ATOM   1508 C CB  . GLN A 1 190 ? -13.317 1.796   8.117   1.00 32.84  ? 190 GLN A CB  1 
ATOM   1509 C CG  . GLN A 1 190 ? -12.648 2.844   7.326   1.00 38.44  ? 190 GLN A CG  1 
ATOM   1510 C CD  . GLN A 1 190 ? -13.578 3.952   6.957   1.00 43.56  ? 190 GLN A CD  1 
ATOM   1511 O OE1 . GLN A 1 190 ? -14.342 3.841   6.011   1.00 53.64  ? 190 GLN A OE1 1 
ATOM   1512 N NE2 . GLN A 1 190 ? -13.496 5.053   7.677   1.00 52.49  ? 190 GLN A NE2 1 
ATOM   1513 N N   . ALA A 1 191 ? -9.936  1.228   8.771   1.00 29.78  ? 191 ALA A N   1 
ATOM   1514 C CA  . ALA A 1 191 ? -8.709  1.846   9.337   1.00 24.07  ? 191 ALA A CA  1 
ATOM   1515 C C   . ALA A 1 191 ? -8.627  3.280   8.900   1.00 25.96  ? 191 ALA A C   1 
ATOM   1516 O O   . ALA A 1 191 ? -9.079  3.603   7.821   1.00 32.35  ? 191 ALA A O   1 
ATOM   1517 C CB  . ALA A 1 191 ? -7.480  1.116   8.883   1.00 26.86  ? 191 ALA A CB  1 
ATOM   1518 N N   . VAL A 1 192 ? -8.022  4.142   9.702   1.00 25.78  ? 192 VAL A N   1 
ATOM   1519 C CA  . VAL A 1 192 ? -7.927  5.555   9.370   1.00 25.79  ? 192 VAL A CA  1 
ATOM   1520 C C   . VAL A 1 192 ? -6.659  6.106   9.965   1.00 27.49  ? 192 VAL A C   1 
ATOM   1521 O O   . VAL A 1 192 ? -6.234  5.628   11.013  1.00 30.24  ? 192 VAL A O   1 
ATOM   1522 C CB  . VAL A 1 192 ? -9.091  6.347   9.994   1.00 25.36  ? 192 VAL A CB  1 
ATOM   1523 C CG1 . VAL A 1 192 ? -8.969  7.824   9.713   1.00 27.00  ? 192 VAL A CG1 1 
ATOM   1524 C CG2 . VAL A 1 192 ? -10.384 5.871   9.455   1.00 34.62  ? 192 VAL A CG2 1 
ATOM   1525 N N   . ILE A 1 193 ? -6.010  7.036   9.264   1.00 28.66  ? 193 ILE A N   1 
ATOM   1526 C CA  . ILE A 1 193 ? -4.804  7.700   9.761   1.00 28.37  ? 193 ILE A CA  1 
ATOM   1527 C C   . ILE A 1 193 ? -5.151  9.177   9.654   1.00 36.64  ? 193 ILE A C   1 
ATOM   1528 O O   . ILE A 1 193 ? -4.828  9.844   8.661   1.00 36.42  ? 193 ILE A O   1 
ATOM   1529 C CB  . ILE A 1 193 ? -3.549  7.375   8.977   1.00 25.00  ? 193 ILE A CB  1 
ATOM   1530 C CG1 . ILE A 1 193 ? -3.228  5.913   9.160   1.00 25.92  ? 193 ILE A CG1 1 
ATOM   1531 C CG2 . ILE A 1 193 ? -2.365  8.157   9.522   1.00 20.11  ? 193 ILE A CG2 1 
ATOM   1532 C CD1 . ILE A 1 193 ? -1.939  5.537   8.638   1.00 34.45  ? 193 ILE A CD1 1 
ATOM   1533 N N   . PRO A 1 194 ? -5.859  9.691   10.689  1.00 40.54  ? 194 PRO A N   1 
ATOM   1534 C CA  . PRO A 1 194 ? -6.353  11.052  10.879  1.00 37.38  ? 194 PRO A CA  1 
ATOM   1535 C C   . PRO A 1 194 ? -5.338  12.112  10.570  1.00 35.79  ? 194 PRO A C   1 
ATOM   1536 O O   . PRO A 1 194 ? -5.698  13.159  10.038  1.00 36.82  ? 194 PRO A O   1 
ATOM   1537 C CB  . PRO A 1 194 ? -6.726  11.072  12.365  1.00 41.11  ? 194 PRO A CB  1 
ATOM   1538 C CG  . PRO A 1 194 ? -7.171  9.679   12.619  1.00 41.60  ? 194 PRO A CG  1 
ATOM   1539 C CD  . PRO A 1 194 ? -6.075  8.906   11.923  1.00 38.78  ? 194 PRO A CD  1 
ATOM   1540 N N   . SER A 1 195 ? -4.085  11.873  10.949  1.00 31.90  ? 195 SER A N   1 
ATOM   1541 C CA  . SER A 1 195 ? -3.044  12.852  10.698  1.00 34.99  ? 195 SER A CA  1 
ATOM   1542 C C   . SER A 1 195 ? -2.690  13.039  9.217   1.00 35.30  ? 195 SER A C   1 
ATOM   1543 O O   . SER A 1 195 ? -1.909  13.940  8.892   1.00 37.84  ? 195 SER A O   1 
ATOM   1544 C CB  . SER A 1 195 ? -1.789  12.545  11.508  1.00 31.77  ? 195 SER A CB  1 
ATOM   1545 O OG  . SER A 1 195 ? -1.407  11.202  11.356  1.00 34.05  ? 195 SER A OG  1 
ATOM   1546 N N   . ARG A 1 196 ? -3.225  12.189  8.336   1.00 33.03  ? 196 ARG A N   1 
ATOM   1547 C CA  . ARG A 1 196 ? -2.978  12.308  6.896   1.00 33.69  ? 196 ARG A CA  1 
ATOM   1548 C C   . ARG A 1 196 ? -3.892  13.339  6.275   1.00 36.67  ? 196 ARG A C   1 
ATOM   1549 O O   . ARG A 1 196 ? -5.050  13.441  6.646   1.00 39.55  ? 196 ARG A O   1 
ATOM   1550 C CB  . ARG A 1 196 ? -3.251  10.997  6.180   1.00 19.53  ? 196 ARG A CB  1 
ATOM   1551 C CG  . ARG A 1 196 ? -2.091  10.063  6.189   1.00 20.00  ? 196 ARG A CG  1 
ATOM   1552 C CD  . ARG A 1 196 ? -2.470  8.778   5.532   1.00 16.41  ? 196 ARG A CD  1 
ATOM   1553 N NE  . ARG A 1 196 ? -1.299  7.920   5.399   1.00 23.87  ? 196 ARG A NE  1 
ATOM   1554 C CZ  . ARG A 1 196 ? -1.237  6.839   4.625   1.00 23.21  ? 196 ARG A CZ  1 
ATOM   1555 N NH1 . ARG A 1 196 ? -2.295  6.489   3.903   1.00 29.33  ? 196 ARG A NH1 1 
ATOM   1556 N NH2 . ARG A 1 196 ? -0.124  6.102   4.590   1.00 20.51  ? 196 ARG A NH2 1 
ATOM   1557 N N   . THR A 1 197 ? -3.372  14.097  5.315   1.00 45.31  ? 197 THR A N   1 
ATOM   1558 C CA  . THR A 1 197 ? -4.165  15.087  4.578   1.00 45.29  ? 197 THR A CA  1 
ATOM   1559 C C   . THR A 1 197 ? -4.748  14.387  3.341   1.00 44.26  ? 197 THR A C   1 
ATOM   1560 O O   . THR A 1 197 ? -5.791  14.774  2.830   1.00 47.24  ? 197 THR A O   1 
ATOM   1561 C CB  . THR A 1 197 ? -3.323  16.319  4.160   1.00 47.56  ? 197 THR A CB  1 
ATOM   1562 O OG1 . THR A 1 197 ? -2.176  15.898  3.404   1.00 44.66  ? 197 THR A OG1 1 
ATOM   1563 C CG2 . THR A 1 197 ? -2.863  17.091  5.410   1.00 47.10  ? 197 THR A CG2 1 
ATOM   1564 N N   . VAL A 1 198 ? -4.103  13.306  2.911   1.00 44.47  ? 198 VAL A N   1 
ATOM   1565 C CA  . VAL A 1 198 ? -4.556  12.536  1.760   1.00 43.10  ? 198 VAL A CA  1 
ATOM   1566 C C   . VAL A 1 198 ? -4.508  11.053  2.046   1.00 41.31  ? 198 VAL A C   1 
ATOM   1567 O O   . VAL A 1 198 ? -3.669  10.593  2.805   1.00 41.86  ? 198 VAL A O   1 
ATOM   1568 C CB  . VAL A 1 198 ? -3.633  12.759  0.563   1.00 45.38  ? 198 VAL A CB  1 
ATOM   1569 C CG1 . VAL A 1 198 ? -4.110  11.941  -0.643  1.00 43.58  ? 198 VAL A CG1 1 
ATOM   1570 C CG2 . VAL A 1 198 ? -3.557  14.239  0.241   1.00 45.28  ? 198 VAL A CG2 1 
ATOM   1571 N N   . ASN A 1 199 ? -5.409  10.296  1.437   1.00 41.66  ? 199 ASN A N   1 
ATOM   1572 C CA  . ASN A 1 199 ? -5.400  8.845   1.623   1.00 45.56  ? 199 ASN A CA  1 
ATOM   1573 C C   . ASN A 1 199 ? -5.582  8.443   3.061   1.00 41.72  ? 199 ASN A C   1 
ATOM   1574 O O   . ASN A 1 199 ? -5.016  7.433   3.495   1.00 42.07  ? 199 ASN A O   1 
ATOM   1575 C CB  . ASN A 1 199 ? -4.055  8.277   1.179   1.00 53.32  ? 199 ASN A CB  1 
ATOM   1576 C CG  . ASN A 1 199 ? -4.158  7.489   -0.072  1.00 56.39  ? 199 ASN A CG  1 
ATOM   1577 O OD1 . ASN A 1 199 ? -4.913  7.854   -0.977  1.00 58.34  ? 199 ASN A OD1 1 
ATOM   1578 N ND2 . ASN A 1 199 ? -3.377  6.416   -0.167  1.00 61.35  ? 199 ASN A ND2 1 
ATOM   1579 N N   . ARG A 1 200 ? -6.420  9.201   3.759   1.00 40.24  ? 200 ARG A N   1 
ATOM   1580 C CA  . ARG A 1 200 ? -6.694  9.006   5.174   1.00 36.99  ? 200 ARG A CA  1 
ATOM   1581 C C   . ARG A 1 200 ? -7.307  7.680   5.572   1.00 34.67  ? 200 ARG A C   1 
ATOM   1582 O O   . ARG A 1 200 ? -6.918  7.113   6.585   1.00 41.21  ? 200 ARG A O   1 
ATOM   1583 C CB  . ARG A 1 200 ? -7.597  10.121  5.684   1.00 33.05  ? 200 ARG A CB  1 
ATOM   1584 C CG  . ARG A 1 200 ? -7.152  11.492  5.314   1.00 34.28  ? 200 ARG A CG  1 
ATOM   1585 C CD  . ARG A 1 200 ? -8.166  12.515  5.766   1.00 43.20  ? 200 ARG A CD  1 
ATOM   1586 N NE  . ARG A 1 200 ? -8.039  12.755  7.202   1.00 54.37  ? 200 ARG A NE  1 
ATOM   1587 C CZ  . ARG A 1 200 ? -8.946  12.399  8.115   1.00 56.24  ? 200 ARG A CZ  1 
ATOM   1588 N NH1 . ARG A 1 200 ? -10.075 11.793  7.738   1.00 52.10  ? 200 ARG A NH1 1 
ATOM   1589 N NH2 . ARG A 1 200 ? -8.684  12.581  9.413   1.00 56.02  ? 200 ARG A NH2 1 
ATOM   1590 N N   . LYS A 1 201 ? -8.215  7.152   4.761   1.00 37.57  ? 201 LYS A N   1 
ATOM   1591 C CA  . LYS A 1 201 ? -8.940  5.934   5.120   1.00 39.17  ? 201 LYS A CA  1 
ATOM   1592 C C   . LYS A 1 201 ? -8.820  4.742   4.199   1.00 37.23  ? 201 LYS A C   1 
ATOM   1593 O O   . LYS A 1 201 ? -8.290  4.829   3.093   1.00 42.61  ? 201 LYS A O   1 
ATOM   1594 C CB  . LYS A 1 201 ? -10.430 6.275   5.331   1.00 45.18  ? 201 LYS A CB  1 
ATOM   1595 C CG  . LYS A 1 201 ? -10.643 7.651   6.018   1.00 52.81  ? 201 LYS A CG  1 
ATOM   1596 C CD  . LYS A 1 201 ? -11.946 7.808   6.798   1.00 61.80  ? 201 LYS A CD  1 
ATOM   1597 C CE  . LYS A 1 201 ? -13.100 8.214   5.906   1.00 64.51  ? 201 LYS A CE  1 
ATOM   1598 N NZ  . LYS A 1 201 ? -14.348 8.394   6.699   1.00 70.21  ? 201 LYS A NZ  1 
ATOM   1599 N N   . SER A 1 202 ? -9.307  3.613   4.684   1.00 34.31  ? 202 SER A N   1 
ATOM   1600 C CA  . SER A 1 202 ? -9.274  2.393   3.930   1.00 30.41  ? 202 SER A CA  1 
ATOM   1601 C C   . SER A 1 202 ? -10.704 2.122   3.600   1.00 32.99  ? 202 SER A C   1 
ATOM   1602 O O   . SER A 1 202 ? -11.596 2.899   3.930   1.00 33.07  ? 202 SER A O   1 
ATOM   1603 C CB  . SER A 1 202 ? -8.753  1.238   4.779   1.00 32.70  ? 202 SER A CB  1 
ATOM   1604 O OG  . SER A 1 202 ? -9.783  0.648   5.591   1.00 33.34  ? 202 SER A OG  1 
ATOM   1605 N N   . THR A 1 203 ? -10.920 1.003   2.942   1.00 33.78  ? 203 THR A N   1 
ATOM   1606 C CA  . THR A 1 203 ? -12.251 0.591   2.600   1.00 39.73  ? 203 THR A CA  1 
ATOM   1607 C C   . THR A 1 203 ? -12.753 -0.237  3.805   1.00 40.69  ? 203 THR A C   1 
ATOM   1608 O O   . THR A 1 203 ? -11.942 -0.743  4.592   1.00 46.11  ? 203 THR A O   1 
ATOM   1609 C CB  . THR A 1 203 ? -12.200 -0.264  1.330   1.00 34.57  ? 203 THR A CB  1 
ATOM   1610 O OG1 . THR A 1 203 ? -13.516 -0.673  0.978   1.00 45.54  ? 203 THR A OG1 1 
ATOM   1611 C CG2 . THR A 1 203 ? -11.380 -1.485  1.552   1.00 38.44  ? 203 THR A CG2 1 
ATOM   1612 N N   . ASP A 1 204 ? -14.069 -0.356  3.967   1.00 40.55  ? 204 ASP A N   1 
ATOM   1613 C CA  . ASP A 1 204 ? -14.641 -1.126  5.060   1.00 38.60  ? 204 ASP A CA  1 
ATOM   1614 C C   . ASP A 1 204 ? -14.330 -2.576  4.900   1.00 39.58  ? 204 ASP A C   1 
ATOM   1615 O O   . ASP A 1 204 ? -14.291 -3.094  3.781   1.00 38.41  ? 204 ASP A O   1 
ATOM   1616 C CB  . ASP A 1 204 ? -16.154 -1.017  5.071   1.00 40.79  ? 204 ASP A CB  1 
ATOM   1617 C CG  . ASP A 1 204 ? -16.613 0.386   5.178   1.00 47.34  ? 204 ASP A CG  1 
ATOM   1618 O OD1 . ASP A 1 204 ? -16.055 1.156   5.985   1.00 58.47  ? 204 ASP A OD1 1 
ATOM   1619 O OD2 . ASP A 1 204 ? -17.542 0.736   4.442   1.00 61.07  ? 204 ASP A OD2 1 
ATOM   1620 N N   . SER A 1 205 ? -14.168 -3.258  6.020   1.00 36.38  ? 205 SER A N   1 
ATOM   1621 C CA  . SER A 1 205 ? -13.925 -4.681  5.969   1.00 38.35  ? 205 SER A CA  1 
ATOM   1622 C C   . SER A 1 205 ? -15.283 -5.308  5.611   1.00 38.61  ? 205 SER A C   1 
ATOM   1623 O O   . SER A 1 205 ? -16.315 -4.623  5.612   1.00 36.63  ? 205 SER A O   1 
ATOM   1624 C CB  . SER A 1 205 ? -13.546 -5.166  7.368   1.00 42.15  ? 205 SER A CB  1 
ATOM   1625 O OG  . SER A 1 205 ? -14.684 -5.124  8.220   1.00 41.21  ? 205 SER A OG  1 
ATOM   1626 N N   . PRO A 1 206 ? -15.298 -6.603  5.245   1.00 36.86  ? 206 PRO A N   1 
ATOM   1627 C CA  . PRO A 1 206 ? -16.579 -7.242  4.929   1.00 38.04  ? 206 PRO A CA  1 
ATOM   1628 C C   . PRO A 1 206 ? -17.332 -7.184  6.270   1.00 43.29  ? 206 PRO A C   1 
ATOM   1629 O O   . PRO A 1 206 ? -16.690 -7.089  7.341   1.00 43.88  ? 206 PRO A O   1 
ATOM   1630 C CB  . PRO A 1 206 ? -16.186 -8.700  4.671   1.00 32.79  ? 206 PRO A CB  1 
ATOM   1631 C CG  . PRO A 1 206 ? -14.794 -8.622  4.216   1.00 35.48  ? 206 PRO A CG  1 
ATOM   1632 C CD  . PRO A 1 206 ? -14.175 -7.532  5.050   1.00 35.68  ? 206 PRO A CD  1 
ATOM   1633 N N   . VAL A 1 207 ? -18.656 -7.285  6.249   1.00 45.77  ? 207 VAL A N   1 
ATOM   1634 C CA  . VAL A 1 207 ? -19.398 -7.238  7.506   1.00 44.36  ? 207 VAL A CA  1 
ATOM   1635 C C   . VAL A 1 207 ? -19.577 -8.642  8.112   1.00 48.41  ? 207 VAL A C   1 
ATOM   1636 O O   . VAL A 1 207 ? -19.671 -9.654  7.382   1.00 44.87  ? 207 VAL A O   1 
ATOM   1637 C CB  . VAL A 1 207 ? -20.745 -6.519  7.348   1.00 42.72  ? 207 VAL A CB  1 
ATOM   1638 C CG1 . VAL A 1 207 ? -20.641 -5.436  6.264   1.00 35.55  ? 207 VAL A CG1 1 
ATOM   1639 C CG2 . VAL A 1 207 ? -21.819 -7.501  7.035   1.00 41.91  ? 207 VAL A CG2 1 
ATOM   1640 N N   . GLU A 1 208 ? -19.544 -8.689  9.452   1.00 53.45  ? 208 GLU A N   1 
ATOM   1641 C CA  . GLU A 1 208 ? -19.695 -9.920  10.233  1.00 53.46  ? 208 GLU A CA  1 
ATOM   1642 C C   . GLU A 1 208 ? -20.893 -9.730  11.142  1.00 51.87  ? 208 GLU A C   1 
ATOM   1643 O O   . GLU A 1 208 ? -21.151 -8.606  11.582  1.00 48.99  ? 208 GLU A O   1 
ATOM   1644 C CB  . GLU A 1 208 ? -18.463 -10.128 11.095  1.00 57.98  ? 208 GLU A CB  1 
ATOM   1645 C CG  . GLU A 1 208 ? -18.024 -11.557 11.165  1.00 69.94  ? 208 GLU A CG  1 
ATOM   1646 C CD  . GLU A 1 208 ? -17.232 -11.958 9.952   1.00 77.09  ? 208 GLU A CD  1 
ATOM   1647 O OE1 . GLU A 1 208 ? -17.708 -11.740 8.818   1.00 84.69  ? 208 GLU A OE1 1 
ATOM   1648 O OE2 . GLU A 1 208 ? -16.113 -12.472 10.131  1.00 86.00  ? 208 GLU A OE2 1 
ATOM   1649 N N   . CYS A 1 209 ? -21.654 -10.791 11.384  1.00 51.56  ? 209 CYS A N   1 
ATOM   1650 C CA  . CYS A 1 209 ? -22.814 -10.673 12.262  1.00 55.95  ? 209 CYS A CA  1 
ATOM   1651 C C   . CYS A 1 209 ? -22.804 -11.679 13.386  1.00 62.38  ? 209 CYS A C   1 
ATOM   1652 O O   . CYS A 1 209 ? -22.202 -12.737 13.254  1.00 65.31  ? 209 CYS A O   1 
ATOM   1653 C CB  . CYS A 1 209 ? -24.097 -10.828 11.490  1.00 50.13  ? 209 CYS A CB  1 
ATOM   1654 S SG  . CYS A 1 209 ? -24.225 -9.624  10.161  1.00 45.85  ? 209 CYS A SG  1 
ATOM   1655 N N   . MET A 1 210 ? -23.527 -11.359 14.460  1.00 70.10  ? 210 MET A N   1 
ATOM   1656 C CA  . MET A 1 210 ? -23.650 -12.188 15.666  1.00 77.86  ? 210 MET A CA  1 
ATOM   1657 C C   . MET A 1 210 ? -23.967 -13.679 15.491  1.00 83.48  ? 210 MET A C   1 
ATOM   1658 O O   . MET A 1 210 ? -23.179 -14.545 15.909  1.00 83.89  ? 210 MET A O   1 
ATOM   1659 C CB  . MET A 1 210 ? -24.676 -11.555 16.606  1.00 79.13  ? 210 MET A CB  1 
ATOM   1660 C CG  . MET A 1 210 ? -24.207 -10.262 17.232  1.00 78.76  ? 210 MET A CG  1 
ATOM   1661 S SD  . MET A 1 210 ? -23.288 -10.542 18.730  1.00 84.95  ? 210 MET A SD  1 
ATOM   1662 C CE  . MET A 1 210 ? -21.692 -11.171 18.103  1.00 83.31  ? 210 MET A CE  1 
ATOM   1663 N N   . GLY A 1 211 ? -25.147 -13.977 14.953  1.00 88.09  ? 211 GLY A N   1 
ATOM   1664 C CA  . GLY A 1 211 ? -25.517 -15.364 14.741  1.00 96.84  ? 211 GLY A CA  1 
ATOM   1665 C C   . GLY A 1 211 ? -25.042 -15.852 13.379  1.00 102.79 ? 211 GLY A C   1 
ATOM   1666 O O   . GLY A 1 211 ? -25.861 -16.036 12.482  1.00 103.80 ? 211 GLY A O   1 
ATOM   1667 N N   . GLN A 1 212 ? -23.727 -16.014 13.200  1.00 108.42 ? 212 GLN A N   1 
ATOM   1668 C CA  . GLN A 1 212 ? -23.156 -16.478 11.922  1.00 111.76 ? 212 GLN A CA  1 
ATOM   1669 C C   . GLN A 1 212 ? -23.270 -17.989 11.885  1.00 114.48 ? 212 GLN A C   1 
ATOM   1670 O O   . GLN A 1 212 ? -22.294 -18.703 12.137  1.00 115.18 ? 212 GLN A O   1 
ATOM   1671 C CB  . GLN A 1 212 ? -21.676 -16.087 11.803  1.00 112.48 ? 212 GLN A CB  1 
ATOM   1672 C CG  . GLN A 1 212 ? -21.260 -15.620 10.418  1.00 110.21 ? 212 GLN A CG  1 
ATOM   1673 C CD  . GLN A 1 212 ? -21.756 -14.211 10.123  1.00 112.51 ? 212 GLN A CD  1 
ATOM   1674 O OE1 . GLN A 1 212 ? -21.020 -13.233 10.286  1.00 110.70 ? 212 GLN A OE1 1 
ATOM   1675 N NE2 . GLN A 1 212 ? -23.018 -14.097 9.716   1.00 112.48 ? 212 GLN A NE2 1 
ATOM   1676 N N   . GLU A 1 213 ? -24.443 -18.471 11.503  1.00 118.11 ? 213 GLU A N   1 
ATOM   1677 C CA  . GLU A 1 213 ? -24.696 -19.900 11.486  1.00 123.20 ? 213 GLU A CA  1 
ATOM   1678 C C   . GLU A 1 213 ? -25.666 -20.292 10.357  1.00 124.07 ? 213 GLU A C   1 
ATOM   1679 O O   . GLU A 1 213 ? -26.584 -19.490 10.056  1.00 123.17 ? 213 GLU A O   1 
ATOM   1680 C CB  . GLU A 1 213 ? -25.252 -20.288 12.868  1.00 126.69 ? 213 GLU A CB  1 
ATOM   1681 C CG  . GLU A 1 213 ? -25.529 -21.760 13.096  1.00 132.10 ? 213 GLU A CG  1 
ATOM   1682 C CD  . GLU A 1 213 ? -24.280 -22.619 13.130  1.00 133.98 ? 213 GLU A CD  1 
ATOM   1683 O OE1 . GLU A 1 213 ? -23.658 -22.834 12.061  1.00 134.68 ? 213 GLU A OE1 1 
ATOM   1684 O OE2 . GLU A 1 213 ? -23.938 -23.094 14.235  1.00 136.66 ? 213 GLU A OE2 1 
HETATM 1685 O O   . HOH B 2 .   ? 21.277  -10.558 -35.232 1.00 26.39  ? 220 HOH A O   1 
HETATM 1686 O O   . HOH B 2 .   ? 9.757   1.056   -27.942 1.00 59.82  ? 221 HOH A O   1 
HETATM 1687 O O   . HOH B 2 .   ? 12.255  -6.786  -13.990 1.00 53.78  ? 222 HOH A O   1 
HETATM 1688 O O   . HOH B 2 .   ? 12.588  6.252   -20.251 1.00 43.69  ? 223 HOH A O   1 
HETATM 1689 O O   . HOH B 2 .   ? 1.056   3.844   -16.387 1.00 50.32  ? 224 HOH A O   1 
HETATM 1690 O O   . HOH B 2 .   ? -1.087  3.700   -14.297 1.00 44.57  ? 225 HOH A O   1 
HETATM 1691 O O   . HOH B 2 .   ? 19.039  6.517   -2.426  1.00 41.68  ? 226 HOH A O   1 
HETATM 1692 O O   . HOH B 2 .   ? 18.449  11.907  2.172   1.00 56.71  ? 227 HOH A O   1 
HETATM 1693 O O   . HOH B 2 .   ? -11.478 2.146   22.681  1.00 51.45  ? 228 HOH A O   1 
HETATM 1694 O O   . HOH B 2 .   ? 8.540   3.747   -31.453 1.00 65.91  ? 229 HOH A O   1 
HETATM 1695 O O   . HOH B 2 .   ? 9.797   9.073   -30.253 1.00 79.78  ? 230 HOH A O   1 
HETATM 1696 O O   . HOH B 2 .   ? 9.138   -7.714  -2.444  1.00 44.59  ? 231 HOH A O   1 
HETATM 1697 O O   . HOH B 2 .   ? -2.049  -1.884  -4.819  1.00 69.02  ? 232 HOH A O   1 
HETATM 1698 O O   . HOH B 2 .   ? 11.519  -7.460  3.297   1.00 50.44  ? 233 HOH A O   1 
HETATM 1699 O O   . HOH B 2 .   ? 11.403  1.426   7.790   1.00 37.70  ? 234 HOH A O   1 
HETATM 1700 O O   . HOH B 2 .   ? 3.473   10.248  -5.403  1.00 52.72  ? 235 HOH A O   1 
HETATM 1701 O O   . HOH B 2 .   ? 5.646   14.417  -7.253  1.00 59.93  ? 236 HOH A O   1 
HETATM 1702 O O   . HOH B 2 .   ? 8.692   6.512   -31.376 1.00 52.25  ? 237 HOH A O   1 
HETATM 1703 O O   . HOH B 2 .   ? 2.754   -0.149  -16.193 1.00 70.10  ? 238 HOH A O   1 
HETATM 1704 O O   . HOH B 2 .   ? -2.650  -1.512  -12.104 1.00 67.57  ? 239 HOH A O   1 
HETATM 1705 O O   . HOH B 2 .   ? 10.471  12.462  3.712   1.00 56.12  ? 240 HOH A O   1 
HETATM 1706 O O   . HOH B 2 .   ? -5.190  -3.285  5.977   1.00 39.89  ? 241 HOH A O   1 
HETATM 1707 O O   . HOH B 2 .   ? -9.134  -1.499  -0.813  1.00 62.28  ? 242 HOH A O   1 
HETATM 1708 O O   . HOH B 2 .   ? -7.088  -6.079  9.159   1.00 25.32  ? 243 HOH A O   1 
HETATM 1709 O O   . HOH B 2 .   ? -3.741  -3.903  12.228  1.00 52.87  ? 244 HOH A O   1 
HETATM 1710 O O   . HOH B 2 .   ? -5.989  -3.723  8.707   1.00 31.05  ? 245 HOH A O   1 
HETATM 1711 O O   . HOH B 2 .   ? 14.969  -4.080  5.164   1.00 63.00  ? 246 HOH A O   1 
HETATM 1712 O O   . HOH B 2 .   ? -3.098  9.812   12.945  1.00 48.95  ? 247 HOH A O   1 
HETATM 1713 O O   . HOH B 2 .   ? -1.573  2.988   -5.241  1.00 48.98  ? 248 HOH A O   1 
HETATM 1714 O O   . HOH B 2 .   ? -0.475  -5.230  -3.741  1.00 65.08  ? 249 HOH A O   1 
HETATM 1715 O O   . HOH B 2 .   ? -6.009  -0.767  -1.548  1.00 69.57  ? 250 HOH A O   1 
HETATM 1716 O O   . HOH B 2 .   ? -1.524  -2.268  -8.581  1.00 81.06  ? 251 HOH A O   1 
HETATM 1717 O O   . HOH B 2 .   ? 0.675   -3.143  -10.000 1.00 88.14  ? 252 HOH A O   1 
HETATM 1718 O O   . HOH B 2 .   ? -8.982  1.527   22.772  1.00 43.79  ? 253 HOH A O   1 
HETATM 1719 O O   . HOH B 2 .   ? -31.892 1.960   25.115  1.00 84.74  ? 254 HOH A O   1 
HETATM 1720 O O   . HOH B 2 .   ? 21.072  9.285   0.427   1.00 67.24  ? 255 HOH A O   1 
HETATM 1721 O O   . HOH B 2 .   ? -7.299  -3.251  -0.399  1.00 48.64  ? 256 HOH A O   1 
HETATM 1722 O O   . HOH B 2 .   ? -4.891  -8.367  15.482  1.00 49.20  ? 257 HOH A O   1 
HETATM 1723 O O   . HOH B 2 .   ? 25.015  -3.386  -15.382 1.00 54.63  ? 258 HOH A O   1 
HETATM 1724 O O   . HOH B 2 .   ? 4.188   -5.226  2.837   1.00 39.36  ? 259 HOH A O   1 
HETATM 1725 O O   . HOH B 2 .   ? 2.215   8.296   -8.707  1.00 64.74  ? 260 HOH A O   1 
HETATM 1726 O O   . HOH B 2 .   ? 12.331  10.297  -28.654 1.00 54.87  ? 261 HOH A O   1 
HETATM 1727 O O   . HOH B 2 .   ? 5.100   -5.917  -17.361 1.00 59.10  ? 262 HOH A O   1 
HETATM 1728 O O   . HOH B 2 .   ? 11.100  -9.634  -19.277 1.00 60.51  ? 263 HOH A O   1 
HETATM 1729 O O   . HOH B 2 .   ? 27.022  -8.724  -14.586 1.00 82.20  ? 264 HOH A O   1 
HETATM 1730 O O   . HOH B 2 .   ? 9.932   -5.860  -13.504 1.00 48.51  ? 265 HOH A O   1 
HETATM 1731 O O   . HOH B 2 .   ? 4.699   -11.421 0.119   1.00 57.26  ? 266 HOH A O   1 
HETATM 1732 O O   . HOH B 2 .   ? 11.067  -5.539  -4.258  1.00 46.12  ? 267 HOH A O   1 
HETATM 1733 O O   . HOH B 2 .   ? 10.976  5.235   9.721   1.00 66.61  ? 268 HOH A O   1 
HETATM 1734 O O   . HOH B 2 .   ? 5.441   5.284   13.559  1.00 66.18  ? 269 HOH A O   1 
HETATM 1735 O O   . HOH B 2 .   ? 12.461  -2.982  6.649   1.00 40.73  ? 270 HOH A O   1 
HETATM 1736 O O   . HOH B 2 .   ? 16.550  -5.569  7.364   1.00 65.53  ? 271 HOH A O   1 
HETATM 1737 O O   . HOH B 2 .   ? 17.472  11.783  -12.633 1.00 37.37  ? 272 HOH A O   1 
HETATM 1738 O O   . HOH B 2 .   ? 16.862  -1.954  -33.345 1.00 54.55  ? 273 HOH A O   1 
HETATM 1739 O O   . HOH B 2 .   ? -3.300  0.903   -5.614  1.00 68.15  ? 274 HOH A O   1 
HETATM 1740 O O   . HOH B 2 .   ? -1.514  11.484  3.592   1.00 55.80  ? 275 HOH A O   1 
HETATM 1741 O O   . HOH B 2 .   ? -9.039  10.478  2.500   1.00 40.16  ? 276 HOH A O   1 
HETATM 1742 O O   . HOH B 2 .   ? 2.990   13.652  -6.586  1.00 49.75  ? 277 HOH A O   1 
HETATM 1743 O O   . HOH B 2 .   ? -12.819 -10.950 20.029  1.00 50.45  ? 278 HOH A O   1 
HETATM 1744 O O   . HOH B 2 .   ? -14.498 -8.888  7.906   1.00 33.29  ? 279 HOH A O   1 
HETATM 1745 O O   . HOH B 2 .   ? -18.277 -4.054  3.794   1.00 47.04  ? 280 HOH A O   1 
HETATM 1746 O O   . HOH B 2 .   ? 11.275  2.146   -29.887 1.00 87.03  ? 281 HOH A O   1 
HETATM 1747 O O   . HOH B 2 .   ? 7.604   3.137   11.415  1.00 54.24  ? 282 HOH A O   1 
HETATM 1748 O O   . HOH B 2 .   ? 9.446   1.075   10.405  1.00 61.71  ? 283 HOH A O   1 
HETATM 1749 O O   . HOH B 2 .   ? -10.950 11.467  4.286   1.00 45.47  ? 284 HOH A O   1 
HETATM 1750 O O   . HOH B 2 .   ? -4.663  -2.634  -3.702  1.00 48.73  ? 285 HOH A O   1 
HETATM 1751 O O   . HOH B 2 .   ? -4.682  15.835  9.093   1.00 82.79  ? 286 HOH A O   1 
HETATM 1752 O O   . HOH B 2 .   ? -14.205 6.707   9.829   1.00 69.56  ? 287 HOH A O   1 
HETATM 1753 O O   . HOH B 2 .   ? -11.103 -7.889  4.318   1.00 88.06  ? 288 HOH A O   1 
HETATM 1754 O O   . HOH B 2 .   ? -9.255  -7.799  2.162   1.00 73.92  ? 289 HOH A O   1 
HETATM 1755 O O   . HOH B 2 .   ? 0.673   -2.694  -4.431  1.00 50.22  ? 290 HOH A O   1 
HETATM 1756 O O   . HOH B 2 .   ? 2.408   -6.835  1.640   1.00 55.88  ? 291 HOH A O   1 
HETATM 1757 O O   . HOH B 2 .   ? 0.004   -5.586  0.189   1.00 42.55  ? 292 HOH A O   1 
HETATM 1758 O O   . HOH B 2 .   ? -8.890  -0.023  1.389   1.00 60.28  ? 293 HOH A O   1 
HETATM 1759 O O   . HOH B 2 .   ? -7.212  -7.792  4.760   1.00 75.35  ? 294 HOH A O   1 
HETATM 1760 O O   . HOH B 2 .   ? -5.405  -5.351  4.183   1.00 52.77  ? 295 HOH A O   1 
HETATM 1761 O O   . HOH B 2 .   ? -14.054 4.757   3.449   1.00 112.79 ? 296 HOH A O   1 
HETATM 1762 O O   . HOH B 2 .   ? 20.236  13.661  -0.107  1.00 35.15  ? 297 HOH A O   1 
HETATM 1763 O O   . HOH B 2 .   ? -4.792  -4.079  23.670  1.00 80.92  ? 298 HOH A O   1 
HETATM 1764 O O   . HOH B 2 .   ? 17.169  -5.768  10.788  1.00 60.76  ? 299 HOH A O   1 
HETATM 1765 O O   . HOH B 2 .   ? 11.535  -8.179  -5.986  1.00 78.03  ? 300 HOH A O   1 
HETATM 1766 O O   . HOH B 2 .   ? 16.486  -7.099  -33.973 1.00 45.82  ? 301 HOH A O   1 
HETATM 1767 O O   . HOH B 2 .   ? 4.434   -8.479  13.607  1.00 63.16  ? 302 HOH A O   1 
HETATM 1768 O O   . HOH B 2 .   ? 13.330  -8.973  -17.957 1.00 71.68  ? 303 HOH A O   1 
HETATM 1769 O O   . HOH B 2 .   ? 11.993  -5.179  -26.917 1.00 54.40  ? 304 HOH A O   1 
HETATM 1770 O O   . HOH B 2 .   ? 5.645   -5.430  -21.387 1.00 65.65  ? 305 HOH A O   1 
HETATM 1771 O O   . HOH B 2 .   ? 15.134  -2.721  7.534   1.00 77.99  ? 306 HOH A O   1 
HETATM 1772 O O   . HOH B 2 .   ? 13.225  14.097  2.818   1.00 52.98  ? 307 HOH A O   1 
HETATM 1773 O O   . HOH B 2 .   ? 3.451   7.199   15.731  1.00 71.99  ? 308 HOH A O   1 
HETATM 1774 O O   . HOH B 2 .   ? -6.023  -7.873  19.550  1.00 97.24  ? 309 HOH A O   1 
HETATM 1775 O O   . HOH B 2 .   ? -5.077  1.623   -23.071 1.00 66.55  ? 310 HOH A O   1 
HETATM 1776 O O   . HOH B 2 .   ? 3.544   4.366   19.077  1.00 50.30  ? 311 HOH A O   1 
HETATM 1777 O O   . HOH B 2 .   ? 8.926   -6.062  -26.231 1.00 81.64  ? 312 HOH A O   1 
HETATM 1778 O O   . HOH B 2 .   ? -28.191 -5.108  28.210  1.00 65.42  ? 313 HOH A O   1 
HETATM 1779 O O   . HOH B 2 .   ? -36.363 -2.950  9.331   1.00 56.06  ? 314 HOH A O   1 
HETATM 1780 O O   . HOH B 2 .   ? -25.867 -3.182  27.256  1.00 75.48  ? 315 HOH A O   1 
HETATM 1781 O O   . HOH B 2 .   ? 0.122   5.682   -3.796  1.00 67.05  ? 316 HOH A O   1 
HETATM 1782 O O   . HOH B 2 .   ? 0.469   8.415   7.490   1.00 51.36  ? 317 HOH A O   1 
HETATM 1783 O O   . HOH B 2 .   ? -18.041 -14.745 11.841  1.00 53.24  ? 318 HOH A O   1 
HETATM 1784 O O   . HOH B 2 .   ? 2.680   -18.279 2.267   1.00 74.61  ? 319 HOH A O   1 
HETATM 1785 O O   . HOH B 2 .   ? 16.550  -2.527  16.270  1.00 71.42  ? 320 HOH A O   1 
HETATM 1786 O O   . HOH B 2 .   ? 7.916   1.125   13.998  1.00 57.81  ? 321 HOH A O   1 
HETATM 1787 O O   . HOH B 2 .   ? -2.606  -7.072  17.464  1.00 67.28  ? 322 HOH A O   1 
HETATM 1788 O O   . HOH B 2 .   ? -15.933 0.179   26.464  1.00 61.27  ? 323 HOH A O   1 
HETATM 1789 O O   . HOH B 2 .   ? 1.167   10.521  9.887   1.00 76.73  ? 324 HOH A O   1 
HETATM 1790 O O   . HOH B 2 .   ? -2.923  -5.567  1.629   1.00 72.13  ? 325 HOH A O   1 
HETATM 1791 O O   . HOH B 2 .   ? 2.469   16.690  13.147  1.00 51.86  ? 326 HOH A O   1 
HETATM 1792 O O   . HOH B 2 .   ? -16.275 -0.346  1.378   1.00 67.53  ? 327 HOH A O   1 
HETATM 1793 O O   . HOH B 2 .   ? -16.371 2.938   3.082   1.00 68.73  ? 328 HOH A O   1 
HETATM 1794 O O   . HOH B 2 .   ? -21.365 -16.508 16.920  1.00 61.84  ? 329 HOH A O   1 
# 
